data_1HHT
#
_entry.id   1HHT
#
_cell.length_a   105.089
_cell.length_b   92.239
_cell.length_c   140.640
_cell.angle_alpha   90.00
_cell.angle_beta   101.04
_cell.angle_gamma   90.00
#
_symmetry.space_group_name_H-M   'P 1 21 1'
#
loop_
_entity.id
_entity.type
_entity.pdbx_description
1 polymer "DNA (5'-(*TP*TP*TP*CP*C)-3')"
2 polymer 'P2 PROTEIN'
3 non-polymer 'MANGANESE (II) ION'
#
loop_
_entity_poly.entity_id
_entity_poly.type
_entity_poly.pdbx_seq_one_letter_code
_entity_poly.pdbx_strand_id
1 'polydeoxyribonucleotide' (DT)(DT)(DT)(DC)(DC) D,E,F
2 'polypeptide(L)'
;PRRAPAFPLSDIKAQMLFANNIKAQQASKRSFKEGAIETYEGLLSVDPRFLSFKNELSRYLTDHFPANVDEYGRVYGNGV
RTNFFGMRHMNGFPMIPATWPLASNLKKRADADLADGPVSERDNLLFRAAVRLMFSDLEPVPLKIRKGSSTCIPYFSNDM
GTKIEIAERALEKAEEAGNLMLQGKFDDAYQLHQMGGAYYVVYRAQSTDAITLDPKTGKFVSKDRMVADFEYAVTGGEQG
SLFAASKDASRLKEQYGIDVPDGFFCERRRTAMGGPFALNAPIMAVAQPVRNKIYSKYAYTFHHTTRLNKEEKVKEWSLC
VATDVSDHDTFWPGWLRDLICDELLNMGYAPWWVKLFETSLKLPVYVGAPAPEQGHTLLGDPSNPDLEVGLSSGQGATDL
MGTLLMSITYLVMQLDHTAPHLNSRIKDMPSACRFLDSYWQGHEEIRQISKSDDAMLGWTKGRALVGGHRLFEMLKEGKV
NPSPYMKISYEHGGAFLGDILLYDSRREPGSAIFVGNINSMLNNQFSPEYGVQSGVRDRSKRKRPFPGLAWASMKDTYGA
CPIYSDVLEAIERCWWNAFGESYRAYREDMLKRDTLELSRYVASMARQAGLAELTPIDLEVLADPNKLQYKWTEADVSAN
IHEVLMHGVSVEKTERFLRSVMPR
;
P,Q,R
#
loop_
_chem_comp.id
_chem_comp.type
_chem_comp.name
_chem_comp.formula
DC DNA linking 2'-DEOXYCYTIDINE-5'-MONOPHOSPHATE 'C9 H14 N3 O7 P'
DT DNA linking THYMIDINE-5'-MONOPHOSPHATE 'C10 H15 N2 O8 P'
MN non-polymer 'MANGANESE (II) ION' 'Mn 2'
#
# COMPACT_ATOMS: atom_id res chain seq x y z
N PRO D 1 24.70 20.41 -4.74
CA PRO D 1 25.20 19.27 -3.90
C PRO D 1 25.33 17.96 -4.69
N ARG D 2 25.84 18.09 -5.93
CA ARG D 2 26.06 17.00 -6.91
C ARG D 2 24.75 16.66 -7.60
N ARG D 3 24.50 17.25 -8.78
CA ARG D 3 23.29 16.88 -9.49
C ARG D 3 23.68 15.61 -10.21
N ALA D 4 22.79 14.62 -10.21
CA ALA D 4 23.09 13.35 -10.84
C ALA D 4 23.29 13.55 -12.34
N PRO D 5 24.28 12.84 -12.92
CA PRO D 5 24.55 12.95 -14.36
C PRO D 5 23.40 12.26 -15.09
N ALA D 6 22.94 12.82 -16.19
CA ALA D 6 21.82 12.21 -16.91
C ALA D 6 22.10 12.14 -18.40
N PHE D 7 21.78 10.99 -18.99
CA PHE D 7 21.99 10.78 -20.42
C PHE D 7 20.73 10.41 -21.19
N PRO D 8 20.62 10.94 -22.41
CA PRO D 8 19.45 10.67 -23.27
C PRO D 8 19.65 9.29 -23.87
N LEU D 9 18.54 8.67 -24.28
CA LEU D 9 18.60 7.32 -24.85
C LEU D 9 19.64 7.16 -25.95
N SER D 10 19.89 8.25 -26.68
CA SER D 10 20.84 8.23 -27.77
C SER D 10 22.29 8.24 -27.33
N ASP D 11 22.55 8.60 -26.08
CA ASP D 11 23.93 8.62 -25.63
C ASP D 11 24.42 7.19 -25.52
N ILE D 12 25.66 6.95 -25.89
CA ILE D 12 26.19 5.61 -25.84
C ILE D 12 26.03 4.91 -24.48
N LYS D 13 25.96 5.68 -23.39
CA LYS D 13 25.84 5.06 -22.08
C LYS D 13 24.48 4.42 -21.92
N ALA D 14 23.47 5.01 -22.55
CA ALA D 14 22.11 4.47 -22.51
C ALA D 14 22.04 3.28 -23.49
N GLN D 15 22.51 3.54 -24.70
CA GLN D 15 22.51 2.54 -25.73
C GLN D 15 23.05 1.21 -25.26
N MET D 16 24.15 1.24 -24.53
CA MET D 16 24.74 0.00 -24.08
C MET D 16 23.94 -0.72 -23.01
N LEU D 17 22.75 -0.21 -22.69
CA LEU D 17 21.91 -0.84 -21.68
C LEU D 17 20.95 -1.81 -22.34
N PHE D 18 20.84 -1.70 -23.65
CA PHE D 18 19.94 -2.55 -24.40
C PHE D 18 20.64 -3.32 -25.50
N ALA D 19 20.52 -4.65 -25.43
CA ALA D 19 21.16 -5.51 -26.40
C ALA D 19 20.58 -5.40 -27.82
N ASN D 20 21.35 -5.89 -28.79
CA ASN D 20 20.96 -5.85 -30.19
C ASN D 20 19.88 -6.87 -30.58
N ASN D 21 18.70 -6.71 -30.00
CA ASN D 21 17.56 -7.57 -30.29
C ASN D 21 16.28 -6.74 -30.22
N ILE D 22 15.20 -7.23 -30.78
CA ILE D 22 13.99 -6.42 -30.76
C ILE D 22 13.47 -6.11 -29.38
N LYS D 23 13.25 -7.15 -28.58
CA LYS D 23 12.75 -6.98 -27.22
C LYS D 23 13.37 -5.77 -26.55
N ALA D 24 14.71 -5.83 -26.39
CA ALA D 24 15.51 -4.78 -25.76
C ALA D 24 15.30 -3.41 -26.40
N GLN D 25 15.59 -3.31 -27.70
CA GLN D 25 15.39 -2.04 -28.38
C GLN D 25 14.01 -1.49 -28.06
N GLN D 26 12.97 -2.32 -28.20
CA GLN D 26 11.60 -1.89 -27.93
C GLN D 26 11.41 -1.35 -26.53
N ALA D 27 12.09 -1.93 -25.54
CA ALA D 27 11.95 -1.45 -24.16
C ALA D 27 12.63 -0.09 -24.03
N SER D 28 13.74 0.09 -24.74
CA SER D 28 14.45 1.34 -24.65
C SER D 28 13.60 2.47 -25.18
N LYS D 29 12.85 2.21 -26.24
CA LYS D 29 12.00 3.23 -26.89
C LYS D 29 10.54 3.28 -26.45
N ARG D 30 10.03 2.22 -25.83
CA ARG D 30 8.61 2.14 -25.41
C ARG D 30 8.14 3.53 -25.05
N SER D 31 7.07 4.00 -25.68
CA SER D 31 6.55 5.32 -25.38
C SER D 31 5.41 5.18 -24.39
N PHE D 32 4.97 6.31 -23.83
CA PHE D 32 3.88 6.29 -22.87
C PHE D 32 2.69 5.51 -23.43
N LYS D 33 2.06 4.69 -22.62
CA LYS D 33 0.92 3.91 -23.09
C LYS D 33 -0.12 3.75 -22.01
N GLU D 34 -1.40 3.75 -22.39
CA GLU D 34 -2.48 3.57 -21.42
C GLU D 34 -3.63 2.90 -22.15
N GLY D 35 -4.67 2.51 -21.39
CA GLY D 35 -5.83 1.85 -21.98
C GLY D 35 -6.49 0.92 -20.99
N ALA D 36 -7.82 0.83 -21.07
CA ALA D 36 -8.61 -0.02 -20.16
C ALA D 36 -8.11 -1.44 -20.09
N ILE D 37 -8.06 -2.02 -18.89
CA ILE D 37 -7.60 -3.39 -18.72
C ILE D 37 -8.79 -4.34 -18.88
N GLU D 38 -8.50 -5.59 -19.24
CA GLU D 38 -9.54 -6.57 -19.37
C GLU D 38 -9.64 -7.10 -17.95
N THR D 39 -10.47 -6.45 -17.13
CA THR D 39 -10.64 -6.84 -15.74
C THR D 39 -10.81 -8.35 -15.61
N TYR D 40 -11.72 -8.90 -16.40
CA TYR D 40 -11.99 -10.34 -16.44
C TYR D 40 -12.20 -10.66 -17.91
N GLU D 41 -12.03 -11.91 -18.30
CA GLU D 41 -12.24 -12.29 -19.71
C GLU D 41 -13.51 -11.63 -20.26
N GLY D 42 -13.33 -10.78 -21.26
CA GLY D 42 -14.47 -10.15 -21.87
C GLY D 42 -15.07 -8.99 -21.10
N LEU D 43 -14.37 -8.46 -20.10
CA LEU D 43 -14.94 -7.33 -19.39
C LEU D 43 -13.93 -6.23 -19.32
N LEU D 44 -14.29 -5.08 -19.86
CA LEU D 44 -13.38 -3.97 -19.82
C LEU D 44 -13.56 -3.12 -18.57
N SER D 45 -12.45 -2.78 -17.91
CA SER D 45 -12.49 -2.01 -16.67
C SER D 45 -13.32 -0.73 -16.77
N VAL D 46 -13.43 -0.18 -17.97
CA VAL D 46 -14.22 1.02 -18.15
C VAL D 46 -15.60 0.75 -18.78
N ASP D 47 -15.98 -0.51 -18.91
CA ASP D 47 -17.27 -0.86 -19.46
C ASP D 47 -18.35 -0.13 -18.64
N PRO D 48 -19.30 0.56 -19.30
CA PRO D 48 -20.36 1.29 -18.59
C PRO D 48 -21.11 0.50 -17.53
N ARG D 49 -21.45 -0.74 -17.82
CA ARG D 49 -22.18 -1.54 -16.85
C ARG D 49 -21.35 -1.60 -15.60
N PHE D 50 -20.12 -2.05 -15.76
CA PHE D 50 -19.20 -2.17 -14.65
C PHE D 50 -19.02 -0.89 -13.85
N LEU D 51 -18.76 0.23 -14.53
CA LEU D 51 -18.56 1.51 -13.85
C LEU D 51 -19.79 1.85 -13.04
N SER D 52 -20.96 1.55 -13.59
CA SER D 52 -22.19 1.82 -12.85
C SER D 52 -22.20 0.93 -11.60
N PHE D 53 -21.94 -0.37 -11.82
CA PHE D 53 -21.92 -1.33 -10.72
C PHE D 53 -20.99 -0.79 -9.64
N LYS D 54 -19.80 -0.37 -10.05
CA LYS D 54 -18.83 0.16 -9.10
C LYS D 54 -19.39 1.39 -8.39
N ASN D 55 -19.99 2.31 -9.14
CA ASN D 55 -20.54 3.51 -8.52
C ASN D 55 -21.60 3.20 -7.48
N GLU D 56 -22.47 2.24 -7.77
CA GLU D 56 -23.51 1.90 -6.82
C GLU D 56 -23.01 1.08 -5.64
N LEU D 57 -22.14 0.10 -5.87
CA LEU D 57 -21.61 -0.69 -4.77
C LEU D 57 -20.82 0.18 -3.80
N SER D 58 -19.88 0.95 -4.34
CA SER D 58 -19.05 1.82 -3.51
C SER D 58 -19.90 2.79 -2.70
N ARG D 59 -20.82 3.52 -3.35
CA ARG D 59 -21.69 4.47 -2.62
C ARG D 59 -22.44 3.82 -1.48
N TYR D 60 -23.06 2.68 -1.77
CA TYR D 60 -23.85 1.94 -0.81
C TYR D 60 -23.06 1.45 0.38
N LEU D 61 -22.04 0.61 0.15
CA LEU D 61 -21.23 0.09 1.25
C LEU D 61 -20.75 1.22 2.17
N THR D 62 -20.16 2.25 1.60
CA THR D 62 -19.68 3.40 2.36
C THR D 62 -20.81 3.88 3.25
N ASP D 63 -21.98 4.09 2.65
CA ASP D 63 -23.10 4.57 3.43
C ASP D 63 -23.47 3.62 4.57
N HIS D 64 -23.79 2.38 4.23
CA HIS D 64 -24.20 1.42 5.23
C HIS D 64 -23.13 0.84 6.14
N PHE D 65 -21.86 1.04 5.82
CA PHE D 65 -20.83 0.48 6.68
C PHE D 65 -19.68 1.42 6.91
N PRO D 66 -19.95 2.51 7.61
CA PRO D 66 -18.94 3.53 7.92
C PRO D 66 -17.83 2.93 8.79
N ALA D 67 -16.64 3.52 8.72
CA ALA D 67 -15.49 3.02 9.49
C ALA D 67 -15.70 2.90 10.99
N ASN D 68 -15.03 1.90 11.57
CA ASN D 68 -15.09 1.63 13.00
C ASN D 68 -13.66 1.63 13.50
N VAL D 69 -13.09 2.83 13.61
CA VAL D 69 -11.73 3.01 14.08
C VAL D 69 -11.71 4.04 15.20
N ASP D 70 -11.14 3.69 16.35
CA ASP D 70 -11.10 4.60 17.47
C ASP D 70 -9.95 5.61 17.45
N GLU D 71 -10.00 6.56 18.37
CA GLU D 71 -8.99 7.62 18.49
C GLU D 71 -7.57 7.07 18.43
N TYR D 72 -7.42 5.76 18.67
CA TYR D 72 -6.11 5.12 18.67
C TYR D 72 -5.86 4.19 17.46
N GLY D 73 -6.55 4.46 16.35
CA GLY D 73 -6.36 3.62 15.18
C GLY D 73 -6.83 2.18 15.34
N ARG D 74 -7.33 1.81 16.50
CA ARG D 74 -7.80 0.44 16.69
C ARG D 74 -9.11 0.26 15.95
N VAL D 75 -9.24 -0.83 15.21
CA VAL D 75 -10.50 -1.02 14.52
C VAL D 75 -11.29 -2.06 15.28
N TYR D 76 -12.58 -1.75 15.45
CA TYR D 76 -13.53 -2.62 16.15
C TYR D 76 -14.77 -2.73 15.25
N GLY D 77 -15.90 -3.06 15.86
CA GLY D 77 -17.16 -3.16 15.16
C GLY D 77 -17.18 -3.97 13.89
N ASN D 78 -17.58 -3.33 12.80
CA ASN D 78 -17.70 -3.96 11.47
C ASN D 78 -16.42 -4.42 10.73
N GLY D 79 -15.25 -4.02 11.24
CA GLY D 79 -14.01 -4.40 10.59
C GLY D 79 -13.67 -3.44 9.46
N VAL D 80 -14.55 -2.48 9.21
CA VAL D 80 -14.35 -1.53 8.14
C VAL D 80 -13.48 -0.37 8.63
N ARG D 81 -12.32 -0.17 8.00
CA ARG D 81 -11.44 0.91 8.42
C ARG D 81 -11.44 2.15 7.56
N THR D 82 -12.25 2.16 6.50
CA THR D 82 -12.39 3.33 5.64
C THR D 82 -13.52 3.19 4.63
N ASN D 83 -13.79 4.26 3.87
CA ASN D 83 -14.87 4.16 2.91
C ASN D 83 -14.52 3.16 1.80
N PHE D 84 -15.40 3.02 0.81
CA PHE D 84 -15.19 2.07 -0.28
C PHE D 84 -14.99 2.73 -1.64
N PHE D 85 -14.77 4.05 -1.63
CA PHE D 85 -14.59 4.81 -2.87
C PHE D 85 -13.28 4.53 -3.61
N GLY D 86 -12.45 3.67 -3.05
CA GLY D 86 -11.21 3.37 -3.70
C GLY D 86 -11.38 2.62 -4.99
N MET D 87 -12.52 1.97 -5.17
CA MET D 87 -12.74 1.21 -6.39
C MET D 87 -13.08 2.10 -7.58
N ARG D 88 -13.43 3.36 -7.29
CA ARG D 88 -13.79 4.34 -8.32
C ARG D 88 -12.68 4.79 -9.26
N HIS D 89 -11.85 3.88 -9.73
CA HIS D 89 -10.77 4.25 -10.65
C HIS D 89 -10.95 3.62 -12.03
N MET D 90 -10.59 4.36 -13.07
CA MET D 90 -10.67 3.85 -14.44
C MET D 90 -9.38 3.04 -14.62
N ASN D 91 -9.34 1.81 -14.08
CA ASN D 91 -8.14 0.94 -14.14
C ASN D 91 -7.52 0.83 -15.52
N GLY D 92 -6.24 1.17 -15.63
CA GLY D 92 -5.60 1.09 -16.92
C GLY D 92 -5.12 2.44 -17.41
N PHE D 93 -5.65 3.52 -16.84
CA PHE D 93 -5.23 4.87 -17.20
C PHE D 93 -4.55 5.49 -16.00
N PRO D 94 -3.25 5.80 -16.12
CA PRO D 94 -2.50 6.41 -15.02
C PRO D 94 -2.74 7.89 -14.80
N MET D 95 -2.30 8.37 -13.64
CA MET D 95 -2.36 9.78 -13.29
C MET D 95 -1.19 10.33 -14.15
N ILE D 96 -1.24 11.60 -14.50
CA ILE D 96 -0.16 12.13 -15.31
C ILE D 96 0.42 13.33 -14.59
N PRO D 97 1.74 13.39 -14.47
CA PRO D 97 2.64 12.37 -14.98
C PRO D 97 2.98 11.45 -13.81
N ALA D 98 3.83 10.48 -14.04
CA ALA D 98 4.26 9.61 -12.97
C ALA D 98 5.46 10.35 -12.42
N THR D 99 6.06 9.83 -11.38
CA THR D 99 7.17 10.54 -10.80
C THR D 99 8.46 10.11 -11.43
N TRP D 100 9.42 11.03 -11.43
CA TRP D 100 10.75 10.69 -11.89
C TRP D 100 11.34 10.15 -10.61
N PRO D 101 12.08 9.07 -10.66
CA PRO D 101 12.63 8.60 -9.40
C PRO D 101 13.78 9.50 -8.96
N LEU D 102 13.82 9.79 -7.67
CA LEU D 102 14.81 10.66 -7.06
C LEU D 102 16.19 9.99 -7.06
N ALA D 103 17.19 10.68 -7.59
CA ALA D 103 18.54 10.14 -7.70
C ALA D 103 19.30 9.99 -6.40
N SER D 104 19.01 10.87 -5.43
CA SER D 104 19.67 10.83 -4.13
C SER D 104 18.68 11.23 -3.06
N ASN D 105 18.59 10.43 -2.01
CA ASN D 105 17.63 10.72 -0.95
C ASN D 105 18.28 11.31 0.28
N LEU D 106 19.55 11.67 0.16
CA LEU D 106 20.27 12.26 1.27
C LEU D 106 19.59 13.51 1.81
N LYS D 107 19.27 14.44 0.91
CA LYS D 107 18.63 15.68 1.34
C LYS D 107 17.23 15.40 1.81
N LYS D 108 16.53 14.52 1.11
CA LYS D 108 15.16 14.19 1.49
C LYS D 108 15.13 13.72 2.94
N ARG D 109 16.07 12.82 3.28
CA ARG D 109 16.18 12.23 4.61
C ARG D 109 16.55 13.25 5.67
N ALA D 110 17.49 14.11 5.32
CA ALA D 110 17.95 15.13 6.25
C ALA D 110 16.82 16.12 6.55
N ASP D 111 16.14 16.59 5.52
CA ASP D 111 15.08 17.55 5.74
C ASP D 111 13.95 16.93 6.55
N ALA D 112 13.92 15.60 6.63
CA ALA D 112 12.89 14.93 7.38
C ALA D 112 13.43 14.64 8.78
N ASP D 113 14.65 15.13 9.01
CA ASP D 113 15.32 14.94 10.28
C ASP D 113 15.54 13.51 10.70
N LEU D 114 16.11 12.72 9.80
CA LEU D 114 16.39 11.32 10.05
C LEU D 114 17.91 11.23 9.97
N ALA D 115 18.49 10.39 10.82
CA ALA D 115 19.94 10.24 10.94
C ALA D 115 20.70 9.73 9.74
N ASP D 116 21.96 10.11 9.63
CA ASP D 116 22.75 9.64 8.50
C ASP D 116 23.72 8.53 8.90
N GLY D 117 23.42 7.88 10.03
CA GLY D 117 24.25 6.78 10.49
C GLY D 117 23.64 6.30 11.80
N PRO D 118 24.12 5.17 12.37
CA PRO D 118 23.56 4.68 13.64
C PRO D 118 23.76 5.87 14.56
N VAL D 119 22.75 6.25 15.34
CA VAL D 119 22.91 7.44 16.17
C VAL D 119 23.67 7.20 17.46
N SER D 120 23.61 5.98 17.97
CA SER D 120 24.32 5.63 19.21
C SER D 120 25.09 4.33 19.00
N GLU D 121 26.14 4.12 19.78
CA GLU D 121 26.91 2.91 19.61
C GLU D 121 26.07 1.64 19.77
N ARG D 122 25.02 1.72 20.58
CA ARG D 122 24.17 0.57 20.77
C ARG D 122 23.56 0.20 19.42
N ASP D 123 22.93 1.19 18.81
CA ASP D 123 22.31 0.99 17.53
C ASP D 123 23.28 0.40 16.51
N ASN D 124 24.48 0.93 16.45
CA ASN D 124 25.46 0.41 15.51
C ASN D 124 25.64 -1.08 15.76
N LEU D 125 25.60 -1.50 17.02
CA LEU D 125 25.76 -2.93 17.27
C LEU D 125 24.52 -3.72 16.88
N LEU D 126 23.36 -3.19 17.22
CA LEU D 126 22.10 -3.86 16.90
C LEU D 126 21.98 -4.13 15.41
N PHE D 127 22.17 -3.09 14.59
CA PHE D 127 22.11 -3.25 13.14
C PHE D 127 23.14 -4.29 12.73
N ARG D 128 24.38 -4.12 13.17
CA ARG D 128 25.41 -5.08 12.82
C ARG D 128 25.08 -6.48 13.29
N ALA D 129 24.43 -6.61 14.44
CA ALA D 129 24.07 -7.92 14.93
C ALA D 129 23.01 -8.53 14.02
N ALA D 130 22.05 -7.70 13.60
CA ALA D 130 20.99 -8.15 12.70
C ALA D 130 21.68 -8.83 11.51
N VAL D 131 22.74 -8.22 11.00
CA VAL D 131 23.46 -8.81 9.89
C VAL D 131 24.05 -10.15 10.28
N ARG D 132 24.71 -10.19 11.42
CA ARG D 132 25.32 -11.44 11.87
C ARG D 132 24.28 -12.55 12.04
N LEU D 133 23.18 -12.26 12.74
CA LEU D 133 22.16 -13.28 12.90
C LEU D 133 21.57 -13.71 11.56
N MET D 134 21.29 -12.75 10.68
CA MET D 134 20.69 -13.06 9.38
C MET D 134 21.57 -13.75 8.33
N PHE D 135 22.84 -13.38 8.22
CA PHE D 135 23.67 -13.98 7.19
C PHE D 135 24.63 -15.06 7.58
N SER D 136 24.40 -15.67 8.75
CA SER D 136 25.39 -16.61 9.21
C SER D 136 25.39 -18.08 8.83
N ASP D 137 24.43 -18.86 9.27
CA ASP D 137 24.53 -20.27 8.93
C ASP D 137 23.54 -20.71 7.91
N LEU D 138 23.72 -20.15 6.72
CA LEU D 138 22.85 -20.39 5.59
C LEU D 138 23.04 -21.72 4.92
N GLU D 139 21.90 -22.31 4.52
CA GLU D 139 21.81 -23.61 3.83
C GLU D 139 21.43 -23.41 2.37
N PRO D 140 22.32 -23.81 1.44
CA PRO D 140 22.14 -23.69 -0.01
C PRO D 140 20.85 -24.32 -0.50
N VAL D 141 20.16 -23.59 -1.37
CA VAL D 141 18.93 -24.05 -1.99
C VAL D 141 18.98 -23.71 -3.47
N PRO D 142 18.01 -24.20 -4.23
CA PRO D 142 18.15 -23.80 -5.63
C PRO D 142 17.61 -22.40 -5.92
N LEU D 143 18.22 -21.74 -6.88
CA LEU D 143 17.82 -20.40 -7.26
C LEU D 143 16.52 -20.43 -8.03
N LYS D 144 15.39 -20.12 -7.40
CA LYS D 144 14.11 -20.11 -8.16
C LYS D 144 13.93 -18.83 -9.00
N ILE D 145 13.32 -18.97 -10.16
CA ILE D 145 13.11 -17.84 -11.06
C ILE D 145 11.63 -17.73 -11.43
N ARG D 146 11.06 -16.53 -11.36
CA ARG D 146 9.66 -16.36 -11.72
C ARG D 146 9.47 -16.55 -13.23
N LYS D 147 8.56 -17.43 -13.60
CA LYS D 147 8.31 -17.70 -15.00
C LYS D 147 7.75 -16.48 -15.76
N GLY D 148 8.28 -16.24 -16.95
CA GLY D 148 7.81 -15.12 -17.72
C GLY D 148 8.28 -13.76 -17.25
N SER D 149 9.23 -13.73 -16.33
CA SER D 149 9.76 -12.47 -15.82
C SER D 149 10.79 -11.96 -16.82
N SER D 150 11.06 -10.66 -16.85
CA SER D 150 12.06 -10.16 -17.79
C SER D 150 13.43 -10.08 -17.18
N THR D 151 14.45 -10.42 -17.94
CA THR D 151 15.81 -10.34 -17.44
C THR D 151 16.27 -8.88 -17.48
N CYS D 152 15.42 -8.01 -18.03
CA CYS D 152 15.74 -6.59 -18.14
C CYS D 152 17.10 -6.33 -18.74
N ILE D 153 17.75 -5.25 -18.33
CA ILE D 153 19.05 -4.92 -18.90
C ILE D 153 20.12 -6.01 -18.82
N PRO D 154 20.76 -6.32 -19.94
CA PRO D 154 20.64 -5.78 -21.31
C PRO D 154 19.73 -6.55 -22.28
N TYR D 155 19.38 -7.81 -21.97
CA TYR D 155 18.57 -8.65 -22.89
C TYR D 155 17.06 -8.59 -22.95
N PHE D 156 16.42 -8.40 -21.80
CA PHE D 156 14.99 -8.31 -21.80
C PHE D 156 14.38 -9.61 -22.34
N SER D 157 14.88 -10.75 -21.87
CA SER D 157 14.35 -12.04 -22.31
C SER D 157 13.30 -12.57 -21.32
N ASN D 158 12.40 -13.43 -21.78
CA ASN D 158 11.34 -14.05 -20.95
C ASN D 158 11.40 -15.56 -21.02
N ASP D 159 12.21 -16.04 -21.94
CA ASP D 159 12.42 -17.45 -22.17
C ASP D 159 13.14 -18.10 -21.00
N MET D 160 12.45 -18.98 -20.29
CA MET D 160 13.06 -19.62 -19.13
C MET D 160 14.39 -20.24 -19.48
N GLY D 161 14.46 -20.80 -20.67
CA GLY D 161 15.71 -21.42 -21.08
C GLY D 161 16.84 -20.44 -20.96
N THR D 162 16.62 -19.26 -21.55
CA THR D 162 17.60 -18.19 -21.56
C THR D 162 17.89 -17.69 -20.16
N LYS D 163 16.84 -17.48 -19.37
CA LYS D 163 17.04 -17.00 -18.01
C LYS D 163 17.96 -17.96 -17.22
N ILE D 164 17.71 -19.26 -17.32
CA ILE D 164 18.53 -20.22 -16.60
C ILE D 164 19.98 -20.14 -17.02
N GLU D 165 20.26 -20.08 -18.32
CA GLU D 165 21.63 -19.99 -18.78
C GLU D 165 22.27 -18.74 -18.20
N ILE D 166 21.52 -17.65 -18.28
CA ILE D 166 21.96 -16.36 -17.76
C ILE D 166 22.38 -16.48 -16.29
N ALA D 167 21.52 -17.10 -15.49
CA ALA D 167 21.80 -17.29 -14.07
C ALA D 167 23.03 -18.16 -13.85
N GLU D 168 23.00 -19.39 -14.36
CA GLU D 168 24.12 -20.31 -14.21
C GLU D 168 25.43 -19.62 -14.56
N ARG D 169 25.41 -18.88 -15.66
CA ARG D 169 26.57 -18.12 -16.12
C ARG D 169 26.99 -17.13 -15.04
N ALA D 170 26.03 -16.34 -14.56
CA ALA D 170 26.31 -15.35 -13.53
C ALA D 170 26.94 -16.02 -12.33
N LEU D 171 26.34 -17.10 -11.83
CA LEU D 171 26.95 -17.75 -10.69
C LEU D 171 28.39 -18.15 -11.01
N GLU D 172 28.66 -18.52 -12.26
CA GLU D 172 30.03 -18.90 -12.62
C GLU D 172 30.95 -17.70 -12.73
N LYS D 173 30.50 -16.58 -13.27
CA LYS D 173 31.41 -15.44 -13.37
C LYS D 173 31.21 -14.28 -12.35
N ALA D 174 30.30 -14.46 -11.39
CA ALA D 174 30.00 -13.46 -10.36
C ALA D 174 31.31 -13.05 -9.70
N GLU D 175 32.07 -14.05 -9.27
CA GLU D 175 33.33 -13.79 -8.63
C GLU D 175 34.24 -12.92 -9.49
N GLU D 176 34.46 -13.34 -10.71
CA GLU D 176 35.33 -12.60 -11.59
C GLU D 176 34.81 -11.20 -11.85
N ALA D 177 33.48 -11.05 -11.80
CA ALA D 177 32.84 -9.74 -12.03
C ALA D 177 33.05 -8.82 -10.85
N GLY D 178 32.75 -9.35 -9.67
CA GLY D 178 32.92 -8.58 -8.46
C GLY D 178 34.34 -8.05 -8.32
N ASN D 179 35.33 -8.89 -8.63
CA ASN D 179 36.71 -8.44 -8.51
C ASN D 179 36.96 -7.32 -9.50
N LEU D 180 36.39 -7.45 -10.69
CA LEU D 180 36.55 -6.41 -11.68
C LEU D 180 36.02 -5.10 -11.13
N MET D 181 34.99 -5.24 -10.29
CA MET D 181 34.33 -4.12 -9.67
C MET D 181 35.20 -3.60 -8.55
N LEU D 182 35.76 -4.49 -7.74
CA LEU D 182 36.63 -4.07 -6.64
C LEU D 182 37.76 -3.19 -7.22
N GLN D 183 38.25 -3.53 -8.42
CA GLN D 183 39.30 -2.77 -9.09
C GLN D 183 38.76 -1.51 -9.74
N GLY D 184 37.47 -1.27 -9.56
CA GLY D 184 36.86 -0.07 -10.14
C GLY D 184 36.54 -0.11 -11.62
N LYS D 185 36.55 -1.30 -12.21
CA LYS D 185 36.28 -1.47 -13.63
C LYS D 185 34.85 -1.95 -13.85
N PHE D 186 33.88 -1.09 -13.53
CA PHE D 186 32.48 -1.47 -13.69
C PHE D 186 32.07 -1.69 -15.14
N ASP D 187 32.61 -0.85 -16.02
CA ASP D 187 32.31 -0.97 -17.42
C ASP D 187 32.77 -2.36 -17.87
N ASP D 188 33.97 -2.75 -17.47
CA ASP D 188 34.45 -4.05 -17.84
C ASP D 188 33.49 -5.12 -17.34
N ALA D 189 33.12 -5.02 -16.07
CA ALA D 189 32.23 -6.02 -15.49
C ALA D 189 30.89 -6.09 -16.20
N TYR D 190 30.33 -4.94 -16.57
CA TYR D 190 29.06 -4.90 -17.29
C TYR D 190 29.20 -5.56 -18.68
N GLN D 191 30.15 -5.05 -19.45
CA GLN D 191 30.42 -5.59 -20.77
C GLN D 191 30.74 -7.08 -20.82
N LEU D 192 31.51 -7.57 -19.87
CA LEU D 192 31.86 -8.98 -19.87
C LEU D 192 30.83 -9.91 -19.31
N HIS D 193 30.10 -9.49 -18.29
CA HIS D 193 29.14 -10.39 -17.67
C HIS D 193 27.76 -9.80 -17.38
N GLN D 194 27.48 -8.64 -17.97
CA GLN D 194 26.19 -7.97 -17.79
C GLN D 194 25.81 -7.69 -16.35
N MET D 195 26.80 -7.49 -15.48
CA MET D 195 26.57 -7.19 -14.07
C MET D 195 26.89 -5.70 -13.89
N GLY D 196 25.85 -4.89 -14.00
CA GLY D 196 26.01 -3.46 -13.89
C GLY D 196 24.94 -2.82 -14.74
N GLY D 197 25.26 -1.71 -15.39
CA GLY D 197 24.28 -1.06 -16.22
C GLY D 197 23.31 -0.19 -15.46
N ALA D 198 22.09 -0.68 -15.25
CA ALA D 198 21.09 0.09 -14.53
C ALA D 198 19.78 -0.66 -14.32
N TYR D 199 18.93 -0.08 -13.49
CA TYR D 199 17.63 -0.64 -13.24
C TYR D 199 16.76 -0.04 -14.32
N TYR D 200 15.75 -0.80 -14.70
CA TYR D 200 14.80 -0.37 -15.72
C TYR D 200 13.49 0.06 -15.05
N VAL D 201 13.16 1.33 -15.09
CA VAL D 201 11.94 1.78 -14.42
C VAL D 201 10.67 1.34 -15.10
N VAL D 202 9.85 0.60 -14.37
CA VAL D 202 8.57 0.18 -14.91
C VAL D 202 7.58 0.77 -13.92
N TYR D 203 6.59 1.46 -14.45
CA TYR D 203 5.54 2.07 -13.67
C TYR D 203 4.43 1.08 -13.40
N ARG D 204 4.03 0.93 -12.15
CA ARG D 204 3.00 0.00 -11.75
C ARG D 204 1.74 0.64 -11.19
N ALA D 205 0.61 -0.01 -11.40
CA ALA D 205 -0.65 0.53 -10.96
C ALA D 205 -0.93 0.26 -9.50
N GLN D 206 -1.67 1.18 -8.90
CA GLN D 206 -2.10 1.13 -7.53
C GLN D 206 -3.60 1.39 -7.78
N SER D 207 -4.22 0.33 -8.30
CA SER D 207 -5.62 0.31 -8.71
C SER D 207 -6.64 0.96 -7.78
N THR D 208 -6.24 1.12 -6.53
CA THR D 208 -7.11 1.73 -5.55
C THR D 208 -6.30 2.67 -4.69
N ASP D 209 -6.81 3.87 -4.56
CA ASP D 209 -6.13 4.86 -3.77
C ASP D 209 -7.28 5.61 -3.12
N ALA D 210 -6.96 6.49 -2.18
CA ALA D 210 -8.00 7.23 -1.50
C ALA D 210 -8.83 8.14 -2.38
N ILE D 211 -10.12 8.17 -2.05
CA ILE D 211 -11.10 9.03 -2.70
C ILE D 211 -12.14 9.25 -1.63
N THR D 212 -12.51 10.51 -1.46
CA THR D 212 -13.51 10.87 -0.46
C THR D 212 -14.60 11.68 -1.11
N LEU D 213 -15.69 11.81 -0.37
CA LEU D 213 -16.83 12.55 -0.87
C LEU D 213 -17.16 13.76 -0.01
N ASP D 214 -16.68 14.93 -0.44
CA ASP D 214 -16.92 16.22 0.25
C ASP D 214 -18.43 16.40 0.45
N PRO D 215 -18.92 16.29 1.70
CA PRO D 215 -20.36 16.44 1.98
C PRO D 215 -20.99 17.75 1.52
N LYS D 216 -20.17 18.81 1.52
CA LYS D 216 -20.58 20.16 1.09
C LYS D 216 -20.92 20.17 -0.41
N THR D 217 -19.90 19.94 -1.24
CA THR D 217 -20.02 19.95 -2.69
C THR D 217 -20.77 18.75 -3.29
N GLY D 218 -20.75 17.61 -2.61
CA GLY D 218 -21.40 16.43 -3.15
C GLY D 218 -20.53 15.84 -4.25
N LYS D 219 -19.30 16.35 -4.34
CA LYS D 219 -18.31 15.93 -5.32
C LYS D 219 -17.25 15.06 -4.67
N PHE D 220 -16.57 14.24 -5.49
CA PHE D 220 -15.53 13.35 -4.98
C PHE D 220 -14.17 14.00 -5.04
N VAL D 221 -13.25 13.52 -4.23
CA VAL D 221 -11.91 14.07 -4.25
C VAL D 221 -10.85 12.99 -4.26
N SER D 222 -10.04 12.93 -5.32
CA SER D 222 -9.00 11.90 -5.37
C SER D 222 -7.83 12.38 -4.55
N LYS D 223 -7.25 11.51 -3.74
CA LYS D 223 -6.10 11.90 -2.93
C LYS D 223 -4.92 12.35 -3.79
N ASP D 224 -4.46 13.57 -3.58
CA ASP D 224 -3.33 14.04 -4.37
C ASP D 224 -2.11 13.20 -4.12
N ARG D 225 -1.29 13.02 -5.16
CA ARG D 225 -0.06 12.25 -5.06
C ARG D 225 1.06 13.09 -5.63
N MET D 226 1.97 13.52 -4.76
CA MET D 226 3.06 14.37 -5.20
C MET D 226 4.02 13.60 -6.07
N VAL D 227 4.56 14.27 -7.09
CA VAL D 227 5.50 13.65 -8.00
C VAL D 227 6.61 14.63 -8.28
N ALA D 228 7.76 14.09 -8.65
CA ALA D 228 8.93 14.88 -8.93
C ALA D 228 9.17 14.97 -10.41
N ASP D 229 9.49 16.17 -10.87
CA ASP D 229 9.78 16.35 -12.28
C ASP D 229 11.25 15.98 -12.41
N PHE D 230 11.75 15.91 -13.62
CA PHE D 230 13.14 15.52 -13.79
C PHE D 230 14.15 16.32 -12.97
N GLU D 231 14.02 17.65 -13.02
CA GLU D 231 14.94 18.53 -12.31
C GLU D 231 15.05 18.18 -10.86
N TYR D 232 13.90 18.02 -10.23
CA TYR D 232 13.88 17.66 -8.84
C TYR D 232 14.62 16.32 -8.64
N ALA D 233 14.20 15.29 -9.37
CA ALA D 233 14.80 13.97 -9.27
C ALA D 233 16.32 13.91 -9.34
N VAL D 234 16.91 14.64 -10.29
CA VAL D 234 18.37 14.63 -10.43
C VAL D 234 19.09 15.49 -9.40
N THR D 235 18.40 16.51 -8.89
CA THR D 235 19.03 17.38 -7.92
C THR D 235 18.62 17.00 -6.51
N GLY D 236 18.18 15.75 -6.33
CA GLY D 236 17.77 15.27 -5.01
C GLY D 236 16.85 16.18 -4.19
N GLY D 237 16.15 17.09 -4.89
CA GLY D 237 15.24 17.99 -4.22
C GLY D 237 15.68 19.44 -4.32
N GLU D 238 16.99 19.66 -4.43
CA GLU D 238 17.60 21.01 -4.52
C GLU D 238 16.78 21.91 -5.42
N GLN D 239 16.69 21.55 -6.70
CA GLN D 239 15.89 22.35 -7.59
C GLN D 239 14.69 21.60 -8.08
N GLY D 240 14.18 21.98 -9.24
CA GLY D 240 13.01 21.30 -9.74
C GLY D 240 11.80 21.54 -8.86
N SER D 241 10.72 20.81 -9.11
CA SER D 241 9.53 20.99 -8.30
C SER D 241 8.85 19.67 -8.03
N LEU D 242 8.04 19.68 -6.99
CA LEU D 242 7.32 18.51 -6.54
C LEU D 242 5.87 18.99 -6.56
N PHE D 243 4.99 18.24 -7.21
CA PHE D 243 3.58 18.66 -7.33
C PHE D 243 2.67 17.47 -7.46
N ALA D 244 1.37 17.72 -7.34
CA ALA D 244 0.41 16.64 -7.47
C ALA D 244 0.22 16.25 -8.92
N ALA D 245 0.19 14.94 -9.16
CA ALA D 245 -0.03 14.42 -10.50
C ALA D 245 -1.52 14.64 -10.78
N SER D 246 -1.94 14.59 -12.04
CA SER D 246 -3.34 14.82 -12.32
C SER D 246 -4.11 13.51 -12.47
N LYS D 247 -5.01 13.23 -11.52
CA LYS D 247 -5.82 12.01 -11.58
C LYS D 247 -7.15 12.24 -12.30
N ASP D 248 -7.30 13.44 -12.86
CA ASP D 248 -8.51 13.79 -13.57
C ASP D 248 -8.71 12.90 -14.78
N ALA D 249 -9.83 12.17 -14.80
CA ALA D 249 -10.14 11.26 -15.90
C ALA D 249 -11.05 11.83 -17.01
N SER D 250 -11.21 13.15 -17.05
CA SER D 250 -12.07 13.76 -18.04
C SER D 250 -11.45 13.57 -19.40
N ARG D 251 -10.13 13.67 -19.43
CA ARG D 251 -9.41 13.52 -20.67
C ARG D 251 -9.86 12.26 -21.41
N LEU D 252 -10.08 11.17 -20.67
CA LEU D 252 -10.50 9.94 -21.32
C LEU D 252 -11.65 10.08 -22.32
N LYS D 253 -12.60 10.96 -22.02
CA LYS D 253 -13.75 11.15 -22.90
C LYS D 253 -13.28 11.84 -24.17
N GLU D 254 -12.62 12.97 -23.98
CA GLU D 254 -12.12 13.71 -25.10
C GLU D 254 -11.12 12.94 -25.97
N GLN D 255 -10.29 12.08 -25.37
CA GLN D 255 -9.25 11.34 -26.10
C GLN D 255 -9.61 9.99 -26.68
N TYR D 256 -10.36 9.21 -25.93
CA TYR D 256 -10.72 7.87 -26.39
C TYR D 256 -12.22 7.70 -26.48
N GLY D 257 -12.93 8.80 -26.25
CA GLY D 257 -14.37 8.73 -26.29
C GLY D 257 -14.95 7.90 -25.15
N ILE D 258 -14.14 7.51 -24.18
CA ILE D 258 -14.64 6.73 -23.07
C ILE D 258 -15.47 7.59 -22.15
N ASP D 259 -16.69 7.16 -21.87
CA ASP D 259 -17.56 7.94 -20.98
C ASP D 259 -17.11 7.79 -19.52
N VAL D 260 -16.79 8.94 -18.91
CA VAL D 260 -16.33 9.00 -17.54
C VAL D 260 -17.43 9.47 -16.58
N PRO D 261 -18.02 8.54 -15.83
CA PRO D 261 -19.07 8.92 -14.88
C PRO D 261 -18.48 9.74 -13.74
N ASP D 262 -19.27 10.66 -13.21
CA ASP D 262 -18.77 11.50 -12.16
C ASP D 262 -18.24 10.71 -10.99
N GLY D 263 -17.06 11.13 -10.52
CA GLY D 263 -16.44 10.49 -9.38
C GLY D 263 -15.55 9.30 -9.66
N PHE D 264 -14.96 9.29 -10.86
CA PHE D 264 -14.04 8.26 -11.27
C PHE D 264 -12.73 8.91 -11.69
N PHE D 265 -11.61 8.32 -11.28
CA PHE D 265 -10.31 8.91 -11.58
C PHE D 265 -9.34 7.99 -12.20
N CYS D 266 -8.23 8.58 -12.63
CA CYS D 266 -7.14 7.83 -13.22
C CYS D 266 -6.39 7.21 -12.05
N GLU D 267 -5.70 6.10 -12.32
CA GLU D 267 -4.93 5.39 -11.29
C GLU D 267 -3.63 6.05 -10.84
N ARG D 268 -3.24 5.69 -9.63
CA ARG D 268 -2.02 6.17 -9.05
C ARG D 268 -0.89 5.30 -9.58
N ARG D 269 0.20 5.89 -10.04
CA ARG D 269 1.26 5.02 -10.49
C ARG D 269 2.52 5.11 -9.66
N ARG D 270 3.02 3.93 -9.29
CA ARG D 270 4.22 3.82 -8.49
C ARG D 270 5.38 3.39 -9.32
N THR D 271 6.58 3.84 -9.00
CA THR D 271 7.71 3.39 -9.79
C THR D 271 8.13 1.98 -9.30
N ALA D 272 8.82 1.25 -10.16
CA ALA D 272 9.30 -0.09 -9.83
C ALA D 272 10.59 -0.30 -10.63
N MET D 273 11.52 -1.08 -10.10
CA MET D 273 12.76 -1.25 -10.81
C MET D 273 13.00 -2.67 -11.30
N GLY D 274 13.44 -2.78 -12.55
CA GLY D 274 13.79 -4.06 -13.13
C GLY D 274 15.32 -4.18 -13.09
N GLY D 275 15.80 -5.03 -12.19
CA GLY D 275 17.24 -5.16 -12.07
C GLY D 275 17.88 -5.96 -13.16
N PRO D 276 19.14 -5.70 -13.49
CA PRO D 276 19.78 -6.49 -14.54
C PRO D 276 19.96 -7.88 -13.92
N PHE D 277 19.28 -8.85 -14.50
CA PHE D 277 19.29 -10.20 -13.98
C PHE D 277 20.66 -10.82 -13.71
N ALA D 278 21.63 -10.52 -14.56
CA ALA D 278 22.97 -11.07 -14.39
C ALA D 278 23.54 -10.73 -13.00
N LEU D 279 23.19 -9.55 -12.51
CA LEU D 279 23.64 -9.05 -11.23
C LEU D 279 22.74 -9.56 -10.11
N ASN D 280 21.45 -9.51 -10.33
CA ASN D 280 20.50 -9.98 -9.32
C ASN D 280 20.55 -11.47 -9.01
N ALA D 281 21.03 -12.27 -9.96
CA ALA D 281 21.08 -13.71 -9.76
C ALA D 281 21.97 -14.07 -8.57
N PRO D 282 23.27 -13.72 -8.63
CA PRO D 282 24.15 -14.06 -7.51
C PRO D 282 23.62 -13.55 -6.17
N ILE D 283 22.86 -12.45 -6.21
CA ILE D 283 22.30 -11.90 -4.99
C ILE D 283 21.14 -12.77 -4.51
N MET D 284 20.21 -13.07 -5.40
CA MET D 284 19.07 -13.91 -5.02
C MET D 284 19.61 -15.24 -4.46
N ALA D 285 20.71 -15.73 -5.05
CA ALA D 285 21.36 -16.98 -4.58
C ALA D 285 21.58 -17.01 -3.06
N VAL D 286 21.97 -15.88 -2.51
CA VAL D 286 22.22 -15.73 -1.08
C VAL D 286 20.95 -15.31 -0.32
N ALA D 287 20.16 -14.47 -0.98
CA ALA D 287 18.94 -13.93 -0.40
C ALA D 287 17.93 -14.96 0.09
N GLN D 288 17.73 -16.03 -0.68
CA GLN D 288 16.73 -17.04 -0.30
C GLN D 288 17.15 -17.79 0.94
N PRO D 289 18.43 -18.19 1.00
CA PRO D 289 18.88 -18.90 2.20
C PRO D 289 18.62 -18.01 3.43
N VAL D 290 18.88 -16.71 3.30
CA VAL D 290 18.60 -15.80 4.41
C VAL D 290 17.12 -15.88 4.78
N ARG D 291 16.23 -15.87 3.79
CA ARG D 291 14.80 -15.94 4.07
C ARG D 291 14.48 -17.19 4.84
N ASN D 292 15.06 -18.31 4.41
CA ASN D 292 14.84 -19.57 5.09
C ASN D 292 15.27 -19.51 6.56
N LYS D 293 16.44 -18.93 6.82
CA LYS D 293 16.91 -18.84 8.19
C LYS D 293 16.01 -17.97 9.04
N ILE D 294 15.81 -16.73 8.65
CA ILE D 294 14.96 -15.91 9.48
C ILE D 294 13.53 -16.44 9.55
N TYR D 295 13.03 -17.10 8.52
CA TYR D 295 11.63 -17.59 8.61
C TYR D 295 11.51 -18.84 9.49
N SER D 296 12.64 -19.53 9.72
CA SER D 296 12.65 -20.71 10.56
C SER D 296 13.07 -20.33 12.00
N LYS D 297 14.37 -20.08 12.18
CA LYS D 297 14.89 -19.72 13.49
C LYS D 297 14.21 -18.50 14.08
N TYR D 298 13.89 -17.51 13.27
CA TYR D 298 13.26 -16.35 13.86
C TYR D 298 11.84 -16.24 13.42
N ALA D 299 11.24 -17.41 13.27
CA ALA D 299 9.85 -17.48 12.85
C ALA D 299 8.90 -16.67 13.73
N TYR D 300 9.27 -16.39 14.97
CA TYR D 300 8.36 -15.63 15.79
C TYR D 300 8.13 -14.27 15.19
N THR D 301 9.20 -13.51 14.93
CA THR D 301 8.94 -12.17 14.44
C THR D 301 8.94 -12.04 12.92
N PHE D 302 9.37 -13.08 12.21
CA PHE D 302 9.45 -13.01 10.75
C PHE D 302 8.60 -13.91 9.86
N HIS D 303 8.21 -15.08 10.35
CA HIS D 303 7.39 -15.98 9.53
C HIS D 303 5.89 -15.85 9.85
N HIS D 304 5.12 -15.24 8.95
CA HIS D 304 3.70 -15.06 9.21
C HIS D 304 2.85 -15.66 8.10
N THR D 305 1.81 -16.39 8.49
CA THR D 305 0.94 -17.05 7.52
C THR D 305 -0.55 -16.76 7.67
N THR D 306 -1.26 -17.49 8.53
CA THR D 306 -2.71 -17.27 8.64
C THR D 306 -3.14 -16.21 9.59
N ARG D 307 -4.43 -15.90 9.56
CA ARG D 307 -4.99 -14.89 10.46
C ARG D 307 -4.83 -15.43 11.89
N LEU D 308 -4.88 -16.75 12.03
CA LEU D 308 -4.75 -17.39 13.33
C LEU D 308 -3.32 -17.49 13.78
N ASN D 309 -2.42 -17.66 12.82
CA ASN D 309 -0.98 -17.73 13.08
C ASN D 309 -0.54 -16.47 13.86
N LYS D 310 -0.89 -15.32 13.30
CA LYS D 310 -0.60 -14.01 13.86
C LYS D 310 -1.35 -13.84 15.17
N GLU D 311 -2.64 -14.15 15.15
CA GLU D 311 -3.48 -14.02 16.33
C GLU D 311 -2.86 -14.70 17.56
N GLU D 312 -2.34 -15.92 17.39
CA GLU D 312 -1.74 -16.62 18.50
C GLU D 312 -0.72 -15.74 19.20
N LYS D 313 0.28 -15.23 18.46
CA LYS D 313 1.33 -14.36 19.03
C LYS D 313 0.83 -13.09 19.75
N VAL D 314 0.00 -12.33 19.05
CA VAL D 314 -0.52 -11.10 19.61
C VAL D 314 -1.43 -11.27 20.83
N LYS D 315 -2.17 -12.37 20.90
CA LYS D 315 -3.09 -12.57 22.02
C LYS D 315 -2.42 -12.54 23.38
N GLU D 316 -1.13 -12.89 23.43
CA GLU D 316 -0.40 -12.88 24.69
C GLU D 316 0.23 -11.55 25.02
N TRP D 317 -0.13 -10.50 24.30
CA TRP D 317 0.46 -9.23 24.60
C TRP D 317 -0.45 -8.44 25.48
N SER D 318 0.13 -7.52 26.22
CA SER D 318 -0.67 -6.67 27.10
C SER D 318 -0.97 -5.40 26.34
N LEU D 319 -0.10 -5.07 25.39
CA LEU D 319 -0.26 -3.89 24.55
C LEU D 319 0.23 -4.26 23.16
N CYS D 320 -0.50 -3.82 22.14
CA CYS D 320 -0.12 -4.10 20.76
C CYS D 320 -0.16 -2.81 19.95
N VAL D 321 1.00 -2.30 19.57
CA VAL D 321 1.06 -1.08 18.76
C VAL D 321 1.28 -1.44 17.29
N ALA D 322 0.34 -1.03 16.44
CA ALA D 322 0.42 -1.28 15.00
C ALA D 322 0.96 -0.01 14.34
N THR D 323 2.25 -0.05 14.02
CA THR D 323 2.96 1.08 13.44
C THR D 323 2.72 1.25 11.96
N ASP D 324 3.33 2.32 11.43
CA ASP D 324 3.21 2.70 10.04
C ASP D 324 4.40 3.57 9.56
N VAL D 325 5.15 3.08 8.57
CA VAL D 325 6.30 3.83 8.05
C VAL D 325 5.92 4.64 6.83
N SER D 326 6.53 5.81 6.68
CA SER D 326 6.23 6.65 5.54
C SER D 326 7.24 6.52 4.41
N ASP D 327 6.75 6.26 3.19
CA ASP D 327 7.61 6.15 2.01
C ASP D 327 8.85 5.32 2.31
N HIS D 328 8.63 4.14 2.87
CA HIS D 328 9.73 3.26 3.25
C HIS D 328 10.92 3.17 2.29
N ASP D 329 10.62 2.71 1.09
CA ASP D 329 11.64 2.50 0.08
C ASP D 329 12.44 3.70 -0.36
N THR D 330 11.84 4.87 -0.45
CA THR D 330 12.63 6.00 -0.92
C THR D 330 13.42 6.60 0.24
N PHE D 331 13.06 6.21 1.46
CA PHE D 331 13.74 6.71 2.64
C PHE D 331 14.87 5.81 3.09
N TRP D 332 14.78 4.54 2.71
CA TRP D 332 15.80 3.58 3.10
C TRP D 332 17.16 4.24 2.94
N PRO D 333 17.99 4.19 3.99
CA PRO D 333 19.34 4.78 4.05
C PRO D 333 20.52 4.06 3.41
N GLY D 334 21.20 4.75 2.51
CA GLY D 334 22.36 4.16 1.88
C GLY D 334 23.38 3.77 2.92
N TRP D 335 23.36 4.42 4.07
CA TRP D 335 24.35 4.07 5.07
C TRP D 335 24.08 2.68 5.60
N LEU D 336 22.82 2.26 5.59
CA LEU D 336 22.55 0.93 6.09
C LEU D 336 23.15 -0.11 5.15
N ARG D 337 23.12 0.23 3.86
CA ARG D 337 23.69 -0.61 2.82
C ARG D 337 25.17 -0.82 3.12
N ASP D 338 25.86 0.30 3.30
CA ASP D 338 27.28 0.31 3.58
C ASP D 338 27.60 -0.41 4.89
N LEU D 339 26.80 -0.16 5.92
CA LEU D 339 27.02 -0.82 7.20
C LEU D 339 26.91 -2.33 6.97
N ILE D 340 25.80 -2.75 6.35
CA ILE D 340 25.60 -4.18 6.08
C ILE D 340 26.79 -4.80 5.35
N CYS D 341 27.25 -4.14 4.30
CA CYS D 341 28.38 -4.62 3.53
C CYS D 341 29.63 -4.78 4.38
N ASP D 342 29.91 -3.75 5.17
CA ASP D 342 31.07 -3.76 6.06
C ASP D 342 30.98 -4.91 7.06
N GLU D 343 29.84 -5.05 7.72
CA GLU D 343 29.68 -6.13 8.67
C GLU D 343 29.79 -7.48 7.97
N LEU D 344 29.28 -7.55 6.75
CA LEU D 344 29.34 -8.79 5.98
C LEU D 344 30.77 -9.19 5.75
N LEU D 345 31.64 -8.22 5.44
CA LEU D 345 33.05 -8.52 5.21
C LEU D 345 33.68 -9.00 6.51
N ASN D 346 33.29 -8.40 7.63
CA ASN D 346 33.83 -8.79 8.92
C ASN D 346 33.46 -10.25 9.16
N MET D 347 32.18 -10.60 8.96
CA MET D 347 31.72 -11.98 9.14
C MET D 347 32.53 -12.90 8.24
N GLY D 348 33.19 -12.34 7.23
CA GLY D 348 34.01 -13.12 6.32
C GLY D 348 33.45 -13.50 4.96
N TYR D 349 32.61 -12.65 4.38
CA TYR D 349 32.02 -12.89 3.05
C TYR D 349 32.97 -12.47 1.92
N ALA D 350 33.10 -13.33 0.93
CA ALA D 350 33.94 -13.01 -0.20
C ALA D 350 33.75 -11.53 -0.62
N PRO D 351 34.84 -10.77 -0.65
CA PRO D 351 34.85 -9.36 -1.05
C PRO D 351 34.07 -9.11 -2.34
N TRP D 352 34.45 -9.87 -3.37
CA TRP D 352 33.80 -9.74 -4.66
C TRP D 352 32.28 -9.86 -4.56
N TRP D 353 31.79 -10.81 -3.77
CA TRP D 353 30.36 -10.93 -3.66
C TRP D 353 29.77 -9.73 -2.92
N VAL D 354 30.45 -9.28 -1.85
CA VAL D 354 29.93 -8.14 -1.14
C VAL D 354 29.97 -6.95 -2.09
N LYS D 355 30.99 -6.88 -2.93
CA LYS D 355 31.04 -5.76 -3.86
C LYS D 355 29.83 -5.76 -4.81
N LEU D 356 29.40 -6.95 -5.25
CA LEU D 356 28.27 -7.08 -6.14
C LEU D 356 27.07 -6.56 -5.38
N PHE D 357 26.87 -7.11 -4.19
CA PHE D 357 25.75 -6.71 -3.34
C PHE D 357 25.70 -5.20 -3.13
N GLU D 358 26.84 -4.60 -2.83
CA GLU D 358 26.89 -3.16 -2.65
C GLU D 358 26.47 -2.43 -3.93
N THR D 359 27.21 -2.67 -5.01
CA THR D 359 26.94 -2.05 -6.30
C THR D 359 25.46 -2.12 -6.68
N SER D 360 24.85 -3.28 -6.42
CA SER D 360 23.46 -3.48 -6.75
C SER D 360 22.54 -2.47 -6.05
N LEU D 361 23.02 -1.91 -4.95
CA LEU D 361 22.24 -0.95 -4.20
C LEU D 361 22.60 0.51 -4.48
N LYS D 362 23.44 0.74 -5.48
CA LYS D 362 23.79 2.12 -5.84
C LYS D 362 23.82 2.32 -7.36
N LEU D 363 23.15 1.41 -8.05
CA LEU D 363 23.06 1.40 -9.50
C LEU D 363 22.18 2.50 -10.07
N PRO D 364 22.48 2.95 -11.31
CA PRO D 364 21.74 3.99 -12.06
C PRO D 364 20.35 3.48 -12.44
N VAL D 365 19.48 4.38 -12.89
CA VAL D 365 18.15 3.98 -13.31
C VAL D 365 17.78 4.57 -14.66
N TYR D 366 17.18 3.72 -15.49
CA TYR D 366 16.74 4.14 -16.80
C TYR D 366 15.26 4.43 -16.71
N VAL D 367 14.91 5.70 -16.88
CA VAL D 367 13.50 6.06 -16.83
C VAL D 367 12.88 5.86 -18.21
N GLY D 368 11.81 5.07 -18.22
CA GLY D 368 11.13 4.82 -19.47
C GLY D 368 10.26 5.97 -19.94
N ALA D 369 8.98 5.88 -19.66
CA ALA D 369 8.05 6.89 -20.09
C ALA D 369 7.04 7.25 -19.01
N PRO D 370 7.42 8.16 -18.11
CA PRO D 370 6.56 8.60 -17.01
C PRO D 370 5.32 9.32 -17.49
N ALA D 371 5.40 9.84 -18.72
CA ALA D 371 4.28 10.57 -19.31
C ALA D 371 4.55 10.73 -20.78
N PRO D 372 3.53 11.15 -21.53
CA PRO D 372 3.63 11.36 -22.97
C PRO D 372 4.75 12.37 -23.21
N GLU D 373 5.55 12.16 -24.25
CA GLU D 373 6.66 13.09 -24.55
C GLU D 373 7.64 13.23 -23.37
N GLN D 374 7.94 12.14 -22.67
CA GLN D 374 8.86 12.18 -21.53
C GLN D 374 9.58 10.88 -21.28
N GLY D 375 10.77 10.98 -20.70
CA GLY D 375 11.49 9.78 -20.36
C GLY D 375 12.66 9.48 -21.23
N HIS D 376 12.90 8.19 -21.45
CA HIS D 376 14.00 7.74 -22.27
C HIS D 376 15.23 8.48 -21.84
N THR D 377 15.49 8.43 -20.53
CA THR D 377 16.66 9.08 -19.95
C THR D 377 17.26 8.17 -18.90
N LEU D 378 18.59 8.14 -18.86
CA LEU D 378 19.33 7.33 -17.90
C LEU D 378 19.85 8.27 -16.82
N LEU D 379 19.55 7.94 -15.56
CA LEU D 379 20.03 8.73 -14.43
C LEU D 379 21.25 8.03 -13.81
N GLY D 380 22.31 8.81 -13.56
CA GLY D 380 23.53 8.26 -12.98
C GLY D 380 24.40 7.56 -14.01
N ASP D 381 25.71 7.60 -13.77
CA ASP D 381 26.67 7.03 -14.68
C ASP D 381 27.03 5.58 -14.34
N PRO D 382 26.72 4.63 -15.23
CA PRO D 382 27.03 3.22 -15.00
C PRO D 382 28.51 2.94 -14.83
N SER D 383 29.38 3.83 -15.31
CA SER D 383 30.80 3.59 -15.18
C SER D 383 31.24 3.66 -13.72
N ASN D 384 30.48 4.42 -12.94
CA ASN D 384 30.78 4.56 -11.55
C ASN D 384 29.55 4.77 -10.71
N PRO D 385 28.85 3.67 -10.45
CA PRO D 385 27.61 3.56 -9.68
C PRO D 385 27.69 4.29 -8.34
N ASP D 386 26.93 5.38 -8.22
CA ASP D 386 26.92 6.18 -7.00
C ASP D 386 25.56 6.81 -6.70
N LEU D 387 24.50 6.13 -7.08
CA LEU D 387 23.20 6.71 -6.82
C LEU D 387 22.78 6.36 -5.39
N GLU D 388 21.77 7.06 -4.87
CA GLU D 388 21.25 6.83 -3.52
C GLU D 388 19.73 6.95 -3.63
N VAL D 389 19.09 5.97 -4.28
CA VAL D 389 17.63 5.99 -4.50
C VAL D 389 16.85 5.39 -3.38
N GLY D 390 17.57 4.85 -2.40
CA GLY D 390 16.95 4.18 -1.29
C GLY D 390 16.94 2.71 -1.69
N LEU D 391 15.80 2.06 -1.53
CA LEU D 391 15.65 0.66 -1.94
C LEU D 391 15.16 0.61 -3.38
N SER D 392 15.72 -0.30 -4.16
CA SER D 392 15.34 -0.42 -5.55
C SER D 392 14.60 -1.75 -5.68
N SER D 393 13.27 -1.71 -5.89
CA SER D 393 12.47 -2.95 -5.93
C SER D 393 13.02 -4.20 -6.64
N GLY D 394 13.57 -4.07 -7.84
CA GLY D 394 14.07 -5.25 -8.49
C GLY D 394 15.32 -5.89 -7.90
N GLN D 395 15.91 -5.27 -6.90
CA GLN D 395 17.15 -5.80 -6.28
C GLN D 395 16.86 -7.17 -5.69
N GLY D 396 17.84 -8.05 -5.76
CA GLY D 396 17.60 -9.39 -5.26
C GLY D 396 17.11 -9.59 -3.83
N ALA D 397 17.41 -8.64 -2.95
CA ALA D 397 17.04 -8.77 -1.55
C ALA D 397 16.24 -7.63 -0.96
N THR D 398 15.60 -6.84 -1.78
CA THR D 398 14.86 -5.72 -1.22
C THR D 398 14.07 -6.03 0.03
N ASP D 399 13.37 -7.16 0.08
CA ASP D 399 12.58 -7.45 1.29
C ASP D 399 13.45 -7.58 2.54
N LEU D 400 14.62 -8.18 2.36
CA LEU D 400 15.51 -8.38 3.45
C LEU D 400 16.07 -7.06 3.91
N MET D 401 16.48 -6.19 2.97
CA MET D 401 17.02 -4.90 3.36
C MET D 401 15.98 -4.10 4.15
N GLY D 402 14.73 -4.17 3.72
CA GLY D 402 13.68 -3.47 4.43
C GLY D 402 13.40 -4.04 5.82
N THR D 403 13.38 -5.35 5.93
CA THR D 403 13.12 -5.98 7.22
C THR D 403 14.28 -5.70 8.20
N LEU D 404 15.50 -5.92 7.75
CA LEU D 404 16.68 -5.64 8.57
C LEU D 404 16.57 -4.18 9.07
N LEU D 405 16.37 -3.22 8.17
CA LEU D 405 16.25 -1.86 8.63
C LEU D 405 15.15 -1.67 9.64
N MET D 406 13.89 -1.88 9.23
CA MET D 406 12.78 -1.66 10.15
C MET D 406 12.77 -2.49 11.44
N SER D 407 13.09 -3.80 11.40
CA SER D 407 13.06 -4.61 12.63
C SER D 407 13.95 -3.97 13.70
N ILE D 408 15.20 -3.67 13.35
CA ILE D 408 16.07 -3.03 14.31
C ILE D 408 15.53 -1.67 14.71
N THR D 409 14.93 -0.96 13.76
CA THR D 409 14.35 0.36 14.05
C THR D 409 13.27 0.29 15.13
N TYR D 410 12.37 -0.69 15.03
CA TYR D 410 11.30 -0.85 16.02
C TYR D 410 11.93 -1.29 17.35
N LEU D 411 12.85 -2.24 17.32
CA LEU D 411 13.47 -2.65 18.57
C LEU D 411 14.06 -1.42 19.24
N VAL D 412 14.65 -0.53 18.45
CA VAL D 412 15.21 0.67 19.04
C VAL D 412 14.12 1.56 19.63
N MET D 413 13.04 1.78 18.90
CA MET D 413 11.94 2.59 19.40
C MET D 413 11.54 2.04 20.78
N GLN D 414 11.46 0.73 20.91
CA GLN D 414 11.10 0.12 22.18
C GLN D 414 12.15 0.40 23.26
N LEU D 415 13.41 0.11 22.95
CA LEU D 415 14.47 0.37 23.90
C LEU D 415 14.41 1.85 24.33
N ASP D 416 14.50 2.75 23.37
CA ASP D 416 14.48 4.18 23.66
C ASP D 416 13.32 4.64 24.52
N HIS D 417 12.08 4.38 24.13
CA HIS D 417 10.94 4.87 24.90
C HIS D 417 10.31 3.99 25.98
N THR D 418 10.71 2.74 26.10
CA THR D 418 10.05 1.90 27.08
C THR D 418 10.91 0.85 27.75
N ALA D 419 12.17 0.73 27.41
CA ALA D 419 12.93 -0.35 28.06
C ALA D 419 14.41 -0.16 28.31
N PRO D 420 14.79 1.04 28.81
CA PRO D 420 16.18 1.40 29.13
C PRO D 420 16.91 0.33 29.96
N HIS D 421 16.16 -0.36 30.81
CA HIS D 421 16.75 -1.42 31.61
C HIS D 421 17.36 -2.54 30.79
N LEU D 422 17.01 -2.60 29.50
CA LEU D 422 17.58 -3.65 28.68
C LEU D 422 18.90 -3.21 28.06
N ASN D 423 19.16 -1.91 28.08
CA ASN D 423 20.38 -1.38 27.48
C ASN D 423 21.66 -2.04 27.90
N SER D 424 21.77 -2.32 29.20
CA SER D 424 22.95 -2.95 29.81
C SER D 424 23.27 -4.28 29.18
N ARG D 425 22.26 -4.93 28.61
CA ARG D 425 22.40 -6.24 27.96
C ARG D 425 23.12 -6.17 26.60
N ILE D 426 23.31 -4.95 26.09
CA ILE D 426 23.93 -4.74 24.81
C ILE D 426 25.23 -3.95 25.01
N LYS D 427 26.31 -4.66 25.26
CA LYS D 427 27.63 -4.08 25.52
C LYS D 427 28.62 -4.24 24.37
N ASP D 428 28.48 -5.32 23.62
CA ASP D 428 29.40 -5.58 22.51
C ASP D 428 28.73 -6.47 21.49
N MET D 429 29.45 -6.85 20.43
CA MET D 429 28.81 -7.68 19.43
C MET D 429 28.14 -8.95 20.00
N PRO D 430 28.90 -9.79 20.74
CA PRO D 430 28.39 -11.03 21.35
C PRO D 430 27.13 -10.81 22.18
N SER D 431 27.23 -9.87 23.12
CA SER D 431 26.10 -9.57 23.99
C SER D 431 24.96 -9.02 23.15
N ALA D 432 25.29 -8.24 22.12
CA ALA D 432 24.29 -7.67 21.25
C ALA D 432 23.59 -8.79 20.50
N CYS D 433 24.36 -9.61 19.78
CA CYS D 433 23.80 -10.73 19.04
C CYS D 433 22.92 -11.52 19.97
N ARG D 434 23.49 -11.97 21.10
CA ARG D 434 22.74 -12.73 22.08
C ARG D 434 21.37 -12.11 22.37
N PHE D 435 21.36 -10.82 22.70
CA PHE D 435 20.12 -10.13 22.98
C PHE D 435 19.14 -10.15 21.79
N LEU D 436 19.65 -9.78 20.62
CA LEU D 436 18.82 -9.73 19.42
C LEU D 436 18.24 -11.09 19.09
N ASP D 437 19.04 -12.14 19.22
CA ASP D 437 18.58 -13.49 18.92
C ASP D 437 17.48 -13.92 19.88
N SER D 438 17.52 -13.42 21.11
CA SER D 438 16.48 -13.79 22.04
C SER D 438 15.26 -12.95 21.71
N TYR D 439 15.51 -11.69 21.41
CA TYR D 439 14.42 -10.79 21.11
C TYR D 439 13.59 -11.24 19.91
N TRP D 440 14.27 -11.65 18.85
CA TRP D 440 13.64 -12.09 17.62
C TRP D 440 12.84 -13.36 17.81
N GLN D 441 13.26 -14.19 18.76
CA GLN D 441 12.52 -15.42 19.02
C GLN D 441 11.31 -15.17 19.89
N GLY D 442 11.00 -13.91 20.18
CA GLY D 442 9.84 -13.58 20.99
C GLY D 442 9.96 -13.87 22.47
N HIS D 443 11.19 -14.16 22.91
CA HIS D 443 11.50 -14.48 24.31
C HIS D 443 11.74 -13.27 25.24
N GLU D 444 11.54 -12.03 24.80
CA GLU D 444 11.75 -10.89 25.70
C GLU D 444 10.42 -10.26 26.09
N GLU D 445 10.44 -9.36 27.07
CA GLU D 445 9.20 -8.72 27.53
C GLU D 445 8.70 -7.72 26.48
N ILE D 446 9.55 -7.40 25.51
CA ILE D 446 9.17 -6.53 24.37
C ILE D 446 9.26 -7.41 23.09
N ARG D 447 8.26 -7.28 22.22
CA ARG D 447 8.23 -8.09 21.01
C ARG D 447 7.71 -7.36 19.77
N GLN D 448 7.91 -8.00 18.62
CA GLN D 448 7.43 -7.44 17.37
C GLN D 448 7.20 -8.57 16.39
N ILE D 449 6.34 -8.33 15.43
CA ILE D 449 6.09 -9.25 14.34
C ILE D 449 6.20 -8.27 13.18
N SER D 450 7.00 -8.62 12.17
CA SER D 450 7.16 -7.71 11.05
C SER D 450 7.65 -8.27 9.73
N LYS D 451 7.43 -7.46 8.70
CA LYS D 451 7.84 -7.75 7.34
C LYS D 451 7.99 -6.38 6.71
N SER D 452 9.22 -6.03 6.39
CA SER D 452 9.50 -4.73 5.79
C SER D 452 8.83 -3.60 6.55
N ASP D 453 7.94 -2.84 5.89
CA ASP D 453 7.33 -1.71 6.55
C ASP D 453 6.04 -1.92 7.29
N ASP D 454 5.63 -3.17 7.46
CA ASP D 454 4.45 -3.44 8.26
C ASP D 454 4.94 -4.21 9.48
N ALA D 455 4.34 -3.90 10.62
CA ALA D 455 4.69 -4.55 11.87
C ALA D 455 3.74 -4.19 12.99
N MET D 456 3.84 -4.99 14.04
CA MET D 456 3.07 -4.78 15.22
C MET D 456 4.03 -4.98 16.37
N LEU D 457 4.08 -3.95 17.22
CA LEU D 457 4.97 -3.95 18.36
C LEU D 457 4.19 -4.34 19.60
N GLY D 458 4.80 -5.24 20.37
CA GLY D 458 4.15 -5.72 21.58
C GLY D 458 4.93 -5.58 22.88
N TRP D 459 4.17 -5.59 23.97
CA TRP D 459 4.68 -5.50 25.34
C TRP D 459 3.92 -6.51 26.19
N THR D 460 4.64 -7.27 27.01
CA THR D 460 4.04 -8.23 27.92
C THR D 460 3.99 -7.52 29.26
N LYS D 461 3.39 -8.14 30.28
CA LYS D 461 3.33 -7.53 31.61
C LYS D 461 4.80 -7.43 31.99
N GLY D 462 5.20 -6.28 32.55
CA GLY D 462 6.59 -6.12 32.92
C GLY D 462 6.99 -4.67 33.07
N ARG D 463 8.28 -4.43 33.25
CA ARG D 463 8.76 -3.05 33.42
C ARG D 463 8.56 -2.11 32.24
N ALA D 464 8.77 -2.63 31.04
CA ALA D 464 8.62 -1.84 29.81
C ALA D 464 7.16 -1.48 29.51
N LEU D 465 6.24 -2.34 29.95
CA LEU D 465 4.85 -2.10 29.66
C LEU D 465 4.34 -0.71 29.94
N VAL D 466 4.79 -0.08 31.01
CA VAL D 466 4.26 1.25 31.27
C VAL D 466 4.76 2.20 30.17
N GLY D 467 6.01 1.98 29.78
CA GLY D 467 6.62 2.80 28.75
C GLY D 467 5.89 2.63 27.44
N GLY D 468 5.55 1.37 27.14
CA GLY D 468 4.83 1.07 25.92
C GLY D 468 3.64 2.00 25.75
N HIS D 469 2.76 2.02 26.75
CA HIS D 469 1.61 2.90 26.70
C HIS D 469 2.02 4.33 26.42
N ARG D 470 3.06 4.81 27.09
CA ARG D 470 3.50 6.18 26.87
C ARG D 470 3.84 6.42 25.40
N LEU D 471 4.56 5.48 24.80
CA LEU D 471 4.96 5.57 23.40
C LEU D 471 3.77 5.64 22.46
N PHE D 472 2.85 4.70 22.63
CA PHE D 472 1.60 4.60 21.87
C PHE D 472 0.92 5.95 21.95
N GLU D 473 0.97 6.55 23.14
CA GLU D 473 0.37 7.83 23.35
C GLU D 473 1.16 8.88 22.56
N MET D 474 2.49 8.78 22.54
CA MET D 474 3.32 9.76 21.78
C MET D 474 2.90 9.74 20.30
N LEU D 475 2.55 8.51 19.89
CA LEU D 475 2.10 8.22 18.54
C LEU D 475 0.72 8.79 18.30
N LYS D 476 -0.23 8.58 19.21
CA LYS D 476 -1.56 9.16 18.99
C LYS D 476 -1.42 10.67 18.80
N GLU D 477 -0.72 11.34 19.71
CA GLU D 477 -0.55 12.78 19.61
C GLU D 477 0.22 13.13 18.39
N GLY D 478 1.01 12.17 17.94
CA GLY D 478 1.82 12.33 16.74
C GLY D 478 2.40 13.71 16.43
N LYS D 479 3.15 14.28 17.37
CA LYS D 479 3.77 15.58 17.12
C LYS D 479 5.25 15.37 17.08
N VAL D 480 5.66 14.23 17.63
CA VAL D 480 7.07 13.88 17.66
C VAL D 480 7.32 12.50 17.03
N ASN D 481 8.37 12.42 16.22
CA ASN D 481 8.71 11.16 15.59
C ASN D 481 9.52 10.35 16.60
N PRO D 482 9.03 9.17 16.95
CA PRO D 482 9.69 8.28 17.91
C PRO D 482 10.99 7.62 17.46
N SER D 483 11.36 7.83 16.21
CA SER D 483 12.59 7.21 15.75
C SER D 483 13.47 8.22 15.07
N PRO D 484 14.77 7.97 15.08
CA PRO D 484 15.71 8.89 14.42
C PRO D 484 16.00 8.39 13.00
N TYR D 485 15.50 7.19 12.71
CA TYR D 485 15.77 6.54 11.43
C TYR D 485 14.79 6.64 10.25
N MET D 486 13.51 6.48 10.52
CA MET D 486 12.49 6.53 9.51
C MET D 486 11.34 7.29 10.13
N LYS D 487 10.39 7.74 9.33
CA LYS D 487 9.25 8.47 9.88
C LYS D 487 8.17 7.47 10.30
N ILE D 488 8.04 7.25 11.60
CA ILE D 488 7.05 6.31 12.13
C ILE D 488 5.83 7.03 12.67
N SER D 489 4.70 6.32 12.71
CA SER D 489 3.41 6.80 13.23
C SER D 489 2.51 5.56 13.42
N TYR D 490 1.28 5.73 13.91
CA TYR D 490 0.46 4.54 14.07
C TYR D 490 -0.44 4.41 12.87
N GLU D 491 -0.75 3.16 12.48
CA GLU D 491 -1.61 2.87 11.33
C GLU D 491 -3.06 3.08 11.72
N HIS D 492 -3.73 4.01 11.03
CA HIS D 492 -5.13 4.30 11.28
C HIS D 492 -5.97 3.14 10.72
N GLY D 493 -6.18 2.15 11.58
CA GLY D 493 -6.89 0.96 11.18
C GLY D 493 -5.83 -0.10 11.37
N GLY D 494 -5.42 -0.29 12.62
CA GLY D 494 -4.39 -1.26 12.90
C GLY D 494 -4.59 -2.61 12.24
N ALA D 495 -3.67 -2.95 11.34
CA ALA D 495 -3.67 -4.25 10.66
C ALA D 495 -2.25 -4.71 10.32
N PHE D 496 -2.09 -6.02 10.16
CA PHE D 496 -0.79 -6.60 9.84
C PHE D 496 -0.89 -7.62 8.72
N LEU D 497 -0.02 -7.43 7.72
CA LEU D 497 0.06 -8.31 6.59
C LEU D 497 -1.30 -8.69 5.97
N GLY D 498 -2.16 -7.70 5.81
CA GLY D 498 -3.44 -7.93 5.18
C GLY D 498 -4.63 -8.30 6.04
N ASP D 499 -4.37 -8.58 7.31
CA ASP D 499 -5.44 -8.91 8.23
C ASP D 499 -5.59 -7.80 9.27
N ILE D 500 -6.82 -7.45 9.55
CA ILE D 500 -7.09 -6.39 10.50
C ILE D 500 -7.19 -6.91 11.92
N LEU D 501 -6.69 -6.13 12.87
CA LEU D 501 -6.76 -6.54 14.26
C LEU D 501 -8.05 -5.95 14.78
N LEU D 502 -9.01 -6.84 15.03
CA LEU D 502 -10.33 -6.47 15.51
C LEU D 502 -10.46 -6.55 17.04
N TYR D 503 -10.50 -5.37 17.64
CA TYR D 503 -10.61 -5.21 19.08
C TYR D 503 -12.08 -5.20 19.50
N ASP D 504 -12.41 -5.68 20.70
CA ASP D 504 -13.80 -5.62 21.20
C ASP D 504 -13.83 -4.44 22.16
N SER D 505 -14.85 -4.33 23.02
CA SER D 505 -14.92 -3.17 23.93
C SER D 505 -13.72 -3.01 24.86
N ARG D 506 -13.14 -4.13 25.30
CA ARG D 506 -11.96 -4.13 26.17
C ARG D 506 -10.81 -3.35 25.53
N ARG D 507 -10.63 -3.54 24.22
CA ARG D 507 -9.56 -2.90 23.46
C ARG D 507 -8.25 -3.47 23.96
N GLU D 508 -8.10 -4.79 23.89
CA GLU D 508 -6.88 -5.44 24.36
C GLU D 508 -6.46 -6.62 23.48
N PRO D 509 -5.15 -6.75 23.24
CA PRO D 509 -4.52 -7.79 22.43
C PRO D 509 -5.01 -9.22 22.69
N GLY D 510 -5.42 -9.49 23.93
CA GLY D 510 -5.90 -10.82 24.28
C GLY D 510 -7.34 -11.08 23.84
N SER D 511 -8.18 -10.07 23.87
CA SER D 511 -9.59 -10.23 23.48
C SER D 511 -9.81 -9.78 22.04
N ALA D 512 -8.73 -9.47 21.33
CA ALA D 512 -8.85 -9.04 19.94
C ALA D 512 -8.66 -10.23 19.01
N ILE D 513 -9.09 -10.06 17.76
CA ILE D 513 -8.92 -11.10 16.76
C ILE D 513 -8.49 -10.52 15.42
N PHE D 514 -7.98 -11.39 14.55
CA PHE D 514 -7.51 -11.02 13.22
C PHE D 514 -8.49 -11.43 12.12
N VAL D 515 -9.19 -10.45 11.55
CA VAL D 515 -10.13 -10.71 10.47
C VAL D 515 -9.52 -10.23 9.15
N GLY D 516 -9.96 -10.78 8.03
CA GLY D 516 -9.39 -10.32 6.79
C GLY D 516 -9.93 -8.94 6.50
N ASN D 517 -9.20 -8.13 5.74
CA ASN D 517 -9.64 -6.80 5.36
C ASN D 517 -10.68 -6.97 4.25
N ILE D 518 -11.93 -6.64 4.51
CA ILE D 518 -12.97 -6.82 3.48
C ILE D 518 -12.69 -5.97 2.21
N ASN D 519 -12.13 -4.79 2.40
CA ASN D 519 -11.82 -3.91 1.29
C ASN D 519 -10.89 -4.59 0.31
N SER D 520 -9.90 -5.28 0.83
CA SER D 520 -8.95 -5.97 -0.02
C SER D 520 -9.64 -7.00 -0.91
N MET D 521 -10.76 -7.56 -0.44
CA MET D 521 -11.49 -8.53 -1.25
C MET D 521 -12.03 -7.71 -2.41
N LEU D 522 -12.72 -6.63 -2.09
CA LEU D 522 -13.25 -5.75 -3.11
C LEU D 522 -12.16 -5.29 -4.11
N ASN D 523 -11.01 -4.84 -3.60
CA ASN D 523 -9.93 -4.41 -4.48
C ASN D 523 -9.48 -5.55 -5.40
N ASN D 524 -9.15 -6.69 -4.82
CA ASN D 524 -8.73 -7.83 -5.62
C ASN D 524 -9.75 -8.15 -6.69
N GLN D 525 -11.01 -8.30 -6.32
CA GLN D 525 -12.05 -8.65 -7.30
C GLN D 525 -12.53 -7.65 -8.33
N PHE D 526 -12.60 -6.36 -7.99
CA PHE D 526 -13.09 -5.39 -8.97
C PHE D 526 -12.08 -4.35 -9.44
N SER D 527 -10.90 -4.38 -8.84
CA SER D 527 -9.86 -3.45 -9.24
C SER D 527 -8.48 -4.12 -9.38
N PRO D 528 -8.39 -5.23 -10.14
CA PRO D 528 -7.08 -5.88 -10.30
C PRO D 528 -6.04 -4.90 -10.82
N GLU D 529 -4.78 -5.26 -10.69
CA GLU D 529 -3.70 -4.39 -11.11
C GLU D 529 -3.28 -4.61 -12.57
N TYR D 530 -3.61 -5.79 -13.09
CA TYR D 530 -3.32 -6.15 -14.47
C TYR D 530 -4.56 -6.81 -15.02
N GLY D 531 -4.69 -6.81 -16.34
CA GLY D 531 -5.83 -7.47 -16.97
C GLY D 531 -5.57 -8.97 -17.02
N VAL D 532 -6.45 -9.70 -17.69
CA VAL D 532 -6.29 -11.15 -17.73
C VAL D 532 -5.33 -11.70 -18.75
N GLN D 533 -4.76 -10.81 -19.58
CA GLN D 533 -3.81 -11.18 -20.64
C GLN D 533 -4.21 -12.44 -21.38
N SER D 534 -5.47 -12.52 -21.85
CA SER D 534 -5.93 -13.73 -22.52
C SER D 534 -5.11 -14.04 -23.76
N GLY D 535 -4.33 -13.05 -24.18
CA GLY D 535 -3.47 -13.22 -25.34
C GLY D 535 -2.23 -14.06 -25.05
N VAL D 536 -1.90 -14.25 -23.77
CA VAL D 536 -0.72 -15.04 -23.41
C VAL D 536 -1.13 -16.49 -23.18
N ARG D 537 -0.68 -17.37 -24.06
CA ARG D 537 -1.06 -18.77 -24.00
C ARG D 537 -0.67 -19.49 -22.75
N ASP D 538 0.50 -19.14 -22.22
CA ASP D 538 1.01 -19.78 -21.01
C ASP D 538 0.51 -19.05 -19.75
N ARG D 539 -0.56 -19.55 -19.17
CA ARG D 539 -1.15 -18.89 -18.00
C ARG D 539 -0.18 -18.77 -16.85
N SER D 540 0.83 -19.66 -16.85
CA SER D 540 1.81 -19.64 -15.79
C SER D 540 2.66 -18.38 -15.93
N LYS D 541 2.73 -17.83 -17.14
CA LYS D 541 3.52 -16.62 -17.34
C LYS D 541 2.72 -15.30 -17.10
N ARG D 542 1.40 -15.38 -17.01
CA ARG D 542 0.54 -14.20 -16.80
C ARG D 542 0.61 -13.62 -15.40
N LYS D 543 0.22 -12.36 -15.26
CA LYS D 543 0.21 -11.76 -13.94
C LYS D 543 -0.93 -12.38 -13.14
N ARG D 544 -2.01 -12.78 -13.80
CA ARG D 544 -3.09 -13.43 -13.08
C ARG D 544 -3.40 -14.76 -13.77
N PRO D 545 -2.59 -15.79 -13.49
CA PRO D 545 -2.75 -17.12 -14.09
C PRO D 545 -4.17 -17.70 -14.05
N PHE D 546 -4.77 -17.82 -12.87
CA PHE D 546 -6.11 -18.40 -12.79
C PHE D 546 -7.04 -17.61 -11.88
N PRO D 547 -7.53 -16.48 -12.38
CA PRO D 547 -8.43 -15.60 -11.64
C PRO D 547 -9.58 -16.26 -10.93
N GLY D 548 -10.35 -17.09 -11.65
CA GLY D 548 -11.50 -17.75 -11.06
C GLY D 548 -11.26 -18.49 -9.76
N LEU D 549 -10.03 -18.98 -9.58
CA LEU D 549 -9.64 -19.73 -8.40
C LEU D 549 -9.81 -19.00 -7.10
N ALA D 550 -9.67 -17.69 -7.11
CA ALA D 550 -9.79 -16.93 -5.86
C ALA D 550 -11.18 -16.98 -5.26
N TRP D 551 -12.16 -17.46 -6.02
CA TRP D 551 -13.51 -17.54 -5.51
C TRP D 551 -13.50 -18.65 -4.45
N ALA D 552 -12.82 -19.74 -4.79
CA ALA D 552 -12.68 -20.88 -3.91
C ALA D 552 -12.12 -20.52 -2.52
N SER D 553 -11.07 -19.70 -2.47
CA SER D 553 -10.49 -19.34 -1.19
C SER D 553 -11.19 -18.19 -0.51
N MET D 554 -12.02 -17.45 -1.25
CA MET D 554 -12.73 -16.29 -0.68
C MET D 554 -13.26 -16.42 0.75
N LYS D 555 -14.11 -17.43 0.97
CA LYS D 555 -14.72 -17.70 2.28
C LYS D 555 -13.63 -17.84 3.35
N ASP D 556 -12.63 -18.65 3.03
CA ASP D 556 -11.52 -18.85 3.94
C ASP D 556 -10.74 -17.53 4.22
N THR D 557 -10.44 -16.78 3.17
CA THR D 557 -9.68 -15.55 3.34
C THR D 557 -10.42 -14.43 4.07
N TYR D 558 -11.62 -14.08 3.58
CA TYR D 558 -12.37 -12.97 4.17
C TYR D 558 -13.58 -13.28 5.03
N GLY D 559 -13.97 -14.56 5.05
CA GLY D 559 -15.16 -15.00 5.80
C GLY D 559 -15.30 -14.53 7.24
N ALA D 560 -14.17 -14.46 7.93
CA ALA D 560 -14.12 -14.03 9.33
C ALA D 560 -14.47 -12.56 9.42
N CYS D 561 -14.55 -11.91 8.27
CA CYS D 561 -14.86 -10.51 8.28
C CYS D 561 -16.26 -10.31 8.84
N PRO D 562 -16.46 -9.29 9.67
CA PRO D 562 -17.76 -9.00 10.27
C PRO D 562 -18.87 -8.76 9.25
N ILE D 563 -18.60 -7.97 8.20
CA ILE D 563 -19.67 -7.71 7.23
C ILE D 563 -19.62 -8.54 5.97
N TYR D 564 -18.86 -9.63 6.01
CA TYR D 564 -18.75 -10.52 4.88
C TYR D 564 -20.11 -10.71 4.19
N SER D 565 -20.95 -11.56 4.76
CA SER D 565 -22.30 -11.81 4.22
C SER D 565 -22.90 -10.59 3.53
N ASP D 566 -22.97 -9.48 4.24
CA ASP D 566 -23.56 -8.26 3.69
C ASP D 566 -22.95 -7.81 2.39
N VAL D 567 -21.63 -7.73 2.34
CA VAL D 567 -20.94 -7.30 1.13
C VAL D 567 -21.23 -8.25 -0.02
N LEU D 568 -21.12 -9.56 0.20
CA LEU D 568 -21.40 -10.48 -0.90
C LEU D 568 -22.80 -10.22 -1.45
N GLU D 569 -23.75 -9.93 -0.56
CA GLU D 569 -25.11 -9.66 -0.99
C GLU D 569 -25.17 -8.34 -1.71
N ALA D 570 -24.59 -7.31 -1.10
CA ALA D 570 -24.56 -5.98 -1.71
C ALA D 570 -24.02 -6.11 -3.15
N ILE D 571 -22.96 -6.90 -3.32
CA ILE D 571 -22.36 -7.11 -4.63
C ILE D 571 -23.40 -7.74 -5.54
N GLU D 572 -23.78 -8.98 -5.21
CA GLU D 572 -24.73 -9.73 -6.02
C GLU D 572 -25.86 -8.85 -6.52
N ARG D 573 -26.36 -8.02 -5.60
CA ARG D 573 -27.45 -7.11 -5.89
C ARG D 573 -27.07 -6.07 -6.93
N CYS D 574 -26.04 -5.28 -6.61
CA CYS D 574 -25.58 -4.23 -7.52
C CYS D 574 -25.16 -4.77 -8.86
N TRP D 575 -24.75 -6.04 -8.87
CA TRP D 575 -24.32 -6.68 -10.08
C TRP D 575 -25.56 -7.00 -10.86
N TRP D 576 -26.64 -7.35 -10.15
CA TRP D 576 -27.89 -7.62 -10.85
C TRP D 576 -28.36 -6.34 -11.49
N ASN D 577 -28.38 -5.26 -10.72
CA ASN D 577 -28.80 -3.99 -11.29
C ASN D 577 -27.96 -3.61 -12.50
N ALA D 578 -26.68 -3.94 -12.47
CA ALA D 578 -25.82 -3.56 -13.59
C ALA D 578 -25.70 -4.54 -14.75
N PHE D 579 -25.80 -5.83 -14.48
CA PHE D 579 -25.66 -6.76 -15.59
C PHE D 579 -26.86 -7.65 -15.81
N GLY D 580 -27.83 -7.61 -14.91
CA GLY D 580 -28.98 -8.47 -15.09
C GLY D 580 -28.51 -9.91 -15.06
N GLU D 581 -27.52 -10.19 -14.21
CA GLU D 581 -26.96 -11.53 -14.05
C GLU D 581 -26.55 -11.71 -12.61
N SER D 582 -26.34 -12.96 -12.20
CA SER D 582 -25.91 -13.28 -10.83
C SER D 582 -24.39 -13.27 -10.75
N TYR D 583 -23.82 -12.38 -9.95
CA TYR D 583 -22.38 -12.37 -9.84
C TYR D 583 -21.87 -13.72 -9.29
N ARG D 584 -22.56 -14.28 -8.31
CA ARG D 584 -22.12 -15.55 -7.74
C ARG D 584 -21.95 -16.58 -8.83
N ALA D 585 -22.98 -16.65 -9.66
CA ALA D 585 -23.01 -17.60 -10.76
C ALA D 585 -21.82 -17.34 -11.70
N TYR D 586 -21.61 -16.07 -12.04
CA TYR D 586 -20.51 -15.67 -12.90
C TYR D 586 -19.19 -16.26 -12.37
N ARG D 587 -18.93 -16.02 -11.09
CA ARG D 587 -17.70 -16.50 -10.47
C ARG D 587 -17.64 -18.01 -10.35
N GLU D 588 -18.80 -18.65 -10.18
CA GLU D 588 -18.79 -20.10 -10.08
C GLU D 588 -18.39 -20.66 -11.43
N ASP D 589 -18.79 -19.99 -12.51
CA ASP D 589 -18.40 -20.46 -13.83
C ASP D 589 -16.91 -20.32 -14.00
N MET D 590 -16.40 -19.12 -13.73
CA MET D 590 -14.98 -18.82 -13.85
C MET D 590 -14.21 -19.85 -13.00
N LEU D 591 -14.76 -20.17 -11.83
CA LEU D 591 -14.12 -21.16 -10.97
C LEU D 591 -13.97 -22.50 -11.72
N LYS D 592 -15.09 -23.02 -12.25
CA LYS D 592 -15.07 -24.27 -12.99
C LYS D 592 -14.10 -24.22 -14.15
N ARG D 593 -14.19 -23.18 -14.99
CA ARG D 593 -13.30 -23.06 -16.13
C ARG D 593 -11.85 -23.11 -15.69
N ASP D 594 -11.50 -22.23 -14.76
CA ASP D 594 -10.13 -22.17 -14.29
C ASP D 594 -9.64 -23.46 -13.64
N THR D 595 -10.46 -24.05 -12.77
CA THR D 595 -10.06 -25.29 -12.10
C THR D 595 -9.66 -26.33 -13.16
N LEU D 596 -10.37 -26.34 -14.28
CA LEU D 596 -10.09 -27.30 -15.34
C LEU D 596 -8.81 -26.96 -16.08
N GLU D 597 -8.64 -25.68 -16.35
CA GLU D 597 -7.46 -25.24 -17.06
C GLU D 597 -6.23 -25.55 -16.19
N LEU D 598 -6.38 -25.37 -14.88
CA LEU D 598 -5.28 -25.60 -13.95
C LEU D 598 -4.68 -26.97 -14.09
N SER D 599 -5.51 -27.99 -14.02
CA SER D 599 -5.03 -29.36 -14.14
C SER D 599 -4.10 -29.57 -15.37
N ARG D 600 -4.24 -28.72 -16.38
CA ARG D 600 -3.37 -28.83 -17.55
C ARG D 600 -1.93 -28.47 -17.18
N TYR D 601 -1.80 -27.64 -16.14
CA TYR D 601 -0.50 -27.14 -15.69
C TYR D 601 0.03 -27.85 -14.44
N VAL D 602 -0.81 -28.65 -13.80
CA VAL D 602 -0.35 -29.36 -12.61
C VAL D 602 -0.24 -30.84 -13.00
N ALA D 603 1.02 -31.30 -13.10
CA ALA D 603 1.31 -32.69 -13.45
C ALA D 603 0.50 -33.67 -12.58
N SER D 604 0.48 -33.41 -11.27
CA SER D 604 -0.21 -34.24 -10.27
C SER D 604 -1.72 -34.15 -10.20
N MET D 605 -2.32 -33.17 -10.85
CA MET D 605 -3.77 -33.10 -10.81
C MET D 605 -4.25 -34.01 -11.92
N ALA D 606 -5.20 -34.87 -11.59
CA ALA D 606 -5.77 -35.76 -12.60
C ALA D 606 -6.34 -34.75 -13.61
N ARG D 607 -6.43 -35.14 -14.87
CA ARG D 607 -6.96 -34.26 -15.92
C ARG D 607 -8.45 -33.88 -15.72
N GLN D 608 -8.78 -33.56 -14.46
CA GLN D 608 -10.12 -33.14 -13.96
C GLN D 608 -10.26 -33.40 -12.45
N ALA D 609 -9.13 -33.57 -11.76
CA ALA D 609 -9.15 -33.82 -10.31
C ALA D 609 -9.44 -32.46 -9.67
N GLY D 610 -10.42 -32.44 -8.78
CA GLY D 610 -10.81 -31.20 -8.13
C GLY D 610 -9.71 -30.39 -7.47
N LEU D 611 -10.12 -29.34 -6.77
CA LEU D 611 -9.19 -28.46 -6.05
C LEU D 611 -8.93 -29.07 -4.67
N ALA D 612 -9.41 -30.30 -4.49
CA ALA D 612 -9.29 -31.03 -3.25
C ALA D 612 -8.02 -30.76 -2.45
N GLU D 613 -6.90 -31.15 -3.02
CA GLU D 613 -5.60 -31.02 -2.38
C GLU D 613 -4.96 -29.63 -2.27
N LEU D 614 -5.71 -28.55 -2.52
CA LEU D 614 -5.10 -27.23 -2.46
C LEU D 614 -5.58 -26.35 -1.33
N THR D 615 -4.61 -25.69 -0.73
CA THR D 615 -4.81 -24.79 0.40
C THR D 615 -5.39 -23.49 -0.13
N PRO D 616 -5.90 -22.66 0.77
CA PRO D 616 -6.47 -21.37 0.36
C PRO D 616 -5.33 -20.51 -0.22
N ILE D 617 -4.18 -20.62 0.41
CA ILE D 617 -3.02 -19.88 -0.04
C ILE D 617 -2.73 -20.25 -1.48
N ASP D 618 -2.69 -21.55 -1.76
CA ASP D 618 -2.42 -22.02 -3.12
C ASP D 618 -3.30 -21.29 -4.12
N LEU D 619 -4.57 -21.19 -3.79
CA LEU D 619 -5.50 -20.51 -4.66
C LEU D 619 -5.22 -19.04 -4.80
N GLU D 620 -5.16 -18.32 -3.68
CA GLU D 620 -4.90 -16.88 -3.72
C GLU D 620 -3.63 -16.56 -4.51
N VAL D 621 -2.63 -17.42 -4.40
CA VAL D 621 -1.35 -17.25 -5.10
C VAL D 621 -1.48 -17.48 -6.60
N LEU D 622 -2.24 -18.52 -6.97
CA LEU D 622 -2.47 -18.84 -8.38
C LEU D 622 -3.29 -17.73 -9.05
N ALA D 623 -4.18 -17.12 -8.27
CA ALA D 623 -5.02 -16.04 -8.77
C ALA D 623 -4.24 -14.75 -8.83
N ASP D 624 -3.23 -14.65 -7.96
CA ASP D 624 -2.36 -13.48 -7.88
C ASP D 624 -0.97 -13.83 -7.40
N PRO D 625 -0.07 -14.21 -8.33
CA PRO D 625 1.31 -14.57 -7.97
C PRO D 625 2.07 -13.44 -7.26
N ASN D 626 1.51 -12.25 -7.30
CA ASN D 626 2.15 -11.10 -6.65
C ASN D 626 2.13 -11.22 -5.14
N LYS D 627 1.16 -11.95 -4.61
CA LYS D 627 1.05 -12.15 -3.17
C LYS D 627 2.27 -12.93 -2.66
N LEU D 628 3.02 -13.50 -3.58
CA LEU D 628 4.19 -14.26 -3.25
C LEU D 628 5.39 -13.32 -3.00
N GLN D 629 5.30 -12.09 -3.50
CA GLN D 629 6.37 -11.12 -3.32
C GLN D 629 6.04 -10.09 -2.26
N TYR D 630 5.09 -10.39 -1.38
CA TYR D 630 4.77 -9.42 -0.34
C TYR D 630 3.99 -9.98 0.84
N LYS D 631 3.45 -11.19 0.73
CA LYS D 631 2.64 -11.75 1.79
C LYS D 631 3.07 -13.14 2.25
N TRP D 632 3.46 -13.97 1.30
CA TRP D 632 3.84 -15.34 1.59
C TRP D 632 5.17 -15.71 0.98
N THR D 633 5.64 -16.91 1.31
CA THR D 633 6.92 -17.37 0.80
C THR D 633 6.79 -18.79 0.27
N GLU D 634 7.70 -19.14 -0.64
CA GLU D 634 7.76 -20.45 -1.26
C GLU D 634 7.34 -21.53 -0.30
N ALA D 635 7.73 -21.37 0.95
CA ALA D 635 7.42 -22.38 1.95
C ALA D 635 5.93 -22.49 2.27
N ASP D 636 5.19 -21.37 2.21
CA ASP D 636 3.75 -21.37 2.51
C ASP D 636 2.88 -21.94 1.37
N VAL D 637 3.51 -22.26 0.26
CA VAL D 637 2.81 -22.76 -0.92
C VAL D 637 3.08 -24.22 -1.23
N SER D 638 2.04 -24.97 -1.55
CA SER D 638 2.21 -26.38 -1.89
C SER D 638 3.28 -26.50 -2.97
N ALA D 639 4.15 -27.48 -2.80
CA ALA D 639 5.25 -27.70 -3.72
C ALA D 639 4.85 -27.80 -5.17
N ASN D 640 3.91 -28.69 -5.47
CA ASN D 640 3.46 -28.88 -6.86
C ASN D 640 2.90 -27.60 -7.51
N ILE D 641 2.41 -26.67 -6.69
CA ILE D 641 1.87 -25.41 -7.19
C ILE D 641 2.99 -24.40 -7.39
N HIS D 642 3.91 -24.32 -6.44
CA HIS D 642 5.04 -23.41 -6.57
C HIS D 642 5.72 -23.73 -7.92
N GLU D 643 5.91 -25.00 -8.24
CA GLU D 643 6.54 -25.37 -9.52
C GLU D 643 5.85 -24.71 -10.73
N VAL D 644 4.54 -24.49 -10.65
CA VAL D 644 3.79 -23.89 -11.74
C VAL D 644 4.27 -22.49 -12.09
N LEU D 645 4.56 -21.73 -11.04
CA LEU D 645 4.97 -20.33 -11.11
C LEU D 645 6.45 -20.06 -11.20
N MET D 646 7.24 -20.91 -10.58
CA MET D 646 8.70 -20.73 -10.58
C MET D 646 9.43 -21.93 -11.18
N HIS D 647 10.67 -21.70 -11.56
CA HIS D 647 11.50 -22.75 -12.12
C HIS D 647 12.87 -22.49 -11.54
N GLY D 648 13.61 -23.54 -11.19
CA GLY D 648 14.92 -23.29 -10.60
C GLY D 648 16.18 -23.78 -11.29
N VAL D 649 17.31 -23.35 -10.74
CA VAL D 649 18.59 -23.75 -11.25
C VAL D 649 19.04 -24.88 -10.34
N SER D 650 19.92 -25.75 -10.83
CA SER D 650 20.39 -26.89 -10.03
C SER D 650 21.00 -26.52 -8.68
N VAL D 651 20.61 -27.25 -7.64
CA VAL D 651 21.17 -26.98 -6.33
C VAL D 651 22.68 -27.13 -6.40
N GLU D 652 23.14 -28.06 -7.22
CA GLU D 652 24.56 -28.32 -7.40
C GLU D 652 25.22 -27.02 -7.82
N LYS D 653 24.79 -26.48 -8.96
CA LYS D 653 25.36 -25.23 -9.46
C LYS D 653 25.29 -24.11 -8.41
N THR D 654 24.17 -23.97 -7.70
CA THR D 654 24.05 -22.90 -6.70
C THR D 654 24.86 -23.22 -5.45
N GLU D 655 24.70 -24.43 -4.93
CA GLU D 655 25.42 -24.85 -3.75
C GLU D 655 26.91 -24.60 -3.92
N ARG D 656 27.45 -24.92 -5.08
CA ARG D 656 28.86 -24.70 -5.29
C ARG D 656 29.15 -23.19 -5.22
N PHE D 657 28.28 -22.37 -5.81
CA PHE D 657 28.42 -20.91 -5.80
C PHE D 657 28.44 -20.37 -4.38
N LEU D 658 27.40 -20.70 -3.63
CA LEU D 658 27.25 -20.27 -2.25
C LEU D 658 28.45 -20.61 -1.39
N ARG D 659 29.01 -21.78 -1.66
CA ARG D 659 30.15 -22.25 -0.91
C ARG D 659 31.34 -21.32 -1.05
N SER D 660 31.42 -20.61 -2.17
CA SER D 660 32.54 -19.70 -2.39
C SER D 660 32.21 -18.28 -1.96
N VAL D 661 30.96 -18.09 -1.56
CA VAL D 661 30.48 -16.79 -1.13
C VAL D 661 30.54 -16.73 0.36
N MET D 662 29.83 -17.65 1.01
CA MET D 662 29.81 -17.63 2.44
C MET D 662 31.16 -17.79 3.10
N PRO D 663 31.23 -17.45 4.39
CA PRO D 663 32.48 -17.54 5.13
C PRO D 663 32.71 -18.99 5.55
N ARG D 664 31.71 -19.54 6.24
CA ARG D 664 31.69 -20.92 6.76
C ARG D 664 30.24 -21.47 6.62
N PRO E 1 -51.68 -1.32 -47.44
CA PRO E 1 -52.38 -2.63 -47.58
C PRO E 1 -52.55 -3.38 -46.25
N ARG E 2 -52.90 -2.61 -45.21
CA ARG E 2 -53.12 -3.05 -43.82
C ARG E 2 -51.79 -3.19 -43.11
N ARG E 3 -51.36 -2.16 -42.39
CA ARG E 3 -50.12 -2.30 -41.64
C ARG E 3 -50.55 -3.01 -40.38
N ALA E 4 -49.77 -3.99 -39.94
CA ALA E 4 -50.12 -4.75 -38.75
C ALA E 4 -50.14 -3.84 -37.54
N PRO E 5 -51.12 -4.02 -36.63
CA PRO E 5 -51.21 -3.21 -35.41
C PRO E 5 -50.06 -3.63 -34.51
N ALA E 6 -49.43 -2.67 -33.83
CA ALA E 6 -48.32 -3.02 -32.96
C ALA E 6 -48.43 -2.34 -31.62
N PHE E 7 -48.16 -3.09 -30.55
CA PHE E 7 -48.23 -2.56 -29.20
C PHE E 7 -46.94 -2.69 -28.40
N PRO E 8 -46.63 -1.66 -27.61
CA PRO E 8 -45.42 -1.65 -26.78
C PRO E 8 -45.68 -2.53 -25.57
N LEU E 9 -44.60 -3.02 -24.96
CA LEU E 9 -44.73 -3.92 -23.82
C LEU E 9 -45.65 -3.38 -22.72
N SER E 10 -45.71 -2.06 -22.61
CA SER E 10 -46.53 -1.41 -21.60
C SER E 10 -48.02 -1.40 -21.92
N ASP E 11 -48.38 -1.67 -23.18
CA ASP E 11 -49.79 -1.66 -23.51
C ASP E 11 -50.43 -2.89 -22.90
N ILE E 12 -51.63 -2.74 -22.39
CA ILE E 12 -52.30 -3.86 -21.75
C ILE E 12 -52.36 -5.14 -22.61
N LYS E 13 -52.34 -5.00 -23.93
CA LYS E 13 -52.41 -6.18 -24.78
C LYS E 13 -51.16 -7.00 -24.66
N ALA E 14 -50.04 -6.33 -24.45
CA ALA E 14 -48.76 -7.01 -24.28
C ALA E 14 -48.69 -7.59 -22.87
N GLN E 15 -48.99 -6.71 -21.91
CA GLN E 15 -48.98 -7.09 -20.52
C GLN E 15 -49.71 -8.39 -20.25
N MET E 16 -50.86 -8.56 -20.86
CA MET E 16 -51.61 -9.76 -20.62
C MET E 16 -51.02 -11.02 -21.24
N LEU E 17 -49.82 -10.89 -21.81
CA LEU E 17 -49.18 -12.05 -22.42
C LEU E 17 -48.25 -12.70 -21.43
N PHE E 18 -47.99 -12.00 -20.34
CA PHE E 18 -47.10 -12.50 -19.32
C PHE E 18 -47.74 -12.54 -17.95
N ALA E 19 -47.77 -13.74 -17.37
CA ALA E 19 -48.37 -13.95 -16.07
C ALA E 19 -47.63 -13.24 -14.92
N ASN E 20 -48.34 -13.11 -13.80
CA ASN E 20 -47.80 -12.44 -12.62
C ASN E 20 -46.79 -13.30 -11.83
N ASN E 21 -45.66 -13.61 -12.47
CA ASN E 21 -44.59 -14.37 -11.85
C ASN E 21 -43.25 -13.87 -12.38
N ILE E 22 -42.17 -14.19 -11.70
CA ILE E 22 -40.89 -13.66 -12.17
C ILE E 22 -40.50 -14.12 -13.56
N LYS E 23 -40.48 -15.44 -13.75
CA LYS E 23 -40.11 -16.01 -15.04
C LYS E 23 -40.69 -15.20 -16.19
N ALA E 24 -42.03 -15.13 -16.23
CA ALA E 24 -42.79 -14.42 -17.27
C ALA E 24 -42.38 -12.94 -17.38
N GLN E 25 -42.50 -12.20 -16.29
CA GLN E 25 -42.11 -10.81 -16.31
C GLN E 25 -40.72 -10.67 -16.94
N GLN E 26 -39.77 -11.47 -16.45
CA GLN E 26 -38.39 -11.42 -16.97
C GLN E 26 -38.29 -11.66 -18.46
N ALA E 27 -39.14 -12.52 -19.01
CA ALA E 27 -39.11 -12.79 -20.45
C ALA E 27 -39.67 -11.58 -21.19
N SER E 28 -40.66 -10.93 -20.61
CA SER E 28 -41.25 -9.79 -21.27
C SER E 28 -40.24 -8.67 -21.40
N LYS E 29 -39.40 -8.49 -20.38
CA LYS E 29 -38.39 -7.43 -20.35
C LYS E 29 -36.99 -7.80 -20.82
N ARG E 30 -36.66 -9.09 -20.88
CA ARG E 30 -35.31 -9.55 -21.27
C ARG E 30 -34.75 -8.59 -22.29
N SER E 31 -33.58 -8.03 -22.02
CA SER E 31 -32.97 -7.10 -22.96
C SER E 31 -31.95 -7.85 -23.81
N PHE E 32 -31.47 -7.21 -24.87
CA PHE E 32 -30.49 -7.84 -25.75
C PHE E 32 -29.34 -8.41 -24.93
N LYS E 33 -28.89 -9.61 -25.27
CA LYS E 33 -27.78 -10.22 -24.54
C LYS E 33 -26.89 -11.02 -25.46
N GLU E 34 -25.59 -11.01 -25.17
CA GLU E 34 -24.65 -11.78 -25.98
C GLU E 34 -23.49 -12.19 -25.08
N GLY E 35 -22.59 -13.03 -25.59
CA GLY E 35 -21.44 -13.50 -24.83
C GLY E 35 -20.99 -14.86 -25.25
N ALA E 36 -19.68 -15.09 -25.22
CA ALA E 36 -19.08 -16.37 -25.62
C ALA E 36 -19.73 -17.57 -24.97
N ILE E 37 -19.97 -18.64 -25.74
CA ILE E 37 -20.58 -19.84 -25.20
C ILE E 37 -19.48 -20.76 -24.65
N GLU E 38 -19.85 -21.62 -23.70
CA GLU E 38 -18.91 -22.56 -23.16
C GLU E 38 -19.02 -23.71 -24.15
N THR E 39 -18.22 -23.66 -25.21
CA THR E 39 -18.25 -24.68 -26.24
C THR E 39 -18.25 -26.08 -25.63
N TYR E 40 -17.31 -26.31 -24.72
CA TYR E 40 -17.19 -27.58 -24.00
C TYR E 40 -16.84 -27.18 -22.57
N GLU E 41 -17.10 -28.05 -21.60
CA GLU E 41 -16.78 -27.73 -20.21
C GLU E 41 -15.39 -27.09 -20.12
N GLY E 42 -15.37 -25.85 -19.64
CA GLY E 42 -14.11 -25.17 -19.47
C GLY E 42 -13.50 -24.61 -20.74
N LEU E 43 -14.23 -24.52 -21.83
CA LEU E 43 -13.64 -23.97 -23.04
C LEU E 43 -14.54 -22.90 -23.59
N LEU E 44 -14.00 -21.71 -23.70
CA LEU E 44 -14.81 -20.63 -24.22
C LEU E 44 -14.67 -20.53 -25.74
N SER E 45 -15.82 -20.39 -26.42
CA SER E 45 -15.84 -20.31 -27.88
C SER E 45 -14.88 -19.28 -28.46
N VAL E 46 -14.57 -18.25 -27.68
CA VAL E 46 -13.65 -17.22 -28.15
C VAL E 46 -12.26 -17.35 -27.55
N ASP E 47 -11.99 -18.43 -26.83
CA ASP E 47 -10.68 -18.66 -26.25
C ASP E 47 -9.63 -18.57 -27.38
N PRO E 48 -8.55 -17.80 -27.18
CA PRO E 48 -7.51 -17.65 -28.21
C PRO E 48 -6.96 -18.94 -28.78
N ARG E 49 -6.71 -19.93 -27.93
CA ARG E 49 -6.19 -21.20 -28.42
C ARG E 49 -7.15 -21.72 -29.45
N PHE E 50 -8.39 -21.86 -29.03
CA PHE E 50 -9.44 -22.37 -29.89
C PHE E 50 -9.57 -21.61 -31.20
N LEU E 51 -9.64 -20.28 -31.14
CA LEU E 51 -9.79 -19.47 -32.35
C LEU E 51 -8.64 -19.74 -33.28
N SER E 52 -7.44 -19.90 -32.72
CA SER E 52 -6.29 -20.19 -33.56
C SER E 52 -6.50 -21.56 -34.20
N PHE E 53 -6.85 -22.55 -33.37
CA PHE E 53 -7.10 -23.90 -33.86
C PHE E 53 -8.09 -23.82 -35.01
N LYS E 54 -9.17 -23.09 -34.80
CA LYS E 54 -10.18 -22.95 -35.84
C LYS E 54 -9.59 -22.30 -37.10
N ASN E 55 -8.82 -21.23 -36.92
CA ASN E 55 -8.23 -20.57 -38.07
C ASN E 55 -7.31 -21.48 -38.87
N GLU E 56 -6.53 -22.31 -38.19
CA GLU E 56 -5.63 -23.20 -38.91
C GLU E 56 -6.35 -24.40 -39.52
N LEU E 57 -7.28 -25.00 -38.79
CA LEU E 57 -8.00 -26.15 -39.34
C LEU E 57 -8.80 -25.75 -40.56
N SER E 58 -9.60 -24.69 -40.43
CA SER E 58 -10.42 -24.21 -41.54
C SER E 58 -9.57 -23.88 -42.76
N ARG E 59 -8.52 -23.06 -42.60
CA ARG E 59 -7.65 -22.71 -43.74
C ARG E 59 -7.10 -23.93 -44.45
N TYR E 60 -6.56 -24.86 -43.67
CA TYR E 60 -5.96 -26.08 -44.17
C TYR E 60 -6.94 -26.96 -44.94
N LEU E 61 -7.99 -27.44 -44.28
CA LEU E 61 -8.97 -28.30 -44.95
C LEU E 61 -9.43 -27.69 -46.28
N THR E 62 -9.84 -26.43 -46.25
CA THR E 62 -10.29 -25.75 -47.45
C THR E 62 -9.22 -25.91 -48.52
N ASP E 63 -7.98 -25.60 -48.17
CA ASP E 63 -6.91 -25.72 -49.12
C ASP E 63 -6.76 -27.14 -49.67
N HIS E 64 -6.54 -28.11 -48.78
CA HIS E 64 -6.34 -29.48 -49.21
C HIS E 64 -7.55 -30.26 -49.67
N PHE E 65 -8.76 -29.75 -49.43
CA PHE E 65 -9.92 -30.50 -49.84
C PHE E 65 -11.00 -29.63 -50.44
N PRO E 66 -10.70 -29.05 -51.60
CA PRO E 66 -11.62 -28.17 -52.33
C PRO E 66 -12.88 -28.96 -52.74
N ALA E 67 -14.00 -28.25 -52.91
CA ALA E 67 -15.26 -28.88 -53.28
C ALA E 67 -15.25 -29.74 -54.54
N ASN E 68 -16.05 -30.78 -54.52
CA ASN E 68 -16.19 -31.71 -55.64
C ASN E 68 -17.66 -31.75 -56.01
N VAL E 69 -18.10 -30.67 -56.66
CA VAL E 69 -19.49 -30.56 -57.09
C VAL E 69 -19.52 -30.19 -58.57
N ASP E 70 -20.26 -30.97 -59.36
CA ASP E 70 -20.33 -30.71 -60.80
C ASP E 70 -21.35 -29.65 -61.21
N GLU E 71 -21.33 -29.28 -62.49
CA GLU E 71 -22.22 -28.27 -63.05
C GLU E 71 -23.68 -28.53 -62.67
N TYR E 72 -23.99 -29.75 -62.23
CA TYR E 72 -25.35 -30.13 -61.84
C TYR E 72 -25.55 -30.31 -60.34
N GLY E 73 -24.73 -29.66 -59.53
CA GLY E 73 -24.86 -29.78 -58.09
C GLY E 73 -24.56 -31.17 -57.55
N ARG E 74 -24.23 -32.14 -58.41
CA ARG E 74 -23.93 -33.48 -57.92
C ARG E 74 -22.56 -33.46 -57.25
N VAL E 75 -22.47 -34.07 -56.08
CA VAL E 75 -21.17 -34.08 -55.44
C VAL E 75 -20.56 -35.46 -55.65
N TYR E 76 -19.28 -35.45 -56.00
CA TYR E 76 -18.50 -36.67 -56.23
C TYR E 76 -17.19 -36.52 -55.46
N GLY E 77 -16.17 -37.26 -55.88
CA GLY E 77 -14.86 -37.17 -55.28
C GLY E 77 -14.78 -37.29 -53.78
N ASN E 78 -14.20 -36.26 -53.16
CA ASN E 78 -14.00 -36.20 -51.71
C ASN E 78 -15.23 -36.06 -50.77
N GLY E 79 -16.40 -35.78 -51.35
CA GLY E 79 -17.60 -35.63 -50.55
C GLY E 79 -17.70 -34.22 -50.00
N VAL E 80 -16.71 -33.39 -50.31
CA VAL E 80 -16.69 -32.02 -49.83
C VAL E 80 -17.50 -31.13 -50.77
N ARG E 81 -18.55 -30.49 -50.27
CA ARG E 81 -19.35 -29.63 -51.12
C ARG E 81 -19.14 -28.13 -50.98
N THR E 82 -18.23 -27.75 -50.09
CA THR E 82 -17.87 -26.33 -49.93
C THR E 82 -16.66 -26.13 -49.03
N ASN E 83 -16.20 -24.89 -48.90
CA ASN E 83 -15.03 -24.66 -48.07
C ASN E 83 -15.36 -24.94 -46.59
N PHE E 84 -14.38 -24.72 -45.71
CA PHE E 84 -14.58 -24.99 -44.29
C PHE E 84 -14.54 -23.74 -43.42
N PHE E 85 -14.64 -22.57 -44.05
CA PHE E 85 -14.60 -21.30 -43.33
C PHE E 85 -15.84 -21.00 -42.49
N GLY E 86 -16.81 -21.91 -42.53
CA GLY E 86 -18.00 -21.66 -41.76
C GLY E 86 -17.76 -21.72 -40.27
N MET E 87 -16.68 -22.36 -39.85
CA MET E 87 -16.40 -22.48 -38.43
C MET E 87 -15.85 -21.17 -37.85
N ARG E 88 -15.42 -20.27 -38.72
CA ARG E 88 -14.84 -19.00 -38.31
C ARG E 88 -15.79 -17.99 -37.68
N HIS E 89 -16.64 -18.44 -36.78
CA HIS E 89 -17.57 -17.54 -36.11
C HIS E 89 -17.31 -17.43 -34.61
N MET E 90 -17.48 -16.24 -34.04
CA MET E 90 -17.29 -16.05 -32.60
C MET E 90 -18.63 -16.48 -31.99
N ASN E 91 -18.85 -17.79 -31.85
CA ASN E 91 -20.11 -18.36 -31.33
C ASN E 91 -20.59 -17.71 -30.03
N GLY E 92 -21.80 -17.16 -30.04
CA GLY E 92 -22.30 -16.53 -28.84
C GLY E 92 -22.60 -15.06 -29.05
N PHE E 93 -22.03 -14.49 -30.11
CA PHE E 93 -22.27 -13.07 -30.43
C PHE E 93 -23.00 -13.01 -31.74
N PRO E 94 -24.24 -12.51 -31.73
CA PRO E 94 -25.05 -12.39 -32.94
C PRO E 94 -24.69 -11.25 -33.88
N MET E 95 -25.20 -11.33 -35.11
CA MET E 95 -25.04 -10.27 -36.09
C MET E 95 -26.05 -9.22 -35.57
N ILE E 96 -25.83 -7.96 -35.87
CA ILE E 96 -26.76 -6.96 -35.38
C ILE E 96 -27.29 -6.19 -36.56
N PRO E 97 -28.60 -6.01 -36.64
CA PRO E 97 -29.54 -6.52 -35.65
C PRO E 97 -30.09 -7.83 -36.20
N ALA E 98 -31.01 -8.43 -35.48
CA ALA E 98 -31.63 -9.64 -35.98
C ALA E 98 -32.81 -9.09 -36.76
N THR E 99 -33.57 -9.96 -37.39
CA THR E 99 -34.67 -9.46 -38.18
C THR E 99 -35.91 -9.35 -37.37
N TRP E 100 -36.77 -8.42 -37.77
CA TRP E 100 -38.07 -8.30 -37.14
C TRP E 100 -38.85 -9.30 -37.96
N PRO E 101 -39.68 -10.11 -37.35
CA PRO E 101 -40.42 -11.05 -38.19
C PRO E 101 -41.51 -10.31 -38.95
N LEU E 102 -41.66 -10.67 -40.22
CA LEU E 102 -42.63 -10.06 -41.13
C LEU E 102 -44.05 -10.45 -40.73
N ALA E 103 -44.91 -9.46 -40.56
CA ALA E 103 -46.29 -9.68 -40.13
C ALA E 103 -47.20 -10.32 -41.16
N SER E 104 -46.92 -10.07 -42.44
CA SER E 104 -47.73 -10.63 -43.53
C SER E 104 -46.84 -10.94 -44.71
N ASN E 105 -46.94 -12.15 -45.24
CA ASN E 105 -46.08 -12.53 -46.34
C ASN E 105 -46.80 -12.51 -47.68
N LEU E 106 -48.01 -11.96 -47.68
CA LEU E 106 -48.78 -11.89 -48.91
C LEU E 106 -48.04 -11.15 -50.01
N LYS E 107 -47.54 -9.96 -49.71
CA LYS E 107 -46.83 -9.19 -50.70
C LYS E 107 -45.52 -9.84 -51.05
N LYS E 108 -44.84 -10.38 -50.05
CA LYS E 108 -43.56 -11.04 -50.29
C LYS E 108 -43.74 -12.15 -51.33
N ARG E 109 -44.79 -12.95 -51.13
CA ARG E 109 -45.12 -14.09 -52.00
C ARG E 109 -45.49 -13.65 -53.40
N ALA E 110 -46.30 -12.62 -53.47
CA ALA E 110 -46.75 -12.10 -54.75
C ALA E 110 -45.57 -11.55 -55.57
N ASP E 111 -44.73 -10.75 -54.92
CA ASP E 111 -43.62 -10.17 -55.62
C ASP E 111 -42.65 -11.25 -56.09
N ALA E 112 -42.77 -12.43 -55.51
CA ALA E 112 -41.89 -13.55 -55.89
C ALA E 112 -42.62 -14.38 -56.94
N ASP E 113 -43.80 -13.90 -57.31
CA ASP E 113 -44.62 -14.57 -58.30
C ASP E 113 -45.02 -15.98 -57.95
N LEU E 114 -45.57 -16.15 -56.76
CA LEU E 114 -46.03 -17.44 -56.28
C LEU E 114 -47.52 -17.27 -56.10
N ALA E 115 -48.27 -18.32 -56.40
CA ALA E 115 -49.73 -18.30 -56.36
C ALA E 115 -50.39 -18.06 -55.02
N ASP E 116 -51.59 -17.50 -55.05
CA ASP E 116 -52.31 -17.25 -53.81
C ASP E 116 -53.42 -18.29 -53.56
N GLY E 117 -53.31 -19.42 -54.25
CA GLY E 117 -54.28 -20.48 -54.08
C GLY E 117 -53.89 -21.60 -55.01
N PRO E 118 -54.53 -22.79 -54.93
CA PRO E 118 -54.17 -23.91 -55.82
C PRO E 118 -54.35 -23.28 -57.20
N VAL E 119 -53.40 -23.47 -58.10
CA VAL E 119 -53.53 -22.82 -59.40
C VAL E 119 -54.45 -23.52 -60.38
N SER E 120 -54.57 -24.84 -60.23
CA SER E 120 -55.44 -25.64 -61.09
C SER E 120 -56.30 -26.56 -60.25
N GLU E 121 -57.45 -26.96 -60.78
CA GLU E 121 -58.32 -27.82 -60.00
C GLU E 121 -57.63 -29.12 -59.57
N ARG E 122 -56.68 -29.57 -60.35
CA ARG E 122 -55.97 -30.79 -60.00
C ARG E 122 -55.26 -30.55 -58.68
N ASP E 123 -54.47 -29.49 -58.65
CA ASP E 123 -53.73 -29.14 -57.47
C ASP E 123 -54.63 -29.03 -56.24
N ASN E 124 -55.77 -28.36 -56.40
CA ASN E 124 -56.68 -28.24 -55.29
C ASN E 124 -57.03 -29.62 -54.76
N LEU E 125 -57.18 -30.59 -55.64
CA LEU E 125 -57.51 -31.93 -55.17
C LEU E 125 -56.32 -32.60 -54.50
N LEU E 126 -55.15 -32.47 -55.11
CA LEU E 126 -53.94 -33.07 -54.56
C LEU E 126 -53.69 -32.60 -53.14
N PHE E 127 -53.68 -31.29 -52.93
CA PHE E 127 -53.48 -30.74 -51.58
C PHE E 127 -54.55 -31.32 -50.67
N ARG E 128 -55.80 -31.19 -51.07
CA ARG E 128 -56.88 -31.72 -50.25
C ARG E 128 -56.75 -33.20 -50.00
N ALA E 129 -56.24 -33.95 -50.96
CA ALA E 129 -56.09 -35.37 -50.77
C ALA E 129 -54.99 -35.62 -49.73
N ALA E 130 -53.91 -34.84 -49.81
CA ALA E 130 -52.81 -34.94 -48.87
C ALA E 130 -53.42 -34.87 -47.47
N VAL E 131 -54.35 -33.94 -47.26
CA VAL E 131 -55.01 -33.82 -45.97
C VAL E 131 -55.76 -35.08 -45.63
N ARG E 132 -56.55 -35.58 -46.57
CA ARG E 132 -57.33 -36.79 -46.33
C ARG E 132 -56.43 -37.97 -45.98
N LEU E 133 -55.40 -38.21 -46.78
CA LEU E 133 -54.49 -39.32 -46.48
C LEU E 133 -53.81 -39.14 -45.14
N MET E 134 -53.34 -37.92 -44.84
CA MET E 134 -52.64 -37.66 -43.58
C MET E 134 -53.46 -37.63 -42.29
N PHE E 135 -54.66 -37.07 -42.32
CA PHE E 135 -55.42 -36.98 -41.08
C PHE E 135 -56.53 -37.97 -40.86
N SER E 136 -56.50 -39.08 -41.58
CA SER E 136 -57.62 -39.99 -41.48
C SER E 136 -57.72 -41.07 -40.42
N ASP E 137 -56.90 -42.10 -40.47
CA ASP E 137 -57.11 -43.15 -39.49
C ASP E 137 -56.05 -43.19 -38.43
N LEU E 138 -56.05 -42.10 -37.67
CA LEU E 138 -55.08 -41.89 -36.61
C LEU E 138 -55.34 -42.70 -35.35
N GLU E 139 -54.23 -43.18 -34.78
CA GLU E 139 -54.18 -43.98 -33.54
C GLU E 139 -53.62 -43.17 -32.38
N PRO E 140 -54.45 -42.95 -31.35
CA PRO E 140 -54.09 -42.17 -30.14
C PRO E 140 -52.82 -42.66 -29.47
N VAL E 141 -51.98 -41.72 -29.11
CA VAL E 141 -50.74 -42.00 -28.39
C VAL E 141 -50.59 -40.98 -27.27
N PRO E 142 -49.60 -41.19 -26.41
CA PRO E 142 -49.53 -40.15 -25.37
C PRO E 142 -48.83 -38.87 -25.84
N LEU E 143 -49.27 -37.75 -25.29
CA LEU E 143 -48.70 -36.47 -25.64
C LEU E 143 -47.32 -36.31 -25.02
N LYS E 144 -46.24 -36.50 -25.77
CA LYS E 144 -44.89 -36.32 -25.17
C LYS E 144 -44.48 -34.84 -25.08
N ILE E 145 -43.77 -34.48 -24.03
CA ILE E 145 -43.34 -33.11 -23.81
C ILE E 145 -41.84 -33.03 -23.61
N ARG E 146 -41.17 -32.10 -24.28
CA ARG E 146 -39.72 -31.99 -24.12
C ARG E 146 -39.39 -31.45 -22.72
N LYS E 147 -38.53 -32.17 -22.01
CA LYS E 147 -38.15 -31.77 -20.66
C LYS E 147 -37.40 -30.43 -20.63
N GLY E 148 -37.76 -29.58 -19.69
CA GLY E 148 -37.10 -28.30 -19.58
C GLY E 148 -37.48 -27.28 -20.64
N SER E 149 -38.53 -27.56 -21.41
CA SER E 149 -38.97 -26.64 -22.44
C SER E 149 -39.84 -25.58 -21.77
N SER E 150 -39.97 -24.40 -22.37
CA SER E 150 -40.80 -23.37 -21.74
C SER E 150 -42.21 -23.40 -22.25
N THR E 151 -43.17 -23.19 -21.36
CA THR E 151 -44.56 -23.17 -21.78
C THR E 151 -44.86 -21.81 -22.43
N CYS E 152 -43.88 -20.92 -22.43
CA CYS E 152 -44.04 -19.60 -23.01
C CYS E 152 -45.29 -18.89 -22.54
N ILE E 153 -45.87 -18.05 -23.40
CA ILE E 153 -47.06 -17.31 -23.00
C ILE E 153 -48.24 -18.15 -22.49
N PRO E 154 -48.78 -17.78 -21.32
CA PRO E 154 -48.45 -16.69 -20.41
C PRO E 154 -47.52 -17.02 -19.23
N TYR E 155 -47.34 -18.31 -18.89
CA TYR E 155 -46.52 -18.71 -17.72
C TYR E 155 -45.01 -18.84 -17.77
N PHE E 156 -44.49 -19.31 -18.90
CA PHE E 156 -43.06 -19.44 -19.01
C PHE E 156 -42.54 -20.39 -17.93
N SER E 157 -43.19 -21.54 -17.76
CA SER E 157 -42.75 -22.51 -16.78
C SER E 157 -41.89 -23.59 -17.43
N ASN E 158 -41.03 -24.26 -16.64
CA ASN E 158 -40.12 -25.33 -17.12
C ASN E 158 -40.32 -26.60 -16.34
N ASP E 159 -41.08 -26.46 -15.25
CA ASP E 159 -41.40 -27.54 -14.34
C ASP E 159 -42.31 -28.57 -15.03
N MET E 160 -41.80 -29.77 -15.24
CA MET E 160 -42.59 -30.79 -15.91
C MET E 160 -43.93 -30.97 -15.24
N GLY E 161 -43.93 -30.87 -13.92
CA GLY E 161 -45.17 -31.05 -13.21
C GLY E 161 -46.20 -30.09 -13.72
N THR E 162 -45.81 -28.82 -13.80
CA THR E 162 -46.66 -27.75 -14.27
C THR E 162 -47.05 -27.94 -15.73
N LYS E 163 -46.09 -28.29 -16.57
CA LYS E 163 -46.38 -28.50 -17.98
C LYS E 163 -47.48 -29.57 -18.15
N ILE E 164 -47.35 -30.68 -17.43
CA ILE E 164 -48.34 -31.74 -17.55
C ILE E 164 -49.72 -31.28 -17.16
N GLU E 165 -49.84 -30.55 -16.05
CA GLU E 165 -51.14 -30.07 -15.61
C GLU E 165 -51.70 -29.18 -16.71
N ILE E 166 -50.85 -28.29 -17.20
CA ILE E 166 -51.21 -27.36 -18.27
C ILE E 166 -51.80 -28.11 -19.47
N ALA E 167 -51.11 -29.16 -19.90
CA ALA E 167 -51.56 -29.95 -21.03
C ALA E 167 -52.88 -30.65 -20.74
N GLU E 168 -52.92 -31.46 -19.69
CA GLU E 168 -54.14 -32.18 -19.33
C GLU E 168 -55.33 -31.22 -19.30
N ARG E 169 -55.11 -30.05 -18.69
CA ARG E 169 -56.13 -29.02 -18.62
C ARG E 169 -56.57 -28.61 -20.02
N ALA E 170 -55.60 -28.30 -20.87
CA ALA E 170 -55.88 -27.90 -22.24
C ALA E 170 -56.71 -28.96 -22.93
N LEU E 171 -56.28 -30.22 -22.86
CA LEU E 171 -57.07 -31.23 -23.51
C LEU E 171 -58.50 -31.23 -22.96
N GLU E 172 -58.66 -30.92 -21.69
CA GLU E 172 -60.01 -30.88 -21.12
C GLU E 172 -60.79 -29.66 -21.57
N LYS E 173 -60.17 -28.49 -21.66
CA LYS E 173 -60.95 -27.32 -22.08
C LYS E 173 -60.76 -26.83 -23.55
N ALA E 174 -59.97 -27.58 -24.34
CA ALA E 174 -59.69 -27.25 -25.74
C ALA E 174 -61.01 -27.03 -26.45
N GLU E 175 -61.91 -27.99 -26.30
CA GLU E 175 -63.22 -27.90 -26.93
C GLU E 175 -63.93 -26.60 -26.56
N GLU E 176 -64.05 -26.35 -25.28
CA GLU E 176 -64.74 -25.16 -24.83
C GLU E 176 -64.06 -23.90 -25.32
N ALA E 177 -62.74 -23.97 -25.50
CA ALA E 177 -61.94 -22.82 -25.97
C ALA E 177 -62.19 -22.55 -27.44
N GLY E 178 -62.08 -23.62 -28.21
CA GLY E 178 -62.30 -23.51 -29.64
C GLY E 178 -63.67 -22.91 -29.95
N ASN E 179 -64.69 -23.36 -29.23
CA ASN E 179 -66.03 -22.83 -29.47
C ASN E 179 -66.05 -21.35 -29.15
N LEU E 180 -65.37 -20.97 -28.08
CA LEU E 180 -65.32 -19.58 -27.71
C LEU E 180 -64.72 -18.78 -28.86
N MET E 181 -63.81 -19.45 -29.56
CA MET E 181 -63.12 -18.86 -30.69
C MET E 181 -64.04 -18.83 -31.89
N LEU E 182 -64.78 -19.91 -32.12
CA LEU E 182 -65.72 -19.95 -33.24
C LEU E 182 -66.68 -18.75 -33.12
N GLN E 183 -67.06 -18.40 -31.88
CA GLN E 183 -67.96 -17.27 -31.62
C GLN E 183 -67.23 -15.94 -31.70
N GLY E 184 -65.95 -16.00 -32.03
CA GLY E 184 -65.17 -14.78 -32.14
C GLY E 184 -64.68 -14.14 -30.85
N LYS E 185 -64.75 -14.90 -29.75
CA LYS E 185 -64.34 -14.40 -28.44
C LYS E 185 -62.95 -14.91 -28.09
N PHE E 186 -61.93 -14.46 -28.83
CA PHE E 186 -60.57 -14.91 -28.57
C PHE E 186 -60.04 -14.47 -27.23
N ASP E 187 -60.38 -13.24 -26.85
CA ASP E 187 -59.94 -12.72 -25.58
C ASP E 187 -60.49 -13.64 -24.48
N ASP E 188 -61.76 -14.01 -24.59
CA ASP E 188 -62.33 -14.89 -23.59
C ASP E 188 -61.52 -16.18 -23.57
N ALA E 189 -61.30 -16.77 -24.74
CA ALA E 189 -60.58 -18.03 -24.80
C ALA E 189 -59.19 -17.94 -24.21
N TYR E 190 -58.48 -16.84 -24.47
CA TYR E 190 -57.14 -16.65 -23.92
C TYR E 190 -57.18 -16.54 -22.39
N GLN E 191 -57.99 -15.59 -21.92
CA GLN E 191 -58.16 -15.38 -20.50
C GLN E 191 -58.63 -16.60 -19.70
N LEU E 192 -59.54 -17.38 -20.27
CA LEU E 192 -60.04 -18.55 -19.55
C LEU E 192 -59.17 -19.78 -19.64
N HIS E 193 -58.52 -20.00 -20.77
CA HIS E 193 -57.72 -21.22 -20.91
C HIS E 193 -56.34 -21.04 -21.52
N GLN E 194 -55.87 -19.78 -21.58
CA GLN E 194 -54.55 -19.48 -22.12
C GLN E 194 -54.31 -19.98 -23.55
N MET E 195 -55.37 -20.08 -24.34
CA MET E 195 -55.26 -20.52 -25.73
C MET E 195 -55.45 -19.27 -26.61
N GLY E 196 -54.33 -18.67 -26.95
CA GLY E 196 -54.35 -17.45 -27.74
C GLY E 196 -53.13 -16.65 -27.37
N GLY E 197 -53.28 -15.33 -27.33
CA GLY E 197 -52.14 -14.50 -26.96
C GLY E 197 -51.18 -14.25 -28.10
N ALA E 198 -50.05 -14.95 -28.10
CA ALA E 198 -49.06 -14.77 -29.15
C ALA E 198 -47.87 -15.70 -29.03
N TYR E 199 -47.06 -15.71 -30.08
CA TYR E 199 -45.86 -16.51 -30.09
C TYR E 199 -44.83 -15.59 -29.49
N TYR E 200 -43.85 -16.20 -28.84
CA TYR E 200 -42.75 -15.49 -28.19
C TYR E 200 -41.49 -15.63 -29.05
N VAL E 201 -41.04 -14.55 -29.66
CA VAL E 201 -39.86 -14.65 -30.51
C VAL E 201 -38.57 -14.89 -29.78
N VAL E 202 -37.91 -15.99 -30.09
CA VAL E 202 -36.63 -16.27 -29.47
C VAL E 202 -35.70 -16.38 -30.66
N TYR E 203 -34.60 -15.68 -30.59
CA TYR E 203 -33.58 -15.65 -31.62
C TYR E 203 -32.61 -16.81 -31.42
N ARG E 204 -32.38 -17.58 -32.47
CA ARG E 204 -31.49 -18.73 -32.40
C ARG E 204 -30.25 -18.62 -33.27
N ALA E 205 -29.17 -19.25 -32.81
CA ALA E 205 -27.92 -19.18 -33.52
C ALA E 205 -27.83 -20.15 -34.68
N GLN E 206 -27.07 -19.73 -35.68
CA GLN E 206 -26.80 -20.49 -36.89
C GLN E 206 -25.27 -20.36 -36.86
N SER E 207 -24.71 -21.11 -35.93
CA SER E 207 -23.27 -21.13 -35.62
C SER E 207 -22.31 -21.16 -36.80
N THR E 208 -22.83 -21.56 -37.94
CA THR E 208 -22.01 -21.63 -39.14
C THR E 208 -22.81 -21.11 -40.31
N ASP E 209 -22.21 -20.20 -41.03
CA ASP E 209 -22.86 -19.62 -42.17
C ASP E 209 -21.73 -19.45 -43.16
N ALA E 210 -22.06 -19.09 -44.39
CA ALA E 210 -21.03 -18.93 -45.39
C ALA E 210 -20.02 -17.83 -45.11
N ILE E 211 -18.78 -18.14 -45.48
CA ILE E 211 -17.66 -17.23 -45.37
C ILE E 211 -16.72 -17.69 -46.47
N THR E 212 -16.24 -16.73 -47.26
CA THR E 212 -15.33 -17.04 -48.34
C THR E 212 -14.09 -16.18 -48.23
N LEU E 213 -13.08 -16.59 -48.99
CA LEU E 213 -11.83 -15.87 -48.97
C LEU E 213 -11.48 -15.27 -50.33
N ASP E 214 -11.79 -13.97 -50.50
CA ASP E 214 -11.51 -13.23 -51.74
C ASP E 214 -10.01 -13.38 -52.07
N PRO E 215 -9.68 -14.15 -53.14
CA PRO E 215 -8.27 -14.35 -53.52
C PRO E 215 -7.47 -13.08 -53.78
N LYS E 216 -8.17 -12.05 -54.28
CA LYS E 216 -7.58 -10.74 -54.58
C LYS E 216 -7.08 -10.05 -53.29
N THR E 217 -8.02 -9.71 -52.40
CA THR E 217 -7.74 -9.04 -51.14
C THR E 217 -7.04 -9.88 -50.08
N GLY E 218 -7.26 -11.20 -50.11
CA GLY E 218 -6.67 -12.06 -49.10
C GLY E 218 -7.47 -11.92 -47.81
N LYS E 219 -8.62 -11.26 -47.93
CA LYS E 219 -9.53 -11.01 -46.82
C LYS E 219 -10.75 -11.93 -46.90
N PHE E 220 -11.41 -12.15 -45.76
CA PHE E 220 -12.58 -13.02 -45.72
C PHE E 220 -13.85 -12.23 -45.92
N VAL E 221 -14.91 -12.91 -46.34
CA VAL E 221 -16.17 -12.23 -46.53
C VAL E 221 -17.33 -13.02 -45.94
N SER E 222 -18.01 -12.45 -44.95
CA SER E 222 -19.14 -13.16 -44.35
C SER E 222 -20.35 -12.96 -45.24
N LYS E 223 -21.09 -14.03 -45.49
CA LYS E 223 -22.28 -13.91 -46.34
C LYS E 223 -23.30 -12.95 -45.75
N ASP E 224 -23.67 -11.93 -46.51
CA ASP E 224 -24.64 -10.98 -46.01
C ASP E 224 -25.96 -11.67 -45.74
N ARG E 225 -26.67 -11.20 -44.72
CA ARG E 225 -27.98 -11.74 -44.37
C ARG E 225 -28.94 -10.59 -44.23
N MET E 226 -29.89 -10.50 -45.14
CA MET E 226 -30.84 -9.40 -45.12
C MET E 226 -31.78 -9.51 -43.94
N VAL E 227 -32.13 -8.37 -43.36
CA VAL E 227 -33.01 -8.34 -42.21
C VAL E 227 -33.97 -7.20 -42.39
N ALA E 228 -35.13 -7.33 -41.75
CA ALA E 228 -36.18 -6.34 -41.84
C ALA E 228 -36.25 -5.53 -40.58
N ASP E 229 -36.38 -4.21 -40.75
CA ASP E 229 -36.50 -3.35 -39.60
C ASP E 229 -37.97 -3.39 -39.24
N PHE E 230 -38.35 -2.81 -38.12
CA PHE E 230 -39.74 -2.87 -37.72
C PHE E 230 -40.75 -2.42 -38.77
N GLU E 231 -40.48 -1.27 -39.38
CA GLU E 231 -41.38 -0.72 -40.39
C GLU E 231 -41.68 -1.69 -41.48
N TYR E 232 -40.64 -2.30 -41.99
CA TYR E 232 -40.80 -3.27 -43.05
C TYR E 232 -41.69 -4.43 -42.53
N ALA E 233 -41.30 -5.03 -41.40
CA ALA E 233 -42.04 -6.15 -40.83
C ALA E 233 -43.54 -5.94 -40.66
N VAL E 234 -43.94 -4.78 -40.15
CA VAL E 234 -45.37 -4.51 -39.96
C VAL E 234 -46.10 -4.15 -41.24
N THR E 235 -45.38 -3.62 -42.21
CA THR E 235 -46.02 -3.24 -43.46
C THR E 235 -45.81 -4.30 -44.52
N GLY E 236 -45.52 -5.52 -44.09
CA GLY E 236 -45.32 -6.63 -45.02
C GLY E 236 -44.40 -6.36 -46.21
N GLY E 237 -43.56 -5.34 -46.10
CA GLY E 237 -42.63 -5.00 -47.16
C GLY E 237 -42.91 -3.64 -47.76
N GLU E 238 -44.17 -3.20 -47.70
CA GLU E 238 -44.61 -1.91 -48.27
C GLU E 238 -43.63 -0.81 -47.95
N GLN E 239 -43.42 -0.54 -46.67
CA GLN E 239 -42.46 0.48 -46.32
C GLN E 239 -41.30 -0.11 -45.59
N GLY E 240 -40.63 0.70 -44.79
CA GLY E 240 -39.48 0.19 -44.07
C GLY E 240 -38.36 -0.19 -45.03
N SER E 241 -37.34 -0.86 -44.50
CA SER E 241 -36.23 -1.26 -45.34
C SER E 241 -35.72 -2.63 -44.97
N LEU E 242 -35.04 -3.24 -45.92
CA LEU E 242 -34.48 -4.56 -45.78
C LEU E 242 -33.01 -4.35 -46.06
N PHE E 243 -32.13 -4.80 -45.17
CA PHE E 243 -30.68 -4.59 -45.34
C PHE E 243 -29.90 -5.68 -44.68
N ALA E 244 -28.60 -5.71 -44.98
CA ALA E 244 -27.74 -6.72 -44.39
C ALA E 244 -27.43 -6.39 -42.93
N ALA E 245 -27.49 -7.41 -42.09
CA ALA E 245 -27.19 -7.26 -40.67
C ALA E 245 -25.67 -7.14 -40.61
N SER E 246 -25.12 -6.65 -39.51
CA SER E 246 -23.67 -6.52 -39.45
C SER E 246 -23.03 -7.69 -38.71
N LYS E 247 -22.27 -8.51 -39.45
CA LYS E 247 -21.59 -9.66 -38.85
C LYS E 247 -20.17 -9.29 -38.38
N ASP E 248 -19.84 -8.01 -38.49
CA ASP E 248 -18.53 -7.55 -38.11
C ASP E 248 -18.29 -7.76 -36.63
N ALA E 249 -17.25 -8.53 -36.31
CA ALA E 249 -16.92 -8.84 -34.93
C ALA E 249 -15.83 -7.96 -34.29
N SER E 250 -15.54 -6.81 -34.89
CA SER E 250 -14.51 -5.92 -34.37
C SER E 250 -15.00 -5.36 -33.06
N ARG E 251 -16.29 -5.06 -33.02
CA ARG E 251 -16.88 -4.50 -31.83
C ARG E 251 -16.48 -5.31 -30.60
N LEU E 252 -16.45 -6.63 -30.71
CA LEU E 252 -16.09 -7.46 -29.58
C LEU E 252 -14.83 -7.01 -28.82
N LYS E 253 -13.83 -6.54 -29.56
CA LYS E 253 -12.58 -6.10 -28.94
C LYS E 253 -12.83 -4.84 -28.15
N GLU E 254 -13.40 -3.85 -28.83
CA GLU E 254 -13.69 -2.60 -28.19
C GLU E 254 -14.66 -2.72 -27.01
N GLN E 255 -15.63 -3.63 -27.09
CA GLN E 255 -16.66 -3.78 -26.03
C GLN E 255 -16.37 -4.71 -24.89
N TYR E 256 -15.79 -5.87 -25.19
CA TYR E 256 -15.51 -6.86 -24.15
C TYR E 256 -14.04 -7.17 -24.07
N GLY E 257 -13.25 -6.44 -24.83
CA GLY E 257 -11.82 -6.67 -24.84
C GLY E 257 -11.46 -8.02 -25.44
N ILE E 258 -12.42 -8.70 -26.07
CA ILE E 258 -12.12 -9.98 -26.67
C ILE E 258 -11.32 -9.80 -27.95
N ASP E 259 -10.18 -10.48 -28.04
CA ASP E 259 -9.35 -10.35 -29.23
C ASP E 259 -9.96 -11.11 -30.41
N VAL E 260 -10.23 -10.36 -31.48
CA VAL E 260 -10.84 -10.90 -32.69
C VAL E 260 -9.82 -11.10 -33.80
N PRO E 261 -9.39 -12.36 -34.04
CA PRO E 261 -8.42 -12.63 -35.10
C PRO E 261 -9.06 -12.37 -36.46
N ASP E 262 -8.25 -11.95 -37.42
CA ASP E 262 -8.77 -11.64 -38.72
C ASP E 262 -9.51 -12.81 -39.32
N GLY E 263 -10.69 -12.51 -39.87
CA GLY E 263 -11.48 -13.53 -40.52
C GLY E 263 -12.45 -14.29 -39.65
N PHE E 264 -12.90 -13.65 -38.59
CA PHE E 264 -13.88 -14.22 -37.67
C PHE E 264 -15.05 -13.25 -37.56
N PHE E 265 -16.26 -13.81 -37.58
CA PHE E 265 -17.46 -12.97 -37.54
C PHE E 265 -18.44 -13.34 -36.51
N CYS E 266 -19.44 -12.46 -36.36
CA CYS E 266 -20.52 -12.68 -35.44
C CYS E 266 -21.45 -13.68 -36.11
N GLU E 267 -22.22 -14.40 -35.31
CA GLU E 267 -23.15 -15.41 -35.82
C GLU E 267 -24.44 -14.87 -36.46
N ARG E 268 -24.99 -15.69 -37.33
CA ARG E 268 -26.22 -15.39 -38.02
C ARG E 268 -27.35 -15.73 -37.07
N ARG E 269 -28.33 -14.84 -36.91
CA ARG E 269 -29.41 -15.23 -36.04
C ARG E 269 -30.74 -15.37 -36.74
N ARG E 270 -31.40 -16.49 -36.46
CA ARG E 270 -32.67 -16.81 -37.05
C ARG E 270 -33.77 -16.61 -36.06
N THR E 271 -34.96 -16.21 -36.51
CA THR E 271 -36.03 -16.07 -35.55
C THR E 271 -36.64 -17.46 -35.26
N ALA E 272 -37.29 -17.58 -34.12
CA ALA E 272 -37.94 -18.83 -33.74
C ALA E 272 -39.16 -18.45 -32.87
N MET E 273 -40.20 -19.26 -32.90
CA MET E 273 -41.37 -18.89 -32.14
C MET E 273 -41.70 -19.84 -31.01
N GLY E 274 -42.01 -19.28 -29.85
CA GLY E 274 -42.42 -20.06 -28.70
C GLY E 274 -43.94 -19.98 -28.61
N GLY E 275 -44.60 -21.07 -28.96
CA GLY E 275 -46.06 -21.04 -28.92
C GLY E 275 -46.64 -21.12 -27.54
N PRO E 276 -47.83 -20.56 -27.33
CA PRO E 276 -48.43 -20.66 -26.00
C PRO E 276 -48.81 -22.13 -25.85
N PHE E 277 -48.17 -22.79 -24.90
CA PHE E 277 -48.37 -24.21 -24.69
C PHE E 277 -49.82 -24.67 -24.57
N ALA E 278 -50.65 -23.88 -23.92
CA ALA E 278 -52.06 -24.25 -23.73
C ALA E 278 -52.74 -24.54 -25.08
N LEU E 279 -52.33 -23.80 -26.11
CA LEU E 279 -52.87 -23.91 -27.44
C LEU E 279 -52.15 -25.00 -28.21
N ASN E 280 -50.83 -25.05 -28.11
CA ASN E 280 -50.07 -26.07 -28.81
C ASN E 280 -50.29 -27.50 -28.34
N ALA E 281 -50.75 -27.67 -27.11
CA ALA E 281 -50.98 -29.01 -26.57
C ALA E 281 -52.01 -29.78 -27.39
N PRO E 282 -53.25 -29.26 -27.45
CA PRO E 282 -54.29 -29.96 -28.22
C PRO E 282 -53.86 -30.22 -29.65
N ILE E 283 -53.00 -29.36 -30.20
CA ILE E 283 -52.52 -29.56 -31.55
C ILE E 283 -51.51 -30.69 -31.60
N MET E 284 -50.52 -30.67 -30.73
CA MET E 284 -49.52 -31.74 -30.69
C MET E 284 -50.26 -33.08 -30.51
N ALA E 285 -51.33 -33.07 -29.71
CA ALA E 285 -52.14 -34.28 -29.47
C ALA E 285 -52.53 -35.00 -30.77
N VAL E 286 -52.87 -34.23 -31.79
CA VAL E 286 -53.26 -34.75 -33.09
C VAL E 286 -52.04 -34.93 -34.03
N ALA E 287 -51.10 -34.00 -33.90
CA ALA E 287 -49.91 -33.98 -34.72
C ALA E 287 -49.08 -35.25 -34.70
N GLN E 288 -48.88 -35.84 -33.52
CA GLN E 288 -48.05 -37.04 -33.40
C GLN E 288 -48.67 -38.22 -34.09
N PRO E 289 -49.99 -38.42 -33.90
CA PRO E 289 -50.64 -39.54 -34.56
C PRO E 289 -50.43 -39.39 -36.09
N VAL E 290 -50.53 -38.16 -36.59
CA VAL E 290 -50.30 -37.95 -38.01
C VAL E 290 -48.88 -38.41 -38.38
N ARG E 291 -47.89 -38.04 -37.56
CA ARG E 291 -46.51 -38.43 -37.83
C ARG E 291 -46.40 -39.95 -37.91
N ASN E 292 -47.04 -40.63 -36.97
CA ASN E 292 -47.03 -42.07 -36.94
C ASN E 292 -47.62 -42.67 -38.23
N LYS E 293 -48.74 -42.13 -38.69
CA LYS E 293 -49.35 -42.63 -39.91
C LYS E 293 -48.46 -42.41 -41.12
N ILE E 294 -48.10 -41.17 -41.39
CA ILE E 294 -47.27 -40.98 -42.55
C ILE E 294 -45.92 -41.68 -42.44
N TYR E 295 -45.36 -41.83 -41.23
CA TYR E 295 -44.04 -42.50 -41.14
C TYR E 295 -44.15 -44.02 -41.30
N SER E 296 -45.36 -44.56 -41.11
CA SER E 296 -45.58 -46.00 -41.26
C SER E 296 -46.12 -46.28 -42.68
N LYS E 297 -47.40 -45.98 -42.91
CA LYS E 297 -48.02 -46.21 -44.20
C LYS E 297 -47.30 -45.53 -45.34
N TYR E 298 -46.79 -44.33 -45.13
CA TYR E 298 -46.12 -43.69 -46.24
C TYR E 298 -44.65 -43.60 -45.98
N ALA E 299 -44.15 -44.62 -45.31
CA ALA E 299 -42.74 -44.68 -44.97
C ALA E 299 -41.82 -44.52 -46.18
N TYR E 300 -42.30 -44.84 -47.38
CA TYR E 300 -41.41 -44.69 -48.51
C TYR E 300 -40.99 -43.25 -48.67
N THR E 301 -41.94 -42.32 -48.76
CA THR E 301 -41.49 -40.96 -48.99
C THR E 301 -41.31 -40.12 -47.74
N PHE E 302 -41.76 -40.63 -46.59
CA PHE E 302 -41.67 -39.85 -45.34
C PHE E 302 -40.81 -40.33 -44.16
N HIS E 303 -40.59 -41.63 -44.04
CA HIS E 303 -39.79 -42.13 -42.93
C HIS E 303 -38.34 -42.40 -43.35
N HIS E 304 -37.41 -41.54 -42.90
CA HIS E 304 -36.01 -41.71 -43.28
C HIS E 304 -35.12 -41.82 -42.06
N THR E 305 -34.21 -42.78 -42.10
CA THR E 305 -33.30 -43.01 -40.97
C THR E 305 -31.81 -43.05 -41.32
N THR E 306 -31.29 -44.19 -41.74
CA THR E 306 -29.84 -44.26 -42.01
C THR E 306 -29.41 -43.85 -43.38
N ARG E 307 -28.10 -43.76 -43.57
CA ARG E 307 -27.55 -43.39 -44.87
C ARG E 307 -27.91 -44.51 -45.84
N LEU E 308 -28.02 -45.74 -45.33
CA LEU E 308 -28.35 -46.90 -46.14
C LEU E 308 -29.84 -46.99 -46.41
N ASN E 309 -30.63 -46.55 -45.44
CA ASN E 309 -32.09 -46.53 -45.58
C ASN E 309 -32.48 -45.76 -46.85
N LYS E 310 -31.95 -44.54 -46.94
CA LYS E 310 -32.18 -43.63 -48.06
C LYS E 310 -31.56 -44.22 -49.32
N GLU E 311 -30.31 -44.66 -49.20
CA GLU E 311 -29.60 -45.23 -50.34
C GLU E 311 -30.42 -46.32 -51.04
N GLU E 312 -31.03 -47.21 -50.28
CA GLU E 312 -31.82 -48.27 -50.88
C GLU E 312 -32.82 -47.69 -51.87
N LYS E 313 -33.67 -46.76 -51.43
CA LYS E 313 -34.69 -46.13 -52.30
C LYS E 313 -34.16 -45.44 -53.55
N VAL E 314 -33.18 -44.57 -53.36
CA VAL E 314 -32.61 -43.85 -54.47
C VAL E 314 -31.86 -44.70 -55.50
N LYS E 315 -31.24 -45.80 -55.06
CA LYS E 315 -30.47 -46.64 -55.99
C LYS E 315 -31.29 -47.15 -57.16
N GLU E 316 -32.60 -47.31 -56.97
CA GLU E 316 -33.47 -47.80 -58.03
C GLU E 316 -34.00 -46.71 -58.94
N TRP E 317 -33.44 -45.52 -58.84
CA TRP E 317 -33.94 -44.47 -59.70
C TRP E 317 -33.05 -44.33 -60.89
N SER E 318 -33.61 -43.80 -61.97
CA SER E 318 -32.85 -43.60 -63.18
C SER E 318 -32.33 -42.18 -63.15
N LEU E 319 -33.05 -41.32 -62.44
CA LEU E 319 -32.68 -39.92 -62.28
C LEU E 319 -33.05 -39.50 -60.88
N CYS E 320 -32.15 -38.74 -60.24
CA CYS E 320 -32.41 -38.26 -58.88
C CYS E 320 -32.16 -36.77 -58.81
N VAL E 321 -33.22 -35.98 -58.66
CA VAL E 321 -33.06 -34.53 -58.55
C VAL E 321 -33.15 -34.11 -57.08
N ALA E 322 -32.09 -33.48 -56.59
CA ALA E 322 -32.03 -33.00 -55.21
C ALA E 322 -32.37 -31.51 -55.23
N THR E 323 -33.62 -31.20 -54.87
CA THR E 323 -34.13 -29.84 -54.88
C THR E 323 -33.72 -29.02 -53.69
N ASP E 324 -34.15 -27.76 -53.73
CA ASP E 324 -33.85 -26.77 -52.70
C ASP E 324 -34.89 -25.63 -52.65
N VAL E 325 -35.56 -25.48 -51.51
CA VAL E 325 -36.57 -24.42 -51.37
C VAL E 325 -35.98 -23.18 -50.73
N SER E 326 -36.45 -22.01 -51.14
CA SER E 326 -35.92 -20.78 -50.57
C SER E 326 -36.82 -20.21 -49.46
N ASP E 327 -36.23 -19.91 -48.30
CA ASP E 327 -36.96 -19.33 -47.17
C ASP E 327 -38.30 -20.02 -46.97
N HIS E 328 -38.27 -21.33 -46.89
CA HIS E 328 -39.48 -22.13 -46.75
C HIS E 328 -40.55 -21.57 -45.81
N ASP E 329 -40.18 -21.44 -44.55
CA ASP E 329 -41.09 -20.99 -43.52
C ASP E 329 -41.73 -19.64 -43.69
N THR E 330 -41.00 -18.65 -44.20
CA THR E 330 -41.62 -17.35 -44.31
C THR E 330 -42.46 -17.27 -45.57
N PHE E 331 -42.28 -18.24 -46.46
CA PHE E 331 -43.04 -18.26 -47.70
C PHE E 331 -44.29 -19.11 -47.60
N TRP E 332 -44.29 -20.05 -46.66
CA TRP E 332 -45.43 -20.92 -46.47
C TRP E 332 -46.70 -20.07 -46.59
N PRO E 333 -47.64 -20.51 -47.44
CA PRO E 333 -48.92 -19.82 -47.72
C PRO E 333 -50.08 -19.98 -46.75
N GLY E 334 -50.59 -18.86 -46.28
CA GLY E 334 -51.72 -18.91 -45.38
C GLY E 334 -52.90 -19.60 -46.05
N TRP E 335 -52.94 -19.58 -47.37
CA TRP E 335 -54.06 -20.23 -48.02
C TRP E 335 -54.00 -21.72 -47.81
N LEU E 336 -52.79 -22.25 -47.66
CA LEU E 336 -52.70 -23.69 -47.46
C LEU E 336 -53.30 -24.06 -46.10
N ARG E 337 -53.10 -23.15 -45.15
CA ARG E 337 -53.63 -23.31 -43.80
C ARG E 337 -55.15 -23.42 -43.89
N ASP E 338 -55.74 -22.43 -44.56
CA ASP E 338 -57.17 -22.36 -44.74
C ASP E 338 -57.70 -23.56 -45.51
N LEU E 339 -57.00 -23.95 -46.58
CA LEU E 339 -57.42 -25.11 -47.36
C LEU E 339 -57.44 -26.32 -46.43
N ILE E 340 -56.33 -26.55 -45.73
CA ILE E 340 -56.24 -27.68 -44.82
C ILE E 340 -57.39 -27.71 -43.81
N CYS E 341 -57.66 -26.55 -43.20
CA CYS E 341 -58.75 -26.45 -42.23
C CYS E 341 -60.09 -26.82 -42.84
N ASP E 342 -60.36 -26.26 -44.03
CA ASP E 342 -61.60 -26.54 -44.74
C ASP E 342 -61.74 -28.02 -45.04
N GLU E 343 -60.70 -28.63 -45.60
CA GLU E 343 -60.75 -30.03 -45.92
C GLU E 343 -60.92 -30.85 -44.65
N LEU E 344 -60.29 -30.41 -43.57
CA LEU E 344 -60.39 -31.10 -42.29
C LEU E 344 -61.82 -31.14 -41.82
N LEU E 345 -62.54 -30.02 -41.99
CA LEU E 345 -63.94 -29.98 -41.58
C LEU E 345 -64.76 -30.92 -42.44
N ASN E 346 -64.43 -30.99 -43.73
CA ASN E 346 -65.15 -31.87 -44.64
C ASN E 346 -64.96 -33.31 -44.15
N MET E 347 -63.70 -33.69 -43.86
CA MET E 347 -63.41 -35.04 -43.37
C MET E 347 -64.20 -35.30 -42.10
N GLY E 348 -64.68 -34.22 -41.46
CA GLY E 348 -65.48 -34.36 -40.25
C GLY E 348 -64.81 -34.12 -38.91
N TYR E 349 -63.82 -33.22 -38.85
CA TYR E 349 -63.12 -32.88 -37.61
C TYR E 349 -63.89 -31.84 -36.79
N ALA E 350 -64.00 -32.10 -35.49
CA ALA E 350 -64.66 -31.15 -34.62
C ALA E 350 -64.29 -29.70 -34.99
N PRO E 351 -65.29 -28.87 -35.27
CA PRO E 351 -65.10 -27.46 -35.63
C PRO E 351 -64.17 -26.74 -34.66
N TRP E 352 -64.51 -26.84 -33.37
CA TRP E 352 -63.71 -26.21 -32.34
C TRP E 352 -62.24 -26.58 -32.45
N TRP E 353 -61.93 -27.84 -32.69
CA TRP E 353 -60.53 -28.20 -32.81
C TRP E 353 -59.92 -27.60 -34.06
N VAL E 354 -60.66 -27.63 -35.17
CA VAL E 354 -60.11 -27.06 -36.38
C VAL E 354 -59.92 -25.57 -36.13
N LYS E 355 -60.84 -24.95 -35.38
CA LYS E 355 -60.67 -23.53 -35.12
C LYS E 355 -59.36 -23.25 -34.35
N LEU E 356 -59.02 -24.13 -33.40
CA LEU E 356 -57.81 -23.98 -32.62
C LEU E 356 -56.66 -24.06 -33.58
N PHE E 357 -56.65 -25.13 -34.37
CA PHE E 357 -55.58 -25.35 -35.36
C PHE E 357 -55.41 -24.15 -36.28
N GLU E 358 -56.53 -23.61 -36.78
CA GLU E 358 -56.45 -22.44 -37.64
C GLU E 358 -55.81 -21.26 -36.89
N THR E 359 -56.45 -20.84 -35.81
CA THR E 359 -55.97 -19.72 -35.00
C THR E 359 -54.48 -19.81 -34.70
N SER E 360 -54.02 -21.03 -34.40
CA SER E 360 -52.62 -21.26 -34.07
C SER E 360 -51.69 -20.84 -35.23
N LEU E 361 -52.23 -20.80 -36.43
CA LEU E 361 -51.45 -20.44 -37.59
C LEU E 361 -51.63 -19.00 -38.05
N LYS E 362 -52.33 -18.19 -37.25
CA LYS E 362 -52.49 -16.78 -37.58
C LYS E 362 -52.33 -15.88 -36.36
N LEU E 363 -51.68 -16.43 -35.35
CA LEU E 363 -51.43 -15.76 -34.08
C LEU E 363 -50.39 -14.66 -34.16
N PRO E 364 -50.51 -13.63 -33.29
CA PRO E 364 -49.60 -12.48 -33.18
C PRO E 364 -48.22 -12.93 -32.66
N VAL E 365 -47.23 -12.06 -32.75
CA VAL E 365 -45.91 -12.40 -32.25
C VAL E 365 -45.33 -11.30 -31.39
N TYR E 366 -44.73 -11.72 -30.28
CA TYR E 366 -44.10 -10.79 -29.37
C TYR E 366 -42.62 -10.80 -29.65
N VAL E 367 -42.13 -9.66 -30.13
CA VAL E 367 -40.71 -9.56 -30.42
C VAL E 367 -39.96 -9.17 -29.17
N GLY E 368 -38.98 -9.99 -28.81
CA GLY E 368 -38.20 -9.71 -27.64
C GLY E 368 -37.18 -8.62 -27.84
N ALA E 369 -35.94 -9.01 -28.10
CA ALA E 369 -34.88 -8.06 -28.26
C ALA E 369 -33.96 -8.42 -29.43
N PRO E 370 -34.34 -7.99 -30.64
CA PRO E 370 -33.57 -8.26 -31.85
C PRO E 370 -32.22 -7.58 -31.84
N ALA E 371 -32.11 -6.53 -31.03
CA ALA E 371 -30.86 -5.77 -30.91
C ALA E 371 -30.94 -4.90 -29.70
N PRO E 372 -29.81 -4.32 -29.31
CA PRO E 372 -29.74 -3.43 -28.15
C PRO E 372 -30.71 -2.29 -28.37
N GLU E 373 -31.41 -1.86 -27.32
CA GLU E 373 -32.38 -0.76 -27.47
C GLU E 373 -33.47 -1.05 -28.52
N GLN E 374 -33.95 -2.29 -28.57
CA GLN E 374 -34.98 -2.67 -29.55
C GLN E 374 -35.85 -3.82 -29.10
N GLY E 375 -37.08 -3.84 -29.59
CA GLY E 375 -37.95 -4.93 -29.26
C GLY E 375 -39.05 -4.61 -28.30
N HIS E 376 -39.38 -5.59 -27.47
CA HIS E 376 -40.43 -5.44 -26.49
C HIS E 376 -41.61 -4.82 -27.17
N THR E 377 -42.03 -5.46 -28.27
CA THR E 377 -43.18 -5.01 -29.03
C THR E 377 -43.98 -6.21 -29.48
N LEU E 378 -45.31 -6.07 -29.43
CA LEU E 378 -46.21 -7.14 -29.84
C LEU E 378 -46.77 -6.76 -31.21
N LEU E 379 -46.65 -7.68 -32.17
CA LEU E 379 -47.15 -7.48 -33.51
C LEU E 379 -48.51 -8.21 -33.65
N GLY E 380 -49.50 -7.50 -34.20
CA GLY E 380 -50.83 -8.08 -34.38
C GLY E 380 -51.65 -8.07 -33.10
N ASP E 381 -52.96 -7.97 -33.26
CA ASP E 381 -53.86 -7.90 -32.13
C ASP E 381 -54.40 -9.26 -31.72
N PRO E 382 -54.09 -9.70 -30.49
CA PRO E 382 -54.57 -10.99 -29.99
C PRO E 382 -56.08 -11.10 -29.93
N SER E 383 -56.79 -9.98 -29.91
CA SER E 383 -58.24 -10.05 -29.83
C SER E 383 -58.83 -10.63 -31.11
N ASN E 384 -58.09 -10.45 -32.20
CA ASN E 384 -58.52 -10.95 -33.47
C ASN E 384 -57.38 -11.35 -34.36
N PRO E 385 -56.83 -12.51 -34.09
CA PRO E 385 -55.70 -13.16 -34.76
C PRO E 385 -55.85 -13.15 -36.29
N ASP E 386 -55.00 -12.37 -36.95
CA ASP E 386 -55.05 -12.27 -38.41
C ASP E 386 -53.68 -12.06 -39.04
N LEU E 387 -52.66 -12.61 -38.43
CA LEU E 387 -51.34 -12.41 -39.00
C LEU E 387 -51.12 -13.47 -40.10
N GLU E 388 -50.11 -13.24 -40.95
CA GLU E 388 -49.76 -14.16 -42.04
C GLU E 388 -48.23 -14.23 -42.06
N VAL E 389 -47.63 -14.85 -41.06
CA VAL E 389 -46.17 -14.93 -40.94
C VAL E 389 -45.58 -16.10 -41.66
N GLY E 390 -46.46 -16.93 -42.22
CA GLY E 390 -46.02 -18.14 -42.88
C GLY E 390 -46.12 -19.22 -41.82
N LEU E 391 -45.08 -20.04 -41.70
CA LEU E 391 -45.03 -21.08 -40.67
C LEU E 391 -44.38 -20.49 -39.42
N SER E 392 -44.94 -20.82 -38.26
CA SER E 392 -44.42 -20.32 -37.01
C SER E 392 -43.81 -21.50 -36.28
N SER E 393 -42.48 -21.56 -36.19
CA SER E 393 -41.80 -22.74 -35.59
C SER E 393 -42.38 -23.41 -34.32
N GLY E 394 -42.79 -22.63 -33.32
CA GLY E 394 -43.32 -23.28 -32.15
C GLY E 394 -44.69 -23.94 -32.28
N GLN E 395 -45.33 -23.80 -33.44
CA GLN E 395 -46.67 -24.38 -33.65
C GLN E 395 -46.58 -25.88 -33.51
N GLY E 396 -47.63 -26.48 -32.98
CA GLY E 396 -47.59 -27.91 -32.77
C GLY E 396 -47.29 -28.84 -33.95
N ALA E 397 -47.59 -28.39 -35.16
CA ALA E 397 -47.39 -29.22 -36.34
C ALA E 397 -46.55 -28.63 -37.45
N THR E 398 -45.73 -27.65 -37.15
CA THR E 398 -44.95 -27.05 -38.21
C THR E 398 -44.34 -28.03 -39.19
N ASP E 399 -43.78 -29.13 -38.72
CA ASP E 399 -43.16 -30.07 -39.67
C ASP E 399 -44.17 -30.65 -40.65
N LEU E 400 -45.36 -30.92 -40.15
CA LEU E 400 -46.39 -31.49 -40.96
C LEU E 400 -46.85 -30.49 -41.98
N MET E 401 -47.07 -29.24 -41.55
CA MET E 401 -47.52 -28.22 -42.51
C MET E 401 -46.51 -28.05 -43.63
N GLY E 402 -45.23 -28.09 -43.28
CA GLY E 402 -44.20 -27.96 -44.30
C GLY E 402 -44.13 -29.16 -45.24
N THR E 403 -44.25 -30.36 -44.70
CA THR E 403 -44.20 -31.56 -45.53
C THR E 403 -45.42 -31.61 -46.46
N LEU E 404 -46.61 -31.41 -45.89
CA LEU E 404 -47.83 -31.40 -46.70
C LEU E 404 -47.64 -30.39 -47.85
N LEU E 405 -47.24 -29.16 -47.55
CA LEU E 405 -47.04 -28.20 -48.61
C LEU E 405 -46.05 -28.69 -49.64
N MET E 406 -44.78 -28.84 -49.24
CA MET E 406 -43.75 -29.26 -50.20
C MET E 406 -43.98 -30.60 -50.92
N SER E 407 -44.42 -31.66 -50.23
CA SER E 407 -44.61 -32.96 -50.91
C SER E 407 -45.53 -32.79 -52.11
N ILE E 408 -46.70 -32.18 -51.89
CA ILE E 408 -47.61 -31.97 -53.00
C ILE E 408 -46.98 -31.05 -54.05
N THR E 409 -46.21 -30.07 -53.59
CA THR E 409 -45.55 -29.15 -54.51
C THR E 409 -44.60 -29.89 -55.47
N TYR E 410 -43.79 -30.81 -54.95
CA TYR E 410 -42.87 -31.57 -55.79
C TYR E 410 -43.68 -32.50 -56.71
N LEU E 411 -44.68 -33.18 -56.16
CA LEU E 411 -45.48 -34.05 -57.03
C LEU E 411 -46.01 -33.22 -58.19
N VAL E 412 -46.41 -31.98 -57.90
CA VAL E 412 -46.92 -31.15 -58.98
C VAL E 412 -45.81 -30.81 -59.98
N MET E 413 -44.63 -30.42 -59.50
CA MET E 413 -43.53 -30.11 -60.39
C MET E 413 -43.34 -31.30 -61.34
N GLN E 414 -43.41 -32.52 -60.81
CA GLN E 414 -43.25 -33.70 -61.64
C GLN E 414 -44.38 -33.82 -62.66
N LEU E 415 -45.62 -33.75 -62.19
CA LEU E 415 -46.75 -33.83 -63.09
C LEU E 415 -46.59 -32.76 -64.19
N ASP E 416 -46.49 -31.50 -63.79
CA ASP E 416 -46.35 -30.41 -64.74
C ASP E 416 -45.26 -30.59 -65.78
N HIS E 417 -44.02 -30.80 -65.37
CA HIS E 417 -42.92 -30.91 -66.34
C HIS E 417 -42.50 -32.27 -66.88
N THR E 418 -43.04 -33.36 -66.34
CA THR E 418 -42.58 -34.65 -66.82
C THR E 418 -43.60 -35.76 -66.86
N ALA E 419 -44.83 -35.52 -66.43
CA ALA E 419 -45.75 -36.67 -66.43
C ALA E 419 -47.23 -36.41 -66.69
N PRO E 420 -47.54 -35.56 -67.69
CA PRO E 420 -48.92 -35.20 -68.08
C PRO E 420 -49.84 -36.42 -68.23
N HIS E 421 -49.26 -37.53 -68.68
CA HIS E 421 -50.04 -38.74 -68.84
C HIS E 421 -50.66 -39.24 -67.54
N LEU E 422 -50.19 -38.72 -66.41
CA LEU E 422 -50.76 -39.17 -65.15
C LEU E 422 -51.95 -38.29 -64.76
N ASN E 423 -52.07 -37.14 -65.41
CA ASN E 423 -53.15 -36.22 -65.08
C ASN E 423 -54.54 -36.81 -65.06
N SER E 424 -54.83 -37.66 -66.05
CA SER E 424 -56.12 -38.33 -66.22
C SER E 424 -56.50 -39.15 -65.00
N ARG E 425 -55.50 -39.58 -64.24
CA ARG E 425 -55.70 -40.38 -63.02
C ARG E 425 -56.25 -39.56 -61.84
N ILE E 426 -56.26 -38.24 -61.98
CA ILE E 426 -56.72 -37.36 -60.94
C ILE E 426 -57.94 -36.58 -61.44
N LYS E 427 -59.11 -37.18 -61.25
CA LYS E 427 -60.38 -36.60 -61.70
C LYS E 427 -61.25 -36.05 -60.58
N ASP E 428 -61.14 -36.65 -59.40
CA ASP E 428 -61.96 -36.21 -58.26
C ASP E 428 -61.27 -36.59 -56.96
N MET E 429 -61.89 -36.31 -55.83
CA MET E 429 -61.24 -36.65 -54.58
C MET E 429 -60.76 -38.10 -54.48
N PRO E 430 -61.68 -39.08 -54.69
CA PRO E 430 -61.37 -40.51 -54.64
C PRO E 430 -60.21 -40.91 -55.54
N SER E 431 -60.30 -40.53 -56.80
CA SER E 431 -59.25 -40.84 -57.76
C SER E 431 -57.97 -40.13 -57.35
N ALA E 432 -58.12 -38.92 -56.83
CA ALA E 432 -56.97 -38.15 -56.39
C ALA E 432 -56.30 -38.85 -55.22
N CYS E 433 -57.08 -39.12 -54.15
CA CYS E 433 -56.55 -39.81 -52.99
C CYS E 433 -55.86 -41.07 -53.46
N ARG E 434 -56.60 -41.91 -54.19
CA ARG E 434 -56.04 -43.15 -54.71
C ARG E 434 -54.65 -42.95 -55.32
N PHE E 435 -54.55 -42.00 -56.25
CA PHE E 435 -53.29 -41.69 -56.89
C PHE E 435 -52.19 -41.28 -55.90
N LEU E 436 -52.52 -40.33 -55.02
CA LEU E 436 -51.58 -39.83 -54.05
C LEU E 436 -51.09 -40.93 -53.13
N ASP E 437 -52.01 -41.79 -52.69
CA ASP E 437 -51.65 -42.88 -51.79
C ASP E 437 -50.71 -43.87 -52.47
N SER E 438 -50.84 -44.03 -53.78
CA SER E 438 -49.95 -44.93 -54.47
C SER E 438 -48.62 -44.22 -54.65
N TYR E 439 -48.71 -42.95 -54.98
CA TYR E 439 -47.51 -42.18 -55.21
C TYR E 439 -46.60 -42.12 -53.99
N TRP E 440 -47.20 -41.86 -52.84
CA TRP E 440 -46.47 -41.75 -51.58
C TRP E 440 -45.85 -43.05 -51.16
N GLN E 441 -46.43 -44.17 -51.57
CA GLN E 441 -45.86 -45.45 -51.22
C GLN E 441 -44.73 -45.83 -52.16
N GLY E 442 -44.34 -44.93 -53.05
CA GLY E 442 -43.24 -45.20 -53.97
C GLY E 442 -43.56 -46.14 -55.12
N HIS E 443 -44.86 -46.42 -55.30
CA HIS E 443 -45.34 -47.32 -56.35
C HIS E 443 -45.57 -46.68 -57.74
N GLU E 444 -45.19 -45.42 -57.97
CA GLU E 444 -45.39 -44.84 -59.30
C GLU E 444 -44.06 -44.67 -60.01
N GLU E 445 -44.08 -44.35 -61.30
CA GLU E 445 -42.85 -44.18 -62.08
C GLU E 445 -42.13 -42.90 -61.67
N ILE E 446 -42.84 -42.02 -60.94
CA ILE E 446 -42.25 -40.80 -60.39
C ILE E 446 -42.28 -40.93 -58.84
N ARG E 447 -41.18 -40.54 -58.19
CA ARG E 447 -41.11 -40.67 -56.74
C ARG E 447 -40.38 -39.52 -56.04
N GLN E 448 -40.52 -39.49 -54.72
CA GLN E 448 -39.84 -38.49 -53.92
C GLN E 448 -39.63 -39.02 -52.53
N ILE E 449 -38.64 -38.47 -51.86
CA ILE E 449 -38.37 -38.79 -50.48
C ILE E 449 -38.25 -37.36 -49.94
N SER E 450 -38.96 -37.07 -48.86
CA SER E 450 -38.91 -35.73 -48.31
C SER E 450 -39.31 -35.52 -46.86
N LYS E 451 -38.89 -34.35 -46.37
CA LYS E 451 -39.18 -33.89 -45.02
C LYS E 451 -39.10 -32.38 -45.13
N SER E 452 -40.25 -31.75 -44.96
CA SER E 452 -40.34 -30.30 -45.06
C SER E 452 -39.65 -29.77 -46.32
N ASP E 453 -38.62 -28.93 -46.14
CA ASP E 453 -37.98 -28.35 -47.32
C ASP E 453 -36.81 -29.07 -47.92
N ASP E 454 -36.55 -30.29 -47.47
CA ASP E 454 -35.49 -31.08 -48.09
C ASP E 454 -36.19 -32.25 -48.76
N ALA E 455 -35.69 -32.62 -49.93
CA ALA E 455 -36.24 -33.73 -50.68
C ALA E 455 -35.38 -34.08 -51.88
N MET E 456 -35.68 -35.27 -52.39
CA MET E 456 -35.02 -35.76 -53.57
C MET E 456 -36.13 -36.34 -54.43
N LEU E 457 -36.17 -35.85 -55.66
CA LEU E 457 -37.17 -36.26 -56.62
C LEU E 457 -36.59 -37.32 -57.55
N GLY E 458 -37.36 -38.38 -57.75
CA GLY E 458 -36.91 -39.46 -58.60
C GLY E 458 -37.80 -39.85 -59.76
N TRP E 459 -37.17 -40.49 -60.74
CA TRP E 459 -37.82 -40.99 -61.96
C TRP E 459 -37.26 -42.38 -62.24
N THR E 460 -38.14 -43.32 -62.55
CA THR E 460 -37.75 -44.69 -62.89
C THR E 460 -37.78 -44.72 -64.42
N LYS E 461 -37.35 -45.83 -65.03
CA LYS E 461 -37.38 -45.95 -66.50
C LYS E 461 -38.87 -45.83 -66.81
N GLY E 462 -39.20 -45.04 -67.83
CA GLY E 462 -40.61 -44.88 -68.16
C GLY E 462 -40.87 -43.64 -68.99
N ARG E 463 -42.15 -43.33 -69.20
CA ARG E 463 -42.51 -42.16 -70.00
C ARG E 463 -42.08 -40.80 -69.44
N ALA E 464 -42.20 -40.64 -68.12
CA ALA E 464 -41.84 -39.40 -67.45
C ALA E 464 -40.33 -39.15 -67.43
N LEU E 465 -39.56 -40.23 -67.44
CA LEU E 465 -38.12 -40.10 -67.37
C LEU E 465 -37.51 -39.08 -68.32
N VAL E 466 -38.01 -38.99 -69.54
CA VAL E 466 -37.38 -38.03 -70.43
C VAL E 466 -37.66 -36.63 -69.92
N GLY E 467 -38.87 -36.44 -69.42
CA GLY E 467 -39.29 -35.15 -68.89
C GLY E 467 -38.43 -34.78 -67.70
N GLY E 468 -38.19 -35.77 -66.84
CA GLY E 468 -37.37 -35.56 -65.67
C GLY E 468 -36.08 -34.84 -66.04
N HIS E 469 -35.32 -35.41 -66.95
CA HIS E 469 -34.09 -34.80 -67.39
C HIS E 469 -34.31 -33.36 -67.83
N ARG E 470 -35.38 -33.12 -68.59
CA ARG E 470 -35.65 -31.77 -69.05
C ARG E 470 -35.79 -30.80 -67.88
N LEU E 471 -36.54 -31.23 -66.85
CA LEU E 471 -36.77 -30.42 -65.66
C LEU E 471 -35.48 -30.08 -64.93
N PHE E 472 -34.68 -31.12 -64.67
CA PHE E 472 -33.37 -31.02 -64.02
C PHE E 472 -32.57 -29.98 -64.78
N GLU E 473 -32.70 -30.02 -66.10
CA GLU E 473 -32.00 -29.09 -66.93
C GLU E 473 -32.59 -27.70 -66.73
N MET E 474 -33.91 -27.58 -66.59
CA MET E 474 -34.55 -26.26 -66.37
C MET E 474 -33.97 -25.63 -65.10
N LEU E 475 -33.71 -26.54 -64.14
CA LEU E 475 -33.14 -26.21 -62.84
C LEU E 475 -31.69 -25.80 -62.98
N LYS E 476 -30.88 -26.56 -63.73
CA LYS E 476 -29.47 -26.13 -63.88
C LYS E 476 -29.44 -24.71 -64.45
N GLU E 477 -30.17 -24.47 -65.54
CA GLU E 477 -30.18 -23.15 -66.15
C GLU E 477 -30.77 -22.15 -65.21
N GLY E 478 -31.60 -22.66 -64.30
CA GLY E 478 -32.25 -21.83 -63.31
C GLY E 478 -32.66 -20.41 -63.69
N LYS E 479 -33.44 -20.25 -64.74
CA LYS E 479 -33.89 -18.92 -65.14
C LYS E 479 -35.38 -18.87 -64.92
N VAL E 480 -35.96 -20.07 -64.84
CA VAL E 480 -37.38 -20.18 -64.61
C VAL E 480 -37.71 -21.04 -63.38
N ASN E 481 -38.66 -20.58 -62.58
CA ASN E 481 -39.05 -21.31 -61.41
C ASN E 481 -40.05 -22.38 -61.84
N PRO E 482 -39.72 -23.65 -61.60
CA PRO E 482 -40.56 -24.78 -61.97
C PRO E 482 -41.86 -24.96 -61.19
N SER E 483 -42.08 -24.12 -60.19
CA SER E 483 -43.31 -24.28 -59.42
C SER E 483 -43.99 -22.94 -59.29
N PRO E 484 -45.31 -22.98 -59.10
CA PRO E 484 -46.07 -21.74 -58.94
C PRO E 484 -46.25 -21.46 -57.45
N TYR E 485 -45.85 -22.43 -56.63
CA TYR E 485 -46.04 -22.33 -55.18
C TYR E 485 -44.93 -21.83 -54.24
N MET E 486 -43.71 -22.28 -54.48
CA MET E 486 -42.58 -21.89 -53.66
C MET E 486 -41.44 -21.69 -54.63
N LYS E 487 -40.36 -21.05 -54.19
CA LYS E 487 -39.23 -20.85 -55.09
C LYS E 487 -38.30 -22.06 -55.03
N ILE E 488 -38.34 -22.89 -56.05
CA ILE E 488 -37.52 -24.10 -56.10
C ILE E 488 -36.30 -23.91 -56.99
N SER E 489 -35.26 -24.71 -56.72
CA SER E 489 -33.99 -24.73 -57.48
C SER E 489 -33.24 -26.02 -57.07
N TYR E 490 -32.08 -26.28 -57.64
CA TYR E 490 -31.39 -27.50 -57.24
C TYR E 490 -30.38 -27.16 -56.17
N GLU E 491 -30.16 -28.11 -55.25
CA GLU E 491 -29.20 -27.94 -54.14
C GLU E 491 -27.79 -28.14 -54.65
N HIS E 492 -26.97 -27.10 -54.53
CA HIS E 492 -25.58 -27.17 -54.97
C HIS E 492 -24.80 -28.03 -53.95
N GLY E 493 -24.78 -29.32 -54.23
CA GLY E 493 -24.16 -30.27 -53.33
C GLY E 493 -25.34 -31.12 -52.92
N GLY E 494 -25.90 -31.82 -53.90
CA GLY E 494 -27.05 -32.65 -53.63
C GLY E 494 -26.91 -33.54 -52.40
N ALA E 495 -27.75 -33.27 -51.40
CA ALA E 495 -27.80 -34.07 -50.18
C ALA E 495 -29.22 -34.10 -49.58
N PHE E 496 -29.49 -35.14 -48.80
CA PHE E 496 -30.80 -35.31 -48.19
C PHE E 496 -30.69 -35.67 -46.71
N LEU E 497 -31.41 -34.92 -45.89
CA LEU E 497 -31.45 -35.12 -44.47
C LEU E 497 -30.09 -35.34 -43.81
N GLY E 498 -29.11 -34.52 -44.20
CA GLY E 498 -27.80 -34.61 -43.59
C GLY E 498 -26.76 -35.51 -44.22
N ASP E 499 -27.18 -36.32 -45.18
CA ASP E 499 -26.26 -37.20 -45.87
C ASP E 499 -26.11 -36.76 -47.32
N ILE E 500 -24.89 -36.76 -47.81
CA ILE E 500 -24.62 -36.33 -49.16
C ILE E 500 -24.73 -37.49 -50.14
N LEU E 501 -25.25 -37.19 -51.33
CA LEU E 501 -25.38 -38.21 -52.34
C LEU E 501 -24.11 -38.13 -53.15
N LEU E 502 -23.27 -39.17 -52.98
CA LEU E 502 -21.98 -39.27 -53.64
C LEU E 502 -22.03 -40.08 -54.93
N TYR E 503 -21.94 -39.35 -56.04
CA TYR E 503 -21.98 -39.91 -57.38
C TYR E 503 -20.57 -40.31 -57.82
N ASP E 504 -20.42 -41.35 -58.65
CA ASP E 504 -19.09 -41.73 -59.19
C ASP E 504 -19.05 -41.16 -60.60
N SER E 505 -18.13 -41.63 -61.45
CA SER E 505 -18.04 -41.08 -62.81
C SER E 505 -19.32 -41.21 -63.64
N ARG E 506 -20.06 -42.30 -63.44
CA ARG E 506 -21.32 -42.56 -64.15
C ARG E 506 -22.31 -41.41 -63.92
N ARG E 507 -22.37 -40.93 -62.67
CA ARG E 507 -23.27 -39.86 -62.28
C ARG E 507 -24.68 -40.40 -62.36
N GLU E 508 -24.95 -41.50 -61.65
CA GLU E 508 -26.27 -42.10 -61.68
C GLU E 508 -26.70 -42.65 -60.33
N PRO E 509 -27.98 -42.46 -59.99
CA PRO E 509 -28.63 -42.89 -58.74
C PRO E 509 -28.32 -44.32 -58.29
N GLY E 510 -28.07 -45.20 -59.27
CA GLY E 510 -27.77 -46.59 -58.95
C GLY E 510 -26.33 -46.82 -58.50
N SER E 511 -25.39 -46.06 -59.07
CA SER E 511 -23.97 -46.21 -58.72
C SER E 511 -23.55 -45.18 -57.68
N ALA E 512 -24.51 -44.40 -57.17
CA ALA E 512 -24.20 -43.39 -56.18
C ALA E 512 -24.39 -43.95 -54.78
N ILE E 513 -23.82 -43.27 -53.79
CA ILE E 513 -23.97 -43.67 -52.39
C ILE E 513 -24.19 -42.46 -51.49
N PHE E 514 -24.70 -42.74 -50.29
CA PHE E 514 -24.98 -41.70 -49.29
C PHE E 514 -23.92 -41.67 -48.18
N VAL E 515 -23.07 -40.65 -48.19
CA VAL E 515 -22.04 -40.50 -47.17
C VAL E 515 -22.46 -39.36 -46.23
N GLY E 516 -21.96 -39.37 -45.00
CA GLY E 516 -22.33 -38.30 -44.12
C GLY E 516 -21.62 -37.04 -44.57
N ASN E 517 -22.19 -35.87 -44.26
CA ASN E 517 -21.57 -34.60 -44.61
C ASN E 517 -20.45 -34.35 -43.61
N ILE E 518 -19.20 -34.37 -44.05
CA ILE E 518 -18.08 -34.18 -43.11
C ILE E 518 -18.12 -32.80 -42.41
N ASN E 519 -18.59 -31.79 -43.13
CA ASN E 519 -18.67 -30.45 -42.57
C ASN E 519 -19.55 -30.43 -41.34
N SER E 520 -20.67 -31.15 -41.41
CA SER E 520 -21.58 -31.20 -40.28
C SER E 520 -20.89 -31.77 -39.05
N MET E 521 -19.90 -32.64 -39.23
CA MET E 521 -19.18 -33.20 -38.08
C MET E 521 -18.45 -32.00 -37.51
N LEU E 522 -17.68 -31.32 -38.34
CA LEU E 522 -16.96 -30.15 -37.91
C LEU E 522 -17.88 -29.11 -37.21
N ASN E 523 -19.02 -28.80 -37.82
CA ASN E 523 -19.95 -27.85 -37.20
C ASN E 523 -20.43 -28.35 -35.83
N ASN E 524 -20.93 -29.57 -35.76
CA ASN E 524 -21.36 -30.11 -34.48
C ASN E 524 -20.27 -30.03 -33.45
N GLN E 525 -19.07 -30.51 -33.76
CA GLN E 525 -17.97 -30.50 -32.78
C GLN E 525 -17.28 -29.19 -32.40
N PHE E 526 -17.12 -28.26 -33.32
CA PHE E 526 -16.43 -27.02 -32.97
C PHE E 526 -17.27 -25.75 -33.03
N SER E 527 -18.51 -25.89 -33.47
CA SER E 527 -19.39 -24.75 -33.53
C SER E 527 -20.81 -25.06 -33.00
N PRO E 528 -20.94 -25.65 -31.80
CA PRO E 528 -22.28 -25.94 -31.28
C PRO E 528 -23.15 -24.70 -31.26
N GLU E 529 -24.45 -24.91 -31.14
CA GLU E 529 -25.38 -23.80 -31.14
C GLU E 529 -25.65 -23.23 -29.75
N TYR E 530 -25.39 -24.05 -28.73
CA TYR E 530 -25.55 -23.66 -27.34
C TYR E 530 -24.33 -24.14 -26.60
N GLY E 531 -24.06 -23.52 -25.45
CA GLY E 531 -22.94 -23.96 -24.63
C GLY E 531 -23.33 -25.20 -23.84
N VAL E 532 -22.46 -25.64 -22.95
CA VAL E 532 -22.76 -26.86 -22.21
C VAL E 532 -23.66 -26.71 -21.00
N GLN E 533 -24.04 -25.47 -20.68
CA GLN E 533 -24.89 -25.13 -19.53
C GLN E 533 -24.54 -25.94 -18.29
N SER E 534 -23.25 -25.95 -17.90
CA SER E 534 -22.85 -26.76 -16.75
C SER E 534 -23.55 -26.31 -15.48
N GLY E 535 -24.17 -25.14 -15.56
CA GLY E 535 -24.91 -24.62 -14.42
C GLY E 535 -26.26 -25.31 -14.21
N VAL E 536 -26.75 -26.03 -15.21
CA VAL E 536 -28.03 -26.73 -15.08
C VAL E 536 -27.79 -28.15 -14.60
N ARG E 537 -28.23 -28.43 -13.38
CA ARG E 537 -28.00 -29.73 -12.76
C ARG E 537 -28.59 -30.89 -13.47
N ASP E 538 -29.78 -30.67 -14.05
CA ASP E 538 -30.48 -31.73 -14.77
C ASP E 538 -30.05 -31.77 -16.25
N ARG E 539 -29.10 -32.64 -16.57
CA ARG E 539 -28.59 -32.71 -17.93
C ARG E 539 -29.67 -33.02 -18.95
N SER E 540 -30.74 -33.64 -18.47
CA SER E 540 -31.83 -34.00 -19.35
C SER E 540 -32.53 -32.72 -19.80
N LYS E 541 -32.42 -31.65 -19.01
CA LYS E 541 -33.05 -30.39 -19.39
C LYS E 541 -32.16 -29.48 -20.27
N ARG E 542 -30.87 -29.79 -20.39
CA ARG E 542 -29.93 -28.98 -21.19
C ARG E 542 -30.09 -29.14 -22.69
N LYS E 543 -29.59 -28.17 -23.45
CA LYS E 543 -29.67 -28.28 -24.89
C LYS E 543 -28.69 -29.35 -25.34
N ARG E 544 -27.60 -29.53 -24.62
CA ARG E 544 -26.66 -30.60 -24.98
C ARG E 544 -26.42 -31.48 -23.75
N PRO E 545 -27.36 -32.38 -23.44
CA PRO E 545 -27.26 -33.27 -22.29
C PRO E 545 -25.93 -33.99 -22.10
N PHE E 546 -25.47 -34.75 -23.09
CA PHE E 546 -24.22 -35.47 -22.96
C PHE E 546 -23.32 -35.36 -24.17
N PRO E 547 -22.66 -34.21 -24.32
CA PRO E 547 -21.77 -33.93 -25.44
C PRO E 547 -20.77 -35.01 -25.79
N GLY E 548 -20.02 -35.48 -24.79
CA GLY E 548 -19.00 -36.50 -25.04
C GLY E 548 -19.47 -37.73 -25.80
N LEU E 549 -20.75 -38.07 -25.65
CA LEU E 549 -21.34 -39.24 -26.30
C LEU E 549 -21.24 -39.24 -27.80
N ALA E 550 -21.25 -38.08 -28.43
CA ALA E 550 -21.20 -38.02 -29.87
C ALA E 550 -19.89 -38.56 -30.46
N TRP E 551 -18.90 -38.74 -29.61
CA TRP E 551 -17.62 -39.26 -30.07
C TRP E 551 -17.87 -40.72 -30.45
N ALA E 552 -18.61 -41.41 -29.60
CA ALA E 552 -18.95 -42.80 -29.80
C ALA E 552 -19.63 -43.08 -31.16
N SER E 553 -20.58 -42.24 -31.55
CA SER E 553 -21.26 -42.45 -32.80
C SER E 553 -20.52 -41.88 -34.01
N MET E 554 -19.56 -41.00 -33.76
CA MET E 554 -18.80 -40.36 -34.85
C MET E 554 -18.45 -41.24 -36.06
N LYS E 555 -17.74 -42.34 -35.80
CA LYS E 555 -17.30 -43.29 -36.85
C LYS E 555 -18.51 -43.76 -37.66
N ASP E 556 -19.54 -44.18 -36.94
CA ASP E 556 -20.75 -44.63 -37.58
C ASP E 556 -21.44 -43.51 -38.42
N THR E 557 -21.55 -42.31 -37.86
CA THR E 557 -22.19 -41.22 -38.57
C THR E 557 -21.42 -40.70 -39.79
N TYR E 558 -20.15 -40.33 -39.59
CA TYR E 558 -19.36 -39.76 -40.68
C TYR E 558 -18.29 -40.62 -41.34
N GLY E 559 -18.03 -41.79 -40.76
CA GLY E 559 -16.99 -42.69 -41.25
C GLY E 559 -16.95 -42.99 -42.74
N ALA E 560 -18.14 -43.10 -43.32
CA ALA E 560 -18.30 -43.39 -44.74
C ALA E 560 -17.83 -42.21 -45.56
N CYS E 561 -17.55 -41.11 -44.89
CA CYS E 561 -17.11 -39.94 -45.59
C CYS E 561 -15.76 -40.24 -46.23
N PRO E 562 -15.56 -39.78 -47.48
CA PRO E 562 -14.31 -40.00 -48.20
C PRO E 562 -13.07 -39.45 -47.49
N ILE E 563 -13.14 -38.24 -46.94
CA ILE E 563 -11.96 -37.69 -46.28
C ILE E 563 -11.96 -37.81 -44.76
N TYR E 564 -12.81 -38.66 -44.22
CA TYR E 564 -12.88 -38.88 -42.80
C TYR E 564 -11.49 -38.91 -42.17
N SER E 565 -10.80 -40.04 -42.30
CA SER E 565 -9.44 -40.18 -41.77
C SER E 565 -8.64 -38.89 -41.79
N ASP E 566 -8.54 -38.27 -42.96
CA ASP E 566 -7.77 -37.04 -43.11
C ASP E 566 -8.18 -35.92 -42.16
N VAL E 567 -9.48 -35.65 -42.09
CA VAL E 567 -9.98 -34.60 -41.22
C VAL E 567 -9.67 -34.92 -39.76
N LEU E 568 -9.92 -36.14 -39.31
CA LEU E 568 -9.61 -36.45 -37.92
C LEU E 568 -8.15 -36.16 -37.63
N GLU E 569 -7.28 -36.48 -38.59
CA GLU E 569 -5.86 -36.23 -38.42
C GLU E 569 -5.58 -34.74 -38.44
N ALA E 570 -6.12 -34.06 -39.45
CA ALA E 570 -5.96 -32.61 -39.56
C ALA E 570 -6.34 -31.97 -38.22
N ILE E 571 -7.46 -32.42 -37.63
CA ILE E 571 -7.91 -31.90 -36.36
C ILE E 571 -6.86 -32.15 -35.31
N GLU E 572 -6.64 -33.44 -35.01
CA GLU E 572 -5.68 -33.83 -33.99
C GLU E 572 -4.43 -32.99 -34.04
N ARG E 573 -3.95 -32.78 -35.26
CA ARG E 573 -2.75 -32.02 -35.51
C ARG E 573 -2.91 -30.56 -35.10
N CYS E 574 -3.88 -29.88 -35.71
CA CYS E 574 -4.13 -28.47 -35.40
C CYS E 574 -4.46 -28.23 -33.95
N TRP E 575 -4.98 -29.28 -33.31
CA TRP E 575 -5.33 -29.18 -31.92
C TRP E 575 -4.05 -29.26 -31.14
N TRP E 576 -3.11 -30.06 -31.64
CA TRP E 576 -1.82 -30.15 -30.96
C TRP E 576 -1.15 -28.79 -31.05
N ASN E 577 -1.11 -28.22 -32.25
CA ASN E 577 -0.50 -26.91 -32.40
C ASN E 577 -1.16 -25.88 -31.49
N ALA E 578 -2.46 -26.00 -31.28
CA ALA E 578 -3.15 -25.02 -30.46
C ALA E 578 -3.24 -25.30 -28.96
N PHE E 579 -3.30 -26.56 -28.56
CA PHE E 579 -3.41 -26.81 -27.14
C PHE E 579 -2.28 -27.65 -26.56
N GLY E 580 -1.43 -28.18 -27.42
CA GLY E 580 -0.35 -29.00 -26.90
C GLY E 580 -0.96 -30.19 -26.21
N GLU E 581 -2.06 -30.70 -26.77
CA GLU E 581 -2.77 -31.86 -26.22
C GLU E 581 -3.36 -32.66 -27.37
N SER E 582 -3.73 -33.91 -27.10
CA SER E 582 -4.34 -34.77 -28.12
C SER E 582 -5.86 -34.60 -28.12
N TYR E 583 -6.41 -34.12 -29.22
CA TYR E 583 -7.85 -33.96 -29.26
C TYR E 583 -8.55 -35.31 -29.05
N ARG E 584 -8.03 -36.37 -29.66
CA ARG E 584 -8.67 -37.69 -29.52
C ARG E 584 -8.81 -38.03 -28.05
N ALA E 585 -7.71 -37.84 -27.35
CA ALA E 585 -7.65 -38.14 -25.92
C ALA E 585 -8.70 -37.30 -25.18
N TYR E 586 -8.74 -36.01 -25.50
CA TYR E 586 -9.69 -35.09 -24.89
C TYR E 586 -11.10 -35.67 -24.99
N ARG E 587 -11.49 -36.04 -26.22
CA ARG E 587 -12.83 -36.58 -26.47
C ARG E 587 -13.04 -37.94 -25.82
N GLU E 588 -11.98 -38.73 -25.72
CA GLU E 588 -12.14 -40.04 -25.09
C GLU E 588 -12.45 -39.82 -23.63
N ASP E 589 -11.87 -38.78 -23.04
CA ASP E 589 -12.15 -38.51 -21.63
C ASP E 589 -13.60 -38.08 -21.48
N MET E 590 -14.01 -37.10 -22.28
CA MET E 590 -15.37 -36.59 -22.26
C MET E 590 -16.31 -37.78 -22.45
N LEU E 591 -15.95 -38.70 -23.34
CA LEU E 591 -16.78 -39.87 -23.57
C LEU E 591 -16.97 -40.65 -22.26
N LYS E 592 -15.86 -41.01 -21.61
CA LYS E 592 -15.92 -41.73 -20.35
C LYS E 592 -16.74 -41.00 -19.30
N ARG E 593 -16.45 -39.72 -19.09
CA ARG E 593 -17.20 -38.94 -18.11
C ARG E 593 -18.69 -38.99 -18.40
N ASP E 594 -19.05 -38.62 -19.63
CA ASP E 594 -20.45 -38.59 -20.00
C ASP E 594 -21.14 -39.96 -19.92
N THR E 595 -20.48 -41.00 -20.43
CA THR E 595 -21.07 -42.34 -20.38
C THR E 595 -21.46 -42.68 -18.94
N LEU E 596 -20.63 -42.26 -17.99
CA LEU E 596 -20.90 -42.53 -16.57
C LEU E 596 -22.04 -41.70 -16.03
N GLU E 597 -22.06 -40.45 -16.42
CA GLU E 597 -23.09 -39.56 -15.96
C GLU E 597 -24.43 -40.06 -16.51
N LEU E 598 -24.41 -40.56 -17.74
CA LEU E 598 -25.63 -41.04 -18.38
C LEU E 598 -26.35 -42.09 -17.57
N SER E 599 -25.62 -43.12 -17.17
CA SER E 599 -26.24 -44.18 -16.38
C SER E 599 -27.03 -43.65 -15.16
N ARG E 600 -26.70 -42.45 -14.69
CA ARG E 600 -27.44 -41.86 -13.57
C ARG E 600 -28.87 -41.52 -14.01
N TYR E 601 -29.03 -41.26 -15.31
CA TYR E 601 -30.31 -40.88 -15.89
C TYR E 601 -31.04 -42.01 -16.60
N VAL E 602 -30.37 -43.13 -16.82
CA VAL E 602 -31.02 -44.25 -17.48
C VAL E 602 -31.25 -45.33 -16.42
N ALA E 603 -32.52 -45.51 -16.04
CA ALA E 603 -32.90 -46.50 -15.04
C ALA E 603 -32.30 -47.88 -15.37
N SER E 604 -32.40 -48.28 -16.64
CA SER E 604 -31.92 -49.58 -17.13
C SER E 604 -30.42 -49.76 -17.31
N MET E 605 -29.65 -48.67 -17.24
CA MET E 605 -28.22 -48.83 -17.39
C MET E 605 -27.71 -49.16 -16.00
N ALA E 606 -26.89 -50.20 -15.91
CA ALA E 606 -26.31 -50.56 -14.63
C ALA E 606 -25.53 -49.31 -14.27
N ARG E 607 -25.34 -49.04 -12.97
CA ARG E 607 -24.62 -47.85 -12.52
C ARG E 607 -23.13 -47.83 -12.96
N GLN E 608 -22.90 -48.21 -14.23
CA GLN E 608 -21.59 -48.26 -14.92
C GLN E 608 -21.65 -49.23 -16.13
N ALA E 609 -22.86 -49.56 -16.59
CA ALA E 609 -23.03 -50.46 -17.74
C ALA E 609 -22.68 -49.63 -18.96
N GLY E 610 -21.79 -50.17 -19.80
CA GLY E 610 -21.36 -49.47 -20.99
C GLY E 610 -22.44 -48.92 -21.90
N LEU E 611 -22.02 -48.41 -23.05
CA LEU E 611 -22.92 -47.85 -24.06
C LEU E 611 -23.40 -49.01 -24.96
N ALA E 612 -23.06 -50.22 -24.53
CA ALA E 612 -23.39 -51.44 -25.26
C ALA E 612 -24.71 -51.40 -26.03
N GLU E 613 -25.80 -51.31 -25.27
CA GLU E 613 -27.13 -51.32 -25.85
C GLU E 613 -27.64 -50.07 -26.59
N LEU E 614 -26.77 -49.14 -26.92
CA LEU E 614 -27.24 -47.93 -27.58
C LEU E 614 -26.81 -47.78 -29.03
N THR E 615 -27.77 -47.35 -29.83
CA THR E 615 -27.60 -47.14 -31.26
C THR E 615 -26.85 -45.85 -31.46
N PRO E 616 -26.35 -45.62 -32.68
CA PRO E 616 -25.62 -44.39 -32.97
C PRO E 616 -26.59 -43.21 -32.83
N ILE E 617 -27.82 -43.43 -33.27
CA ILE E 617 -28.83 -42.42 -33.20
C ILE E 617 -29.00 -42.01 -31.74
N ASP E 618 -29.14 -42.99 -30.85
CA ASP E 618 -29.29 -42.72 -29.43
C ASP E 618 -28.25 -41.72 -28.96
N LEU E 619 -27.01 -41.97 -29.36
CA LEU E 619 -25.94 -41.11 -28.97
C LEU E 619 -26.04 -39.72 -29.56
N GLU E 620 -26.16 -39.63 -30.89
CA GLU E 620 -26.26 -38.33 -31.55
C GLU E 620 -27.39 -37.48 -30.95
N VAL E 621 -28.49 -38.15 -30.58
CA VAL E 621 -29.66 -37.49 -29.99
C VAL E 621 -29.38 -36.99 -28.58
N LEU E 622 -28.70 -37.81 -27.78
CA LEU E 622 -28.35 -37.45 -26.41
C LEU E 622 -27.35 -36.29 -26.40
N ALA E 623 -26.49 -36.25 -27.42
CA ALA E 623 -25.50 -35.20 -27.56
C ALA E 623 -26.14 -33.93 -28.10
N ASP E 624 -27.22 -34.13 -28.85
CA ASP E 624 -27.97 -33.03 -29.45
C ASP E 624 -29.44 -33.36 -29.63
N PRO E 625 -30.26 -33.13 -28.59
CA PRO E 625 -31.70 -33.41 -28.67
C PRO E 625 -32.43 -32.67 -29.80
N ASN E 626 -31.74 -31.68 -30.38
CA ASN E 626 -32.33 -30.92 -31.47
C ASN E 626 -32.49 -31.74 -32.73
N LYS E 627 -31.66 -32.76 -32.88
CA LYS E 627 -31.73 -33.64 -34.04
C LYS E 627 -33.08 -34.38 -34.06
N LEU E 628 -33.77 -34.34 -32.93
CA LEU E 628 -35.05 -34.99 -32.80
C LEU E 628 -36.16 -34.13 -33.41
N GLN E 629 -35.90 -32.84 -33.59
CA GLN E 629 -36.87 -31.93 -34.16
C GLN E 629 -36.57 -31.59 -35.60
N TYR E 630 -35.75 -32.40 -36.27
CA TYR E 630 -35.46 -32.11 -37.66
C TYR E 630 -34.87 -33.25 -38.46
N LYS E 631 -34.45 -34.32 -37.79
CA LYS E 631 -33.81 -35.44 -38.48
C LYS E 631 -34.42 -36.81 -38.18
N TRP E 632 -34.79 -37.02 -36.93
CA TRP E 632 -35.34 -38.29 -36.49
C TRP E 632 -36.63 -38.13 -35.71
N THR E 633 -37.25 -39.26 -35.39
CA THR E 633 -38.50 -39.24 -34.67
C THR E 633 -38.46 -40.23 -33.52
N GLU E 634 -39.29 -39.96 -32.51
CA GLU E 634 -39.40 -40.80 -31.33
C GLU E 634 -39.21 -42.26 -31.65
N ALA E 635 -39.73 -42.67 -32.80
CA ALA E 635 -39.63 -44.06 -33.20
C ALA E 635 -38.19 -44.52 -33.50
N ASP E 636 -37.36 -43.63 -34.02
CA ASP E 636 -35.96 -43.97 -34.35
C ASP E 636 -35.02 -44.04 -33.14
N VAL E 637 -35.56 -43.69 -31.97
CA VAL E 637 -34.78 -43.67 -30.74
C VAL E 637 -35.17 -44.75 -29.74
N SER E 638 -34.17 -45.40 -29.15
CA SER E 638 -34.45 -46.43 -28.15
C SER E 638 -35.41 -45.86 -27.10
N ALA E 639 -36.38 -46.67 -26.73
CA ALA E 639 -37.39 -46.27 -25.77
C ALA E 639 -36.84 -45.72 -24.47
N ASN E 640 -35.96 -46.48 -23.82
CA ASN E 640 -35.38 -46.05 -22.54
C ASN E 640 -34.63 -44.70 -22.63
N ILE E 641 -34.14 -44.35 -23.82
CA ILE E 641 -33.43 -43.09 -24.03
C ILE E 641 -34.41 -41.98 -24.28
N HIS E 642 -35.42 -42.23 -25.11
CA HIS E 642 -36.43 -41.22 -25.38
C HIS E 642 -36.98 -40.75 -24.02
N GLU E 643 -37.27 -41.67 -23.11
CA GLU E 643 -37.77 -41.29 -21.80
C GLU E 643 -36.89 -40.24 -21.09
N VAL E 644 -35.60 -40.28 -21.33
CA VAL E 644 -34.67 -39.34 -20.71
C VAL E 644 -34.96 -37.89 -21.07
N LEU E 645 -35.30 -37.69 -22.34
CA LEU E 645 -35.55 -36.38 -22.94
C LEU E 645 -36.98 -35.90 -22.93
N MET E 646 -37.92 -36.82 -23.01
CA MET E 646 -39.33 -36.46 -23.03
C MET E 646 -40.11 -37.09 -21.89
N HIS E 647 -41.28 -36.55 -21.61
CA HIS E 647 -42.13 -37.08 -20.57
C HIS E 647 -43.53 -36.94 -21.12
N GLY E 648 -44.40 -37.91 -20.89
CA GLY E 648 -45.74 -37.79 -21.45
C GLY E 648 -46.96 -37.70 -20.56
N VAL E 649 -48.08 -37.43 -21.19
CA VAL E 649 -49.35 -37.35 -20.49
C VAL E 649 -50.01 -38.70 -20.71
N SER E 650 -50.91 -39.10 -19.82
CA SER E 650 -51.58 -40.40 -19.93
C SER E 650 -52.29 -40.65 -21.26
N VAL E 651 -52.09 -41.83 -21.83
CA VAL E 651 -52.75 -42.14 -23.08
C VAL E 651 -54.26 -42.02 -22.87
N GLU E 652 -54.71 -42.37 -21.68
CA GLU E 652 -56.13 -42.30 -21.33
C GLU E 652 -56.60 -40.89 -21.56
N LYS E 653 -56.00 -39.94 -20.86
CA LYS E 653 -56.38 -38.53 -21.00
C LYS E 653 -56.33 -38.08 -22.46
N THR E 654 -55.27 -38.45 -23.20
CA THR E 654 -55.17 -38.02 -24.61
C THR E 654 -56.14 -38.78 -25.50
N GLU E 655 -56.14 -40.10 -25.37
CA GLU E 655 -57.03 -40.93 -26.16
C GLU E 655 -58.47 -40.41 -26.06
N ARG E 656 -58.91 -40.07 -24.86
CA ARG E 656 -60.26 -39.57 -24.72
C ARG E 656 -60.40 -38.26 -25.52
N PHE E 657 -59.39 -37.40 -25.44
CA PHE E 657 -59.38 -36.11 -26.16
C PHE E 657 -59.51 -36.32 -27.66
N LEU E 658 -58.59 -37.11 -28.20
CA LEU E 658 -58.55 -37.41 -29.61
C LEU E 658 -59.87 -37.95 -30.13
N ARG E 659 -60.52 -38.76 -29.30
CA ARG E 659 -61.78 -39.37 -29.67
C ARG E 659 -62.84 -38.32 -29.94
N SER E 660 -62.72 -37.16 -29.32
CA SER E 660 -63.71 -36.11 -29.51
C SER E 660 -63.29 -35.13 -30.60
N VAL E 661 -62.08 -35.34 -31.11
CA VAL E 661 -61.53 -34.47 -32.14
C VAL E 661 -61.74 -35.13 -33.47
N MET E 662 -61.21 -36.33 -33.61
CA MET E 662 -61.34 -37.01 -34.87
C MET E 662 -62.77 -37.27 -35.30
N PRO E 663 -62.94 -37.57 -36.58
CA PRO E 663 -64.27 -37.84 -37.11
C PRO E 663 -64.69 -39.26 -36.78
N ARG E 664 -63.82 -40.21 -37.15
CA ARG E 664 -64.01 -41.66 -36.93
C ARG E 664 -62.61 -42.27 -36.62
N PRO F 1 43.96 5.17 49.50
CA PRO F 1 42.80 5.65 50.32
C PRO F 1 41.49 5.75 49.52
N ARG F 2 41.27 4.75 48.67
CA ARG F 2 40.11 4.60 47.77
C ARG F 2 40.31 5.44 46.52
N ARG F 3 40.83 4.83 45.45
CA ARG F 3 40.98 5.61 44.22
C ARG F 3 39.59 5.53 43.60
N ALA F 4 39.11 6.64 43.08
CA ALA F 4 37.78 6.67 42.49
C ALA F 4 37.72 5.74 41.28
N PRO F 5 36.61 5.01 41.12
CA PRO F 5 36.44 4.09 39.98
C PRO F 5 36.27 4.96 38.73
N ALA F 6 36.87 4.56 37.62
CA ALA F 6 36.75 5.36 36.41
C ALA F 6 36.41 4.51 35.21
N PHE F 7 35.48 4.98 34.39
CA PHE F 7 35.07 4.25 33.19
C PHE F 7 35.21 5.04 31.90
N PRO F 8 35.63 4.34 30.84
CA PRO F 8 35.82 4.96 29.52
C PRO F 8 34.44 5.14 28.89
N LEU F 9 34.33 6.07 27.96
CA LEU F 9 33.04 6.35 27.32
C LEU F 9 32.34 5.11 26.78
N SER F 10 33.14 4.12 26.40
CA SER F 10 32.60 2.88 25.85
C SER F 10 32.00 1.94 26.90
N ASP F 11 32.33 2.16 28.17
CA ASP F 11 31.78 1.29 29.19
C ASP F 11 30.31 1.58 29.33
N ILE F 12 29.52 0.55 29.52
CA ILE F 12 28.09 0.75 29.63
C ILE F 12 27.66 1.80 30.68
N LYS F 13 28.48 2.01 31.71
CA LYS F 13 28.11 2.98 32.73
C LYS F 13 28.15 4.39 32.17
N ALA F 14 29.05 4.62 31.24
CA ALA F 14 29.18 5.93 30.60
C ALA F 14 28.06 6.05 29.55
N GLN F 15 27.97 5.03 28.72
CA GLN F 15 26.98 4.98 27.67
C GLN F 15 25.58 5.35 28.17
N MET F 16 25.21 4.83 29.31
CA MET F 16 23.89 5.10 29.82
C MET F 16 23.69 6.52 30.32
N LEU F 17 24.70 7.37 30.12
CA LEU F 17 24.60 8.77 30.56
C LEU F 17 24.11 9.63 29.41
N PHE F 18 24.11 9.06 28.22
CA PHE F 18 23.70 9.79 27.05
C PHE F 18 22.59 9.07 26.29
N ALA F 19 21.47 9.77 26.14
CA ALA F 19 20.31 9.22 25.45
C ALA F 19 20.55 8.96 23.96
N ASN F 20 19.67 8.13 23.38
CA ASN F 20 19.75 7.77 21.97
C ASN F 20 19.27 8.87 21.01
N ASN F 21 20.00 9.99 21.00
CA ASN F 21 19.70 11.10 20.12
C ASN F 21 21.01 11.78 19.73
N ILE F 22 21.00 12.58 18.68
CA ILE F 22 22.26 13.17 18.25
C ILE F 22 22.90 14.09 19.28
N LYS F 23 22.14 15.05 19.76
CA LYS F 23 22.64 16.00 20.74
C LYS F 23 23.51 15.30 21.78
N ALA F 24 22.89 14.36 22.51
CA ALA F 24 23.54 13.58 23.57
C ALA F 24 24.78 12.85 23.08
N GLN F 25 24.62 11.99 22.07
CA GLN F 25 25.77 11.29 21.55
C GLN F 25 26.90 12.26 21.28
N GLN F 26 26.60 13.36 20.58
CA GLN F 26 27.62 14.37 20.26
C GLN F 26 28.32 14.94 21.48
N ALA F 27 27.61 15.10 22.59
CA ALA F 27 28.22 15.63 23.80
C ALA F 27 29.15 14.58 24.40
N SER F 28 28.75 13.30 24.30
CA SER F 28 29.56 12.25 24.86
C SER F 28 30.90 12.19 24.15
N LYS F 29 30.90 12.40 22.84
CA LYS F 29 32.11 12.31 22.02
C LYS F 29 32.84 13.63 21.75
N ARG F 30 32.18 14.78 21.94
CA ARG F 30 32.78 16.09 21.66
C ARG F 30 34.26 16.02 21.95
N SER F 31 35.09 16.36 20.97
CA SER F 31 36.53 16.33 21.17
C SER F 31 37.00 17.74 21.51
N PHE F 32 38.26 17.84 21.95
CA PHE F 32 38.82 19.14 22.30
C PHE F 32 38.59 20.14 21.17
N LYS F 33 38.20 21.36 21.51
CA LYS F 33 37.97 22.37 20.47
C LYS F 33 38.39 23.75 20.95
N GLU F 34 38.92 24.56 20.04
CA GLU F 34 39.33 25.91 20.37
C GLU F 34 39.17 26.77 19.14
N GLY F 35 39.34 28.09 19.28
CA GLY F 35 39.22 29.01 18.16
C GLY F 35 38.77 30.37 18.61
N ALA F 36 39.27 31.41 17.94
CA ALA F 36 38.95 32.81 18.27
C ALA F 36 37.46 33.06 18.38
N ILE F 37 37.04 33.83 19.39
CA ILE F 37 35.63 34.14 19.58
C ILE F 37 35.28 35.41 18.78
N GLU F 38 34.02 35.55 18.43
CA GLU F 38 33.58 36.72 17.71
C GLU F 38 33.30 37.68 18.86
N THR F 39 34.32 38.42 19.29
CA THR F 39 34.17 39.36 20.39
C THR F 39 32.92 40.20 20.24
N TYR F 40 32.75 40.79 19.07
CA TYR F 40 31.58 41.61 18.72
C TYR F 40 31.25 41.23 17.29
N GLU F 41 30.01 41.46 16.85
CA GLU F 41 29.65 41.14 15.48
C GLU F 41 30.74 41.60 14.50
N GLY F 42 31.31 40.63 13.80
CA GLY F 42 32.32 40.96 12.84
C GLY F 42 33.70 41.28 13.39
N LEU F 43 33.97 40.95 14.66
CA LEU F 43 35.29 41.24 15.17
C LEU F 43 35.84 40.01 15.83
N LEU F 44 36.97 39.55 15.34
CA LEU F 44 37.55 38.37 15.93
C LEU F 44 38.51 38.73 17.06
N SER F 45 38.38 38.02 18.18
CA SER F 45 39.22 38.28 19.36
C SER F 45 40.70 38.32 19.07
N VAL F 46 41.13 37.63 18.03
CA VAL F 46 42.54 37.65 17.66
C VAL F 46 42.85 38.53 16.45
N ASP F 47 41.87 39.31 16.00
CA ASP F 47 42.08 40.23 14.89
C ASP F 47 43.29 41.12 15.24
N PRO F 48 44.26 41.25 14.30
CA PRO F 48 45.45 42.08 14.55
C PRO F 48 45.18 43.51 15.04
N ARG F 49 44.19 44.17 14.47
CA ARG F 49 43.88 45.51 14.90
C ARG F 49 43.58 45.48 16.38
N PHE F 50 42.63 44.64 16.73
CA PHE F 50 42.23 44.48 18.11
C PHE F 50 43.37 44.17 19.06
N LEU F 51 44.18 43.17 18.72
CA LEU F 51 45.30 42.76 19.57
C LEU F 51 46.22 43.94 19.79
N SER F 52 46.43 44.73 18.74
CA SER F 52 47.27 45.90 18.87
C SER F 52 46.60 46.87 19.85
N PHE F 53 45.31 47.14 19.61
CA PHE F 53 44.55 48.03 20.46
C PHE F 53 44.71 47.56 21.90
N LYS F 54 44.53 46.28 22.13
CA LYS F 54 44.66 45.73 23.48
C LYS F 54 46.08 45.96 24.02
N ASN F 55 47.09 45.69 23.21
CA ASN F 55 48.45 45.88 23.65
C ASN F 55 48.75 47.32 24.05
N GLU F 56 48.25 48.27 23.29
CA GLU F 56 48.50 49.66 23.61
C GLU F 56 47.66 50.16 24.78
N LEU F 57 46.38 49.80 24.84
CA LEU F 57 45.55 50.24 25.95
C LEU F 57 46.06 49.70 27.26
N SER F 58 46.28 48.39 27.32
CA SER F 58 46.78 47.73 28.53
C SER F 58 48.10 48.36 28.99
N ARG F 59 49.09 48.46 28.11
CA ARG F 59 50.39 49.05 28.48
C ARG F 59 50.26 50.44 29.07
N TYR F 60 49.49 51.29 28.37
CA TYR F 60 49.25 52.65 28.77
C TYR F 60 48.57 52.80 30.13
N LEU F 61 47.36 52.27 30.27
CA LEU F 61 46.65 52.37 31.54
C LEU F 61 47.52 51.93 32.72
N THR F 62 48.15 50.76 32.60
CA THR F 62 49.02 50.25 33.64
C THR F 62 50.04 51.32 33.98
N ASP F 63 50.68 51.86 32.96
CA ASP F 63 51.68 52.89 33.20
C ASP F 63 51.10 54.11 33.91
N HIS F 64 50.10 54.73 33.32
CA HIS F 64 49.51 55.92 33.89
C HIS F 64 48.61 55.76 35.11
N PHE F 65 48.20 54.54 35.42
CA PHE F 65 47.33 54.38 36.56
C PHE F 65 47.68 53.17 37.40
N PRO F 66 48.85 53.24 38.04
CA PRO F 66 49.34 52.15 38.90
C PRO F 66 48.40 51.95 40.10
N ALA F 67 48.39 50.74 40.66
CA ALA F 67 47.51 50.42 41.78
C ALA F 67 47.64 51.31 43.00
N ASN F 68 46.51 51.50 43.67
CA ASN F 68 46.44 52.31 44.88
C ASN F 68 45.85 51.43 45.97
N VAL F 69 46.68 50.53 46.47
CA VAL F 69 46.28 49.60 47.53
C VAL F 69 47.30 49.65 48.65
N ASP F 70 46.84 49.89 49.88
CA ASP F 70 47.74 49.99 51.01
C ASP F 70 48.14 48.63 51.63
N GLU F 71 49.10 48.68 52.56
CA GLU F 71 49.61 47.50 53.24
C GLU F 71 48.48 46.61 53.76
N TYR F 72 47.27 47.16 53.87
CA TYR F 72 46.12 46.42 54.37
C TYR F 72 45.07 46.08 53.31
N GLY F 73 45.50 45.99 52.05
CA GLY F 73 44.57 45.68 50.99
C GLY F 73 43.51 46.72 50.73
N ARG F 74 43.51 47.82 51.50
CA ARG F 74 42.50 48.86 51.28
C ARG F 74 42.84 49.61 50.00
N VAL F 75 41.86 49.84 49.16
CA VAL F 75 42.17 50.58 47.96
C VAL F 75 41.68 52.01 48.14
N TYR F 76 42.54 52.95 47.75
CA TYR F 76 42.25 54.38 47.82
C TYR F 76 42.61 54.98 46.45
N GLY F 77 42.88 56.29 46.45
CA GLY F 77 43.28 56.98 45.24
C GLY F 77 42.43 56.77 44.01
N ASN F 78 43.08 56.30 42.94
CA ASN F 78 42.45 56.06 41.65
C ASN F 78 41.40 54.92 41.51
N GLY F 79 41.29 54.08 42.53
CA GLY F 79 40.35 52.98 42.48
C GLY F 79 40.94 51.79 41.74
N VAL F 80 42.16 51.95 41.25
CA VAL F 80 42.84 50.88 40.52
C VAL F 80 43.52 49.93 41.49
N ARG F 81 43.12 48.65 41.47
CA ARG F 81 43.74 47.69 42.38
C ARG F 81 44.77 46.75 41.79
N THR F 82 45.02 46.90 40.48
CA THR F 82 46.06 46.11 39.81
C THR F 82 46.34 46.58 38.39
N ASN F 83 47.32 45.98 37.73
CA ASN F 83 47.63 46.43 36.38
C ASN F 83 46.47 46.07 35.43
N PHE F 84 46.65 46.37 34.14
CA PHE F 84 45.60 46.11 33.16
C PHE F 84 45.98 45.06 32.12
N PHE F 85 47.05 44.31 32.41
CA PHE F 85 47.53 43.28 31.49
C PHE F 85 46.64 42.05 31.38
N GLY F 86 45.55 42.04 32.15
CA GLY F 86 44.69 40.90 32.10
C GLY F 86 43.97 40.76 30.78
N MET F 87 43.87 41.85 30.02
CA MET F 87 43.17 41.79 28.75
C MET F 87 44.01 41.12 27.67
N ARG F 88 45.31 40.98 27.93
CA ARG F 88 46.24 40.37 26.97
C ARG F 88 46.07 38.88 26.70
N HIS F 89 44.84 38.42 26.53
CA HIS F 89 44.61 37.00 26.26
C HIS F 89 44.00 36.77 24.88
N MET F 90 44.41 35.70 24.22
CA MET F 90 43.85 35.36 22.91
C MET F 90 42.54 34.62 23.21
N ASN F 91 41.49 35.36 23.56
CA ASN F 91 40.17 34.79 23.93
C ASN F 91 39.66 33.72 22.99
N GLY F 92 39.40 32.53 23.49
CA GLY F 92 38.91 31.47 22.63
C GLY F 92 39.86 30.29 22.60
N PHE F 93 41.11 30.50 23.01
CA PHE F 93 42.09 29.42 23.04
C PHE F 93 42.47 29.18 24.48
N PRO F 94 42.16 27.99 25.00
CA PRO F 94 42.47 27.64 26.39
C PRO F 94 43.93 27.28 26.67
N MET F 95 44.27 27.26 27.95
CA MET F 95 45.60 26.86 28.41
C MET F 95 45.49 25.33 28.26
N ILE F 96 46.60 24.66 28.09
CA ILE F 96 46.52 23.21 27.92
C ILE F 96 47.41 22.57 28.97
N PRO F 97 46.89 21.58 29.68
CA PRO F 97 45.53 21.09 29.51
C PRO F 97 44.68 21.76 30.57
N ALA F 98 43.41 21.40 30.63
CA ALA F 98 42.56 21.95 31.66
C ALA F 98 42.73 20.93 32.78
N THR F 99 42.10 21.18 33.90
CA THR F 99 42.30 20.27 35.00
C THR F 99 41.30 19.17 34.98
N TRP F 100 41.68 18.02 35.52
CA TRP F 100 40.75 16.93 35.67
C TRP F 100 40.14 17.29 37.00
N PRO F 101 38.83 17.16 37.15
CA PRO F 101 38.29 17.52 38.45
C PRO F 101 38.62 16.44 39.47
N LEU F 102 38.99 16.87 40.67
CA LEU F 102 39.39 15.99 41.76
C LEU F 102 38.19 15.22 42.29
N ALA F 103 38.32 13.90 42.36
CA ALA F 103 37.22 13.04 42.80
C ALA F 103 36.88 13.10 44.27
N SER F 104 37.88 13.40 45.11
CA SER F 104 37.68 13.50 46.56
C SER F 104 38.58 14.58 47.11
N ASN F 105 38.00 15.49 47.89
CA ASN F 105 38.78 16.58 48.43
C ASN F 105 39.14 16.38 49.90
N LEU F 106 38.89 15.17 50.40
CA LEU F 106 39.21 14.88 51.79
C LEU F 106 40.67 15.12 52.11
N LYS F 107 41.56 14.54 51.29
CA LYS F 107 42.98 14.70 51.54
C LYS F 107 43.41 16.14 51.29
N LYS F 108 42.86 16.74 50.25
CA LYS F 108 43.20 18.12 49.93
C LYS F 108 42.93 19.01 51.14
N ARG F 109 41.75 18.82 51.74
CA ARG F 109 41.29 19.59 52.90
C ARG F 109 42.14 19.35 54.12
N ALA F 110 42.47 18.09 54.35
CA ALA F 110 43.26 17.72 55.50
C ALA F 110 44.67 18.31 55.40
N ASP F 111 45.30 18.16 54.24
CA ASP F 111 46.63 18.67 54.07
C ASP F 111 46.67 20.18 54.20
N ALA F 112 45.50 20.81 54.09
CA ALA F 112 45.42 22.26 54.20
C ALA F 112 45.06 22.60 55.65
N ASP F 113 44.97 21.55 56.47
CA ASP F 113 44.64 21.69 57.87
C ASP F 113 43.30 22.33 58.14
N LEU F 114 42.26 21.82 57.50
CA LEU F 114 40.91 22.31 57.68
C LEU F 114 40.15 21.14 58.29
N ALA F 115 39.23 21.45 59.18
CA ALA F 115 38.47 20.44 59.92
C ALA F 115 37.57 19.52 59.13
N ASP F 116 37.33 18.33 59.65
CA ASP F 116 36.47 17.40 58.96
C ASP F 116 35.07 17.31 59.60
N GLY F 117 34.74 18.33 60.39
CA GLY F 117 33.44 18.39 61.03
C GLY F 117 33.40 19.66 61.85
N PRO F 118 32.24 20.05 62.42
CA PRO F 118 32.17 21.26 63.24
C PRO F 118 33.23 21.01 64.29
N VAL F 119 34.08 21.99 64.56
CA VAL F 119 35.15 21.74 65.52
C VAL F 119 34.73 21.84 66.98
N SER F 120 33.72 22.65 67.24
CA SER F 120 33.21 22.82 68.61
C SER F 120 31.69 22.69 68.60
N GLU F 121 31.11 22.32 69.74
CA GLU F 121 29.67 22.17 69.78
C GLU F 121 28.93 23.44 69.39
N ARG F 122 29.55 24.59 69.63
CA ARG F 122 28.90 25.84 69.28
C ARG F 122 28.72 25.85 67.76
N ASP F 123 29.82 25.63 67.06
CA ASP F 123 29.79 25.63 65.63
C ASP F 123 28.74 24.66 65.09
N ASN F 124 28.69 23.46 65.64
CA ASN F 124 27.69 22.50 65.19
C ASN F 124 26.31 23.12 65.29
N LEU F 125 26.07 23.90 66.33
CA LEU F 125 24.75 24.52 66.46
C LEU F 125 24.55 25.64 65.45
N LEU F 126 25.57 26.47 65.29
CA LEU F 126 25.50 27.59 64.36
C LEU F 126 25.17 27.11 62.95
N PHE F 127 25.93 26.14 62.44
CA PHE F 127 25.68 25.60 61.12
C PHE F 127 24.25 25.07 61.09
N ARG F 128 23.91 24.22 62.05
CA ARG F 128 22.56 23.68 62.08
C ARG F 128 21.50 24.76 62.18
N ALA F 129 21.79 25.84 62.88
CA ALA F 129 20.81 26.92 62.99
C ALA F 129 20.65 27.58 61.62
N ALA F 130 21.78 27.79 60.93
CA ALA F 130 21.76 28.38 59.60
C ALA F 130 20.73 27.60 58.77
N VAL F 131 20.76 26.28 58.87
CA VAL F 131 19.81 25.47 58.14
C VAL F 131 18.40 25.77 58.57
N ARG F 132 18.17 25.80 59.88
CA ARG F 132 16.84 26.07 60.39
C ARG F 132 16.32 27.43 59.92
N LEU F 133 17.13 28.48 60.10
CA LEU F 133 16.69 29.79 59.64
C LEU F 133 16.43 29.83 58.14
N MET F 134 17.33 29.22 57.35
CA MET F 134 17.19 29.22 55.90
C MET F 134 16.09 28.36 55.27
N PHE F 135 15.86 27.17 55.80
CA PHE F 135 14.85 26.30 55.17
C PHE F 135 13.50 26.21 55.83
N SER F 136 13.17 27.17 56.67
CA SER F 136 11.93 27.04 57.41
C SER F 136 10.59 27.48 56.87
N ASP F 137 10.36 28.78 56.74
CA ASP F 137 9.02 29.15 56.31
C ASP F 137 8.97 29.65 54.90
N LEU F 138 9.28 28.72 54.01
CA LEU F 138 9.34 28.98 52.59
C LEU F 138 7.99 29.11 51.89
N GLU F 139 7.94 30.06 50.97
CA GLU F 139 6.77 30.37 50.14
C GLU F 139 6.97 29.91 48.70
N PRO F 140 6.13 28.97 48.23
CA PRO F 140 6.18 28.41 46.89
C PRO F 140 6.13 29.44 45.80
N VAL F 141 7.01 29.26 44.81
CA VAL F 141 7.08 30.13 43.65
C VAL F 141 7.22 29.27 42.40
N PRO F 142 7.14 29.89 41.23
CA PRO F 142 7.29 28.97 40.11
C PRO F 142 8.76 28.65 39.79
N LEU F 143 8.99 27.44 39.30
CA LEU F 143 10.33 27.01 38.97
C LEU F 143 10.80 27.68 37.69
N LYS F 144 11.63 28.71 37.77
CA LYS F 144 12.13 29.36 36.54
C LYS F 144 13.28 28.56 35.88
N ILE F 145 13.31 28.56 34.55
CA ILE F 145 14.33 27.83 33.81
C ILE F 145 15.04 28.75 32.83
N ARG F 146 16.37 28.70 32.79
CA ARG F 146 17.11 29.56 31.86
C ARG F 146 16.89 29.09 30.42
N LYS F 147 16.45 30.01 29.56
CA LYS F 147 16.20 29.68 28.18
C LYS F 147 17.46 29.24 27.42
N GLY F 148 17.32 28.17 26.63
CA GLY F 148 18.46 27.71 25.88
C GLY F 148 19.52 26.97 26.68
N SER F 149 19.20 26.63 27.94
CA SER F 149 20.15 25.92 28.79
C SER F 149 20.04 24.44 28.43
N SER F 150 21.09 23.65 28.70
CA SER F 150 21.00 22.23 28.37
C SER F 150 20.53 21.41 29.54
N THR F 151 19.70 20.41 29.27
CA THR F 151 19.23 19.55 30.34
C THR F 151 20.32 18.54 30.70
N CYS F 152 21.42 18.58 29.95
CA CYS F 152 22.53 17.67 30.17
C CYS F 152 22.11 16.22 30.29
N ILE F 153 22.83 15.44 31.08
CA ILE F 153 22.50 14.02 31.21
C ILE F 153 21.06 13.71 31.62
N PRO F 154 20.39 12.82 30.88
CA PRO F 154 20.80 12.07 29.68
C PRO F 154 20.41 12.66 28.31
N TYR F 155 19.47 13.61 28.27
CA TYR F 155 18.99 14.19 26.99
C TYR F 155 19.70 15.31 26.26
N PHE F 156 20.28 16.24 27.01
CA PHE F 156 20.98 17.32 26.38
C PHE F 156 20.04 18.10 25.46
N SER F 157 18.85 18.43 25.96
CA SER F 157 17.89 19.20 25.17
C SER F 157 17.97 20.68 25.50
N ASN F 158 17.55 21.55 24.57
CA ASN F 158 17.55 23.02 24.75
C ASN F 158 16.18 23.60 24.54
N ASP F 159 15.30 22.75 24.02
CA ASP F 159 13.93 23.09 23.72
C ASP F 159 13.15 23.35 25.01
N MET F 160 12.72 24.59 25.21
CA MET F 160 12.00 24.93 26.42
C MET F 160 10.83 24.01 26.64
N GLY F 161 10.17 23.64 25.55
CA GLY F 161 9.03 22.77 25.66
C GLY F 161 9.42 21.51 26.39
N THR F 162 10.50 20.91 25.94
CA THR F 162 11.04 19.67 26.50
C THR F 162 11.49 19.88 27.94
N LYS F 163 12.21 20.97 28.19
CA LYS F 163 12.69 21.23 29.54
C LYS F 163 11.50 21.28 30.53
N ILE F 164 10.43 21.99 30.16
CA ILE F 164 9.29 22.10 31.04
C ILE F 164 8.68 20.75 31.34
N GLU F 165 8.49 19.91 30.32
CA GLU F 165 7.91 18.60 30.54
C GLU F 165 8.81 17.84 31.50
N ILE F 166 10.11 17.90 31.24
CA ILE F 166 11.11 17.24 32.05
C ILE F 166 10.96 17.64 33.52
N ALA F 167 10.85 18.94 33.77
CA ALA F 167 10.70 19.44 35.13
C ALA F 167 9.39 18.98 35.77
N GLU F 168 8.26 19.29 35.13
CA GLU F 168 6.96 18.90 35.66
C GLU F 168 6.98 17.41 36.03
N ARG F 169 7.54 16.60 35.13
CA ARG F 169 7.66 15.17 35.35
C ARG F 169 8.46 14.91 36.63
N ALA F 170 9.63 15.53 36.72
CA ALA F 170 10.50 15.37 37.88
C ALA F 170 9.74 15.71 39.14
N LEU F 171 9.08 16.86 39.18
CA LEU F 171 8.34 17.20 40.37
C LEU F 171 7.32 16.12 40.68
N GLU F 172 6.75 15.49 39.66
CA GLU F 172 5.78 14.43 39.91
C GLU F 172 6.43 13.14 40.38
N LYS F 173 7.57 12.76 39.84
CA LYS F 173 8.18 11.51 40.30
C LYS F 173 9.39 11.63 41.27
N ALA F 174 9.73 12.86 41.68
CA ALA F 174 10.85 13.13 42.59
C ALA F 174 10.71 12.24 43.80
N GLU F 175 9.52 12.28 44.40
CA GLU F 175 9.25 11.47 45.58
C GLU F 175 9.54 10.00 45.34
N GLU F 176 8.96 9.45 44.29
CA GLU F 176 9.15 8.05 44.00
C GLU F 176 10.60 7.73 43.72
N ALA F 177 11.34 8.72 43.19
CA ALA F 177 12.76 8.55 42.86
C ALA F 177 13.61 8.52 44.12
N GLY F 178 13.37 9.52 44.96
CA GLY F 178 14.11 9.61 46.21
C GLY F 178 13.96 8.35 47.03
N ASN F 179 12.75 7.80 47.10
CA ASN F 179 12.55 6.60 47.88
C ASN F 179 13.35 5.46 47.26
N LEU F 180 13.37 5.42 45.94
CA LEU F 180 14.13 4.38 45.26
C LEU F 180 15.58 4.48 45.68
N MET F 181 15.98 5.73 45.94
CA MET F 181 17.34 6.03 46.34
C MET F 181 17.54 5.65 47.79
N LEU F 182 16.57 5.97 48.64
CA LEU F 182 16.66 5.61 50.06
C LEU F 182 16.90 4.09 50.16
N GLN F 183 16.26 3.32 49.28
CA GLN F 183 16.42 1.86 49.27
C GLN F 183 17.71 1.44 48.60
N GLY F 184 18.52 2.42 48.22
CA GLY F 184 19.79 2.11 47.58
C GLY F 184 19.77 1.69 46.12
N LYS F 185 18.64 1.92 45.46
CA LYS F 185 18.47 1.56 44.06
C LYS F 185 18.66 2.78 43.16
N PHE F 186 19.88 3.30 43.11
CA PHE F 186 20.14 4.50 42.29
C PHE F 186 19.99 4.24 40.81
N ASP F 187 20.42 3.06 40.38
CA ASP F 187 20.31 2.70 38.98
C ASP F 187 18.82 2.73 38.61
N ASP F 188 17.99 2.15 39.46
CA ASP F 188 16.57 2.18 39.18
C ASP F 188 16.11 3.61 39.06
N ALA F 189 16.46 4.44 40.02
CA ALA F 189 16.02 5.83 40.01
C ALA F 189 16.49 6.57 38.77
N TYR F 190 17.72 6.33 38.34
CA TYR F 190 18.25 6.98 37.13
C TYR F 190 17.47 6.52 35.88
N GLN F 191 17.43 5.20 35.70
CA GLN F 191 16.71 4.63 34.58
C GLN F 191 15.23 5.00 34.48
N LEU F 192 14.54 5.05 35.63
CA LEU F 192 13.13 5.38 35.60
C LEU F 192 12.80 6.85 35.51
N HIS F 193 13.60 7.70 36.14
CA HIS F 193 13.28 9.12 36.13
C HIS F 193 14.43 10.06 35.84
N GLN F 194 15.54 9.51 35.34
CA GLN F 194 16.73 10.31 35.00
C GLN F 194 17.29 11.14 36.14
N MET F 195 17.10 10.69 37.38
CA MET F 195 17.61 11.37 38.56
C MET F 195 18.81 10.57 39.07
N GLY F 196 19.98 10.98 38.60
CA GLY F 196 21.20 10.29 38.95
C GLY F 196 22.17 10.45 37.80
N GLY F 197 22.95 9.42 37.52
CA GLY F 197 23.88 9.51 36.42
C GLY F 197 25.16 10.24 36.76
N ALA F 198 25.28 11.50 36.34
CA ALA F 198 26.48 12.27 36.62
C ALA F 198 26.41 13.70 36.12
N TYR F 199 27.38 14.50 36.56
CA TYR F 199 27.48 15.87 36.13
C TYR F 199 28.30 15.79 34.86
N TYR F 200 28.03 16.73 33.96
CA TYR F 200 28.73 16.81 32.68
C TYR F 200 29.76 17.96 32.74
N VAL F 201 31.04 17.64 32.72
CA VAL F 201 32.03 18.70 32.82
C VAL F 201 32.14 19.57 31.60
N VAL F 202 31.91 20.86 31.78
CA VAL F 202 32.05 21.78 30.67
C VAL F 202 33.10 22.75 31.18
N TYR F 203 34.10 22.98 30.35
CA TYR F 203 35.19 23.88 30.64
C TYR F 203 34.81 25.30 30.26
N ARG F 204 34.99 26.25 31.17
CA ARG F 204 34.64 27.64 30.94
C ARG F 204 35.83 28.59 30.94
N ALA F 205 35.72 29.65 30.16
CA ALA F 205 36.79 30.61 30.06
C ALA F 205 36.82 31.61 31.20
N GLN F 206 38.03 32.06 31.49
CA GLN F 206 38.31 33.04 32.52
C GLN F 206 39.16 33.97 31.66
N SER F 207 38.46 34.68 30.78
CA SER F 207 39.02 35.58 29.78
C SER F 207 40.13 36.51 30.24
N THR F 208 40.21 36.71 31.54
CA THR F 208 41.23 37.58 32.09
C THR F 208 41.80 36.94 33.34
N ASP F 209 43.11 36.86 33.37
CA ASP F 209 43.77 36.28 34.51
C ASP F 209 45.00 37.14 34.66
N ALA F 210 45.74 36.94 35.74
CA ALA F 210 46.91 37.75 35.98
C ALA F 210 48.02 37.60 34.93
N ILE F 211 48.64 38.74 34.65
CA ILE F 211 49.77 38.82 33.75
C ILE F 211 50.54 40.02 34.26
N THR F 212 51.85 39.85 34.40
CA THR F 212 52.70 40.92 34.87
C THR F 212 53.84 41.13 33.92
N LEU F 213 54.50 42.26 34.10
CA LEU F 213 55.62 42.60 33.24
C LEU F 213 56.93 42.72 34.01
N ASP F 214 57.72 41.64 33.99
CA ASP F 214 59.03 41.58 34.66
C ASP F 214 59.88 42.77 34.18
N PRO F 215 60.12 43.77 35.05
CA PRO F 215 60.91 44.95 34.68
C PRO F 215 62.33 44.65 34.14
N LYS F 216 62.92 43.57 34.66
CA LYS F 216 64.25 43.11 34.26
C LYS F 216 64.28 42.68 32.78
N THR F 217 63.54 41.61 32.48
CA THR F 217 63.45 41.03 31.14
C THR F 217 62.67 41.86 30.13
N GLY F 218 61.70 42.65 30.59
CA GLY F 218 60.89 43.42 29.66
C GLY F 218 59.86 42.49 29.01
N LYS F 219 59.78 41.28 29.55
CA LYS F 219 58.87 40.24 29.08
C LYS F 219 57.68 40.08 30.01
N PHE F 220 56.59 39.55 29.49
CA PHE F 220 55.38 39.36 30.29
C PHE F 220 55.35 37.98 30.94
N VAL F 221 54.58 37.85 32.00
CA VAL F 221 54.49 36.56 32.66
C VAL F 221 53.05 36.21 32.99
N SER F 222 52.54 35.12 32.42
CA SER F 222 51.16 34.73 32.70
C SER F 222 51.16 33.98 34.01
N LYS F 223 50.19 34.27 34.87
CA LYS F 223 50.12 33.59 36.16
C LYS F 223 49.92 32.09 35.99
N ASP F 224 50.82 31.30 36.54
CA ASP F 224 50.67 29.86 36.41
C ASP F 224 49.39 29.39 37.08
N ARG F 225 48.79 28.35 36.50
CA ARG F 225 47.56 27.78 37.04
C ARG F 225 47.76 26.29 37.15
N MET F 226 47.82 25.79 38.38
CA MET F 226 48.06 24.37 38.60
C MET F 226 46.87 23.55 38.16
N VAL F 227 47.14 22.38 37.59
CA VAL F 227 46.08 21.51 37.12
C VAL F 227 46.44 20.10 37.50
N ALA F 228 45.41 19.27 37.62
CA ALA F 228 45.57 17.88 38.00
C ALA F 228 45.40 16.98 36.81
N ASP F 229 46.29 16.00 36.70
CA ASP F 229 46.19 15.05 35.61
C ASP F 229 45.20 14.02 36.11
N PHE F 230 44.80 13.10 35.26
CA PHE F 230 43.82 12.11 35.69
C PHE F 230 44.17 11.35 36.96
N GLU F 231 45.41 10.86 37.04
CA GLU F 231 45.86 10.10 38.18
C GLU F 231 45.64 10.83 39.47
N TYR F 232 46.06 12.07 39.49
CA TYR F 232 45.89 12.88 40.67
C TYR F 232 44.38 12.97 41.01
N ALA F 233 43.57 13.41 40.04
CA ALA F 233 42.14 13.57 40.23
C ALA F 233 41.41 12.37 40.84
N VAL F 234 41.71 11.16 40.37
CA VAL F 234 41.04 9.97 40.89
C VAL F 234 41.60 9.52 42.23
N THR F 235 42.85 9.84 42.51
CA THR F 235 43.44 9.43 43.76
C THR F 235 43.42 10.55 44.77
N GLY F 236 42.52 11.52 44.58
CA GLY F 236 42.40 12.65 45.50
C GLY F 236 43.68 13.34 45.92
N GLY F 237 44.74 13.17 45.11
CA GLY F 237 46.01 13.79 45.40
C GLY F 237 47.10 12.77 45.70
N GLU F 238 46.72 11.61 46.22
CA GLU F 238 47.64 10.52 46.58
C GLU F 238 48.72 10.35 45.53
N GLN F 239 48.32 10.00 44.32
CA GLN F 239 49.31 9.86 43.27
C GLN F 239 49.12 10.89 42.22
N GLY F 240 49.57 10.60 41.00
CA GLY F 240 49.42 11.57 39.94
C GLY F 240 50.26 12.81 40.22
N SER F 241 50.06 13.84 39.41
CA SER F 241 50.82 15.06 39.61
C SER F 241 49.97 16.28 39.38
N LEU F 242 50.44 17.39 39.94
CA LEU F 242 49.76 18.66 39.85
C LEU F 242 50.81 19.57 39.24
N PHE F 243 50.48 20.27 38.18
CA PHE F 243 51.45 21.14 37.49
C PHE F 243 50.78 22.30 36.82
N ALA F 244 51.58 23.25 36.37
CA ALA F 244 51.04 24.41 35.69
C ALA F 244 50.63 24.06 34.26
N ALA F 245 49.47 24.53 33.87
CA ALA F 245 48.97 24.33 32.52
C ALA F 245 49.79 25.25 31.63
N SER F 246 49.81 25.03 30.32
CA SER F 246 50.60 25.90 29.49
C SER F 246 49.77 26.98 28.83
N LYS F 247 50.00 28.23 29.23
CA LYS F 247 49.27 29.38 28.67
C LYS F 247 49.98 29.97 27.44
N ASP F 248 51.06 29.31 27.04
CA ASP F 248 51.85 29.79 25.91
C ASP F 248 51.03 29.76 24.64
N ALA F 249 50.88 30.94 24.02
CA ALA F 249 50.09 31.06 22.80
C ALA F 249 50.90 31.03 21.49
N SER F 250 52.14 30.56 21.55
CA SER F 250 52.98 30.50 20.36
C SER F 250 52.40 29.48 19.41
N ARG F 251 51.91 28.40 20.00
CA ARG F 251 51.32 27.34 19.21
C ARG F 251 50.33 27.90 18.19
N LEU F 252 49.54 28.88 18.59
CA LEU F 252 48.55 29.44 17.68
C LEU F 252 49.09 29.80 16.29
N LYS F 253 50.33 30.31 16.24
CA LYS F 253 50.92 30.71 14.98
C LYS F 253 51.21 29.47 14.16
N GLU F 254 51.93 28.55 14.76
CA GLU F 254 52.28 27.33 14.09
C GLU F 254 51.06 26.49 13.67
N GLN F 255 49.99 26.50 14.47
CA GLN F 255 48.80 25.68 14.20
C GLN F 255 47.70 26.26 13.35
N TYR F 256 47.40 27.54 13.57
CA TYR F 256 46.32 28.19 12.83
C TYR F 256 46.83 29.38 12.06
N GLY F 257 48.14 29.56 12.09
CA GLY F 257 48.71 30.69 11.39
C GLY F 257 48.34 32.03 12.02
N ILE F 258 47.73 32.01 13.21
CA ILE F 258 47.35 33.25 13.86
C ILE F 258 48.58 33.94 14.41
N ASP F 259 48.76 35.21 14.05
CA ASP F 259 49.91 35.94 14.55
C ASP F 259 49.73 36.33 16.02
N VAL F 260 50.67 35.86 16.84
CA VAL F 260 50.65 36.10 18.27
C VAL F 260 51.65 37.19 18.68
N PRO F 261 51.15 38.40 18.97
CA PRO F 261 52.04 39.49 19.39
C PRO F 261 52.62 39.19 20.76
N ASP F 262 53.84 39.65 21.00
CA ASP F 262 54.48 39.38 22.26
C ASP F 262 53.64 39.84 23.43
N GLY F 263 53.53 38.97 24.42
CA GLY F 263 52.80 39.29 25.63
C GLY F 263 51.32 38.97 25.62
N PHE F 264 50.94 37.97 24.84
CA PHE F 264 49.56 37.52 24.76
C PHE F 264 49.55 36.02 25.05
N PHE F 265 48.56 35.60 25.84
CA PHE F 265 48.48 34.20 26.24
C PHE F 265 47.17 33.55 26.01
N CYS F 266 47.17 32.24 26.20
CA CYS F 266 45.96 31.45 26.07
C CYS F 266 45.18 31.67 27.36
N GLU F 267 43.87 31.50 27.30
CA GLU F 267 42.99 31.67 28.47
C GLU F 267 43.04 30.58 29.54
N ARG F 268 42.68 30.99 30.73
CA ARG F 268 42.61 30.10 31.86
C ARG F 268 41.30 29.36 31.77
N ARG F 269 41.30 28.04 31.94
CA ARG F 269 40.01 27.39 31.92
C ARG F 269 39.60 26.75 33.22
N ARG F 270 38.37 27.04 33.62
CA ARG F 270 37.83 26.53 34.86
C ARG F 270 36.86 25.43 34.58
N THR F 271 36.76 24.45 35.47
CA THR F 271 35.78 23.41 35.23
C THR F 271 34.39 23.91 35.66
N ALA F 272 33.35 23.30 35.12
CA ALA F 272 31.97 23.67 35.45
C ALA F 272 31.14 22.38 35.31
N MET F 273 30.08 22.25 36.09
CA MET F 273 29.32 21.03 36.00
C MET F 273 27.90 21.22 35.49
N GLY F 274 27.48 20.37 34.56
CA GLY F 274 26.13 20.38 34.05
C GLY F 274 25.35 19.27 34.76
N GLY F 275 24.47 19.66 35.66
CA GLY F 275 23.73 18.67 36.39
C GLY F 275 22.63 18.02 35.61
N PRO F 276 22.27 16.77 35.93
CA PRO F 276 21.18 16.14 35.18
C PRO F 276 19.93 16.88 35.64
N PHE F 277 19.30 17.56 34.70
CA PHE F 277 18.14 18.39 34.98
C PHE F 277 17.02 17.71 35.76
N ALA F 278 16.77 16.44 35.48
CA ALA F 278 15.69 15.71 36.17
C ALA F 278 15.88 15.75 37.69
N LEU F 279 17.14 15.74 38.12
CA LEU F 279 17.50 15.76 39.52
C LEU F 279 17.56 17.18 40.04
N ASN F 280 18.15 18.08 39.26
CA ASN F 280 18.25 19.47 39.69
C ASN F 280 16.92 20.22 39.78
N ALA F 281 15.91 19.76 39.07
CA ALA F 281 14.62 20.43 39.08
C ALA F 281 14.01 20.45 40.47
N PRO F 282 13.75 19.26 41.06
CA PRO F 282 13.17 19.23 42.40
C PRO F 282 13.99 20.04 43.41
N ILE F 283 15.29 20.13 43.18
CA ILE F 283 16.15 20.89 44.08
C ILE F 283 15.94 22.38 43.86
N MET F 284 15.99 22.84 42.62
CA MET F 284 15.77 24.25 42.32
C MET F 284 14.40 24.66 42.90
N ALA F 285 13.43 23.75 42.82
CA ALA F 285 12.08 24.01 43.35
C ALA F 285 12.09 24.54 44.79
N VAL F 286 12.99 24.00 45.61
CA VAL F 286 13.14 24.39 47.01
C VAL F 286 14.15 25.55 47.16
N ALA F 287 15.18 25.51 46.32
CA ALA F 287 16.26 26.48 46.36
C ALA F 287 15.83 27.93 46.21
N GLN F 288 14.90 28.21 45.29
CA GLN F 288 14.47 29.59 45.05
C GLN F 288 13.73 30.15 46.23
N PRO F 289 12.82 29.36 46.82
CA PRO F 289 12.09 29.86 47.99
C PRO F 289 13.12 30.25 49.08
N VAL F 290 14.16 29.42 49.23
CA VAL F 290 15.19 29.75 50.21
C VAL F 290 15.82 31.11 49.87
N ARG F 291 16.12 31.34 48.60
CA ARG F 291 16.71 32.61 48.18
C ARG F 291 15.81 33.76 48.56
N ASN F 292 14.52 33.60 48.30
CA ASN F 292 13.55 34.62 48.64
C ASN F 292 13.56 34.93 50.14
N LYS F 293 13.58 33.89 50.97
CA LYS F 293 13.59 34.11 52.42
C LYS F 293 14.85 34.83 52.87
N ILE F 294 16.01 34.26 52.58
CA ILE F 294 17.19 34.95 53.04
C ILE F 294 17.35 36.32 52.40
N TYR F 295 16.89 36.53 51.16
CA TYR F 295 17.07 37.87 50.57
C TYR F 295 16.09 38.90 51.12
N SER F 296 15.02 38.43 51.74
CA SER F 296 14.02 39.32 52.35
C SER F 296 14.31 39.49 53.85
N LYS F 297 13.98 38.45 54.64
CA LYS F 297 14.21 38.49 56.07
C LYS F 297 15.65 38.76 56.45
N TYR F 298 16.60 38.20 55.71
CA TYR F 298 17.97 38.46 56.09
C TYR F 298 18.65 39.33 55.07
N ALA F 299 17.86 40.24 54.52
CA ALA F 299 18.36 41.15 53.52
C ALA F 299 19.59 41.93 53.97
N TYR F 300 19.79 42.09 55.28
CA TYR F 300 20.95 42.85 55.69
C TYR F 300 22.22 42.16 55.23
N THR F 301 22.39 40.89 55.58
CA THR F 301 23.65 40.28 55.19
C THR F 301 23.63 39.53 53.87
N PHE F 302 22.43 39.32 53.30
CA PHE F 302 22.32 38.55 52.06
C PHE F 302 21.81 39.21 50.77
N HIS F 303 20.99 40.24 50.87
CA HIS F 303 20.48 40.88 49.67
C HIS F 303 21.27 42.15 49.30
N HIS F 304 22.07 42.06 48.24
CA HIS F 304 22.89 43.20 47.85
C HIS F 304 22.62 43.61 46.41
N THR F 305 22.46 44.91 46.19
CA THR F 305 22.17 45.43 44.86
C THR F 305 23.10 46.53 44.36
N THR F 306 22.84 47.80 44.70
CA THR F 306 23.68 48.88 44.18
C THR F 306 24.92 49.19 44.96
N ARG F 307 25.76 50.05 44.39
CA ARG F 307 26.99 50.45 45.07
C ARG F 307 26.58 51.21 46.33
N LEU F 308 25.43 51.89 46.27
CA LEU F 308 24.93 52.67 47.39
C LEU F 308 24.24 51.80 48.42
N ASN F 309 23.61 50.73 47.94
CA ASN F 309 22.94 49.77 48.82
C ASN F 309 23.94 49.24 49.87
N LYS F 310 25.08 48.76 49.37
CA LYS F 310 26.16 48.23 50.16
C LYS F 310 26.77 49.33 51.00
N GLU F 311 27.06 50.46 50.36
CA GLU F 311 27.66 51.59 51.04
C GLU F 311 26.89 51.97 52.32
N GLU F 312 25.57 52.02 52.25
CA GLU F 312 24.78 52.36 53.41
C GLU F 312 25.19 51.50 54.61
N LYS F 313 25.13 50.17 54.47
CA LYS F 313 25.50 49.25 55.55
C LYS F 313 26.90 49.41 56.12
N VAL F 314 27.88 49.40 55.22
CA VAL F 314 29.26 49.53 55.65
C VAL F 314 29.63 50.87 56.30
N LYS F 315 28.98 51.95 55.88
CA LYS F 315 29.32 53.27 56.44
C LYS F 315 29.18 53.35 57.94
N GLU F 316 28.31 52.53 58.53
CA GLU F 316 28.11 52.53 59.97
C GLU F 316 29.06 51.62 60.72
N TRP F 317 30.07 51.12 60.05
CA TRP F 317 30.98 50.24 60.75
C TRP F 317 32.18 51.02 61.21
N SER F 318 32.82 50.50 62.24
CA SER F 318 34.00 51.16 62.77
C SER F 318 35.20 50.49 62.13
N LEU F 319 35.03 49.24 61.72
CA LEU F 319 36.07 48.47 61.04
C LEU F 319 35.39 47.62 60.00
N CYS F 320 36.01 47.53 58.82
CA CYS F 320 35.46 46.73 57.73
C CYS F 320 36.55 45.82 57.17
N VAL F 321 36.45 44.52 57.42
CA VAL F 321 37.43 43.59 56.89
C VAL F 321 36.87 42.89 55.64
N ALA F 322 37.58 43.05 54.52
CA ALA F 322 37.17 42.44 53.25
C ALA F 322 38.01 41.17 53.09
N THR F 323 37.38 40.04 53.37
CA THR F 323 38.02 38.73 53.31
C THR F 323 38.13 38.16 51.92
N ASP F 324 38.77 37.00 51.88
CA ASP F 324 39.03 36.28 50.64
C ASP F 324 39.23 34.77 50.85
N VAL F 325 38.37 33.94 50.26
CA VAL F 325 38.48 32.49 50.41
C VAL F 325 39.27 31.87 49.28
N SER F 326 40.03 30.82 49.57
CA SER F 326 40.80 30.18 48.52
C SER F 326 40.12 28.93 47.96
N ASP F 327 40.00 28.86 46.63
CA ASP F 327 39.41 27.70 45.96
C ASP F 327 38.15 27.23 46.68
N HIS F 328 37.24 28.16 46.93
CA HIS F 328 36.01 27.87 47.64
C HIS F 328 35.32 26.55 47.32
N ASP F 329 34.93 26.42 46.07
CA ASP F 329 34.20 25.26 45.59
C ASP F 329 34.86 23.91 45.73
N THR F 330 36.17 23.84 45.52
CA THR F 330 36.78 22.52 45.61
C THR F 330 37.08 22.18 47.06
N PHE F 331 37.00 23.19 47.93
CA PHE F 331 37.26 22.97 49.34
C PHE F 331 36.00 22.71 50.14
N TRP F 332 34.87 23.15 49.61
CA TRP F 332 33.61 22.95 50.28
C TRP F 332 33.58 21.53 50.83
N PRO F 333 33.26 21.38 52.13
CA PRO F 333 33.20 20.10 52.86
C PRO F 333 31.98 19.22 52.73
N GLY F 334 32.22 17.98 52.34
CA GLY F 334 31.12 17.05 52.23
C GLY F 334 30.41 16.90 53.55
N TRP F 335 31.12 17.15 54.65
CA TRP F 335 30.45 17.00 55.93
C TRP F 335 29.39 18.04 56.10
N LEU F 336 29.57 19.20 55.47
CA LEU F 336 28.54 20.22 55.61
C LEU F 336 27.27 19.78 54.92
N ARG F 337 27.45 19.05 53.82
CA ARG F 337 26.35 18.50 53.04
C ARG F 337 25.55 17.58 53.94
N ASP F 338 26.27 16.64 54.55
CA ASP F 338 25.67 15.67 55.45
C ASP F 338 25.01 16.33 56.65
N LEU F 339 25.69 17.32 57.25
CA LEU F 339 25.12 18.02 58.39
C LEU F 339 23.80 18.65 57.94
N ILE F 340 23.85 19.41 56.84
CA ILE F 340 22.65 20.05 56.34
C ILE F 340 21.49 19.07 56.14
N CYS F 341 21.79 17.94 55.50
CA CYS F 341 20.77 16.92 55.26
C CYS F 341 20.16 16.41 56.57
N ASP F 342 21.04 16.10 57.52
CA ASP F 342 20.60 15.62 58.83
C ASP F 342 19.71 16.65 59.52
N GLU F 343 20.15 17.89 59.57
CA GLU F 343 19.35 18.92 60.20
C GLU F 343 18.02 19.09 59.47
N LEU F 344 18.07 18.96 58.14
CA LEU F 344 16.87 19.10 57.33
C LEU F 344 15.85 18.05 57.71
N LEU F 345 16.31 16.83 57.96
CA LEU F 345 15.40 15.76 58.36
C LEU F 345 14.81 16.06 59.72
N ASN F 346 15.63 16.61 60.61
CA ASN F 346 15.16 16.97 61.95
C ASN F 346 14.05 17.99 61.80
N MET F 347 14.28 19.04 61.01
CA MET F 347 13.27 20.08 60.78
C MET F 347 12.00 19.44 60.23
N GLY F 348 12.12 18.21 59.71
CA GLY F 348 10.97 17.49 59.17
C GLY F 348 10.76 17.49 57.68
N TYR F 349 11.84 17.49 56.88
CA TYR F 349 11.75 17.46 55.42
C TYR F 349 11.59 16.02 54.91
N ALA F 350 10.68 15.83 53.97
CA ALA F 350 10.50 14.52 53.39
C ALA F 350 11.85 13.83 53.12
N PRO F 351 12.04 12.65 53.69
CA PRO F 351 13.26 11.86 53.52
C PRO F 351 13.70 11.76 52.06
N TRP F 352 12.76 11.32 51.23
CA TRP F 352 13.04 11.17 49.80
C TRP F 352 13.61 12.45 49.20
N TRP F 353 13.05 13.60 49.56
CA TRP F 353 13.60 14.83 48.99
C TRP F 353 14.99 15.11 49.54
N VAL F 354 15.19 14.87 50.84
CA VAL F 354 16.51 15.11 51.38
C VAL F 354 17.47 14.13 50.72
N LYS F 355 17.00 12.91 50.45
CA LYS F 355 17.88 11.97 49.79
C LYS F 355 18.33 12.47 48.39
N LEU F 356 17.42 13.12 47.67
CA LEU F 356 17.71 13.65 46.35
C LEU F 356 18.77 14.70 46.55
N PHE F 357 18.49 15.64 47.45
CA PHE F 357 19.42 16.72 47.74
C PHE F 357 20.81 16.20 48.10
N GLU F 358 20.87 15.19 48.96
CA GLU F 358 22.15 14.61 49.32
C GLU F 358 22.86 14.04 48.10
N THR F 359 22.22 13.08 47.44
CA THR F 359 22.77 12.43 46.25
C THR F 359 23.32 13.42 45.25
N SER F 360 22.59 14.52 45.06
CA SER F 360 22.99 15.55 44.11
C SER F 360 24.35 16.14 44.45
N LEU F 361 24.76 16.02 45.71
CA LEU F 361 26.03 16.56 46.14
C LEU F 361 27.14 15.53 46.25
N LYS F 362 26.88 14.30 45.76
CA LYS F 362 27.92 13.28 45.78
C LYS F 362 27.94 12.47 44.49
N LEU F 363 27.37 13.08 43.45
CA LEU F 363 27.26 12.48 42.12
C LEU F 363 28.57 12.43 41.37
N PRO F 364 28.73 11.43 40.46
CA PRO F 364 29.90 11.21 39.61
C PRO F 364 30.03 12.34 38.57
N VAL F 365 31.17 12.41 37.90
CA VAL F 365 31.35 13.43 36.87
C VAL F 365 31.92 12.85 35.60
N TYR F 366 31.35 13.30 34.48
CA TYR F 366 31.80 12.86 33.18
C TYR F 366 32.72 13.93 32.63
N VAL F 367 33.98 13.58 32.49
CA VAL F 367 34.94 14.52 31.93
C VAL F 367 34.90 14.47 30.43
N GLY F 368 34.67 15.63 29.83
CA GLY F 368 34.62 15.69 28.38
C GLY F 368 35.98 15.66 27.74
N ALA F 369 36.50 16.83 27.39
CA ALA F 369 37.77 16.91 26.72
C ALA F 369 38.64 18.04 27.28
N PRO F 370 39.37 17.76 28.35
CA PRO F 370 40.25 18.74 28.99
C PRO F 370 41.39 19.17 28.10
N ALA F 371 41.71 18.33 27.12
CA ALA F 371 42.78 18.61 26.18
C ALA F 371 42.68 17.66 25.03
N PRO F 372 43.44 17.93 23.96
CA PRO F 372 43.44 17.09 22.76
C PRO F 372 43.82 15.68 23.17
N GLU F 373 43.18 14.67 22.59
CA GLU F 373 43.49 13.26 22.95
C GLU F 373 43.30 12.98 24.44
N GLN F 374 42.25 13.54 25.05
CA GLN F 374 42.00 13.33 26.48
C GLN F 374 40.55 13.46 26.87
N GLY F 375 40.17 12.76 27.93
CA GLY F 375 38.81 12.87 28.39
C GLY F 375 37.94 11.69 28.11
N HIS F 376 36.66 11.96 27.87
CA HIS F 376 35.71 10.93 27.58
C HIS F 376 35.86 9.84 28.60
N THR F 377 35.82 10.26 29.87
CA THR F 377 35.94 9.34 30.99
C THR F 377 34.97 9.75 32.08
N LEU F 378 34.35 8.75 32.71
CA LEU F 378 33.40 8.98 33.78
C LEU F 378 34.11 8.65 35.09
N LEU F 379 34.07 9.59 36.03
CA LEU F 379 34.67 9.42 37.35
C LEU F 379 33.56 9.05 38.35
N GLY F 380 33.82 8.00 39.15
CA GLY F 380 32.83 7.56 40.14
C GLY F 380 31.73 6.70 39.54
N ASP F 381 31.22 5.79 40.35
CA ASP F 381 30.19 4.87 39.89
C ASP F 381 28.78 5.38 40.17
N PRO F 382 27.98 5.62 39.12
CA PRO F 382 26.61 6.10 39.28
C PRO F 382 25.73 5.14 40.08
N SER F 383 26.10 3.87 40.15
CA SER F 383 25.25 2.93 40.87
C SER F 383 25.27 3.22 42.37
N ASN F 384 26.35 3.84 42.82
CA ASN F 384 26.48 4.19 44.19
C ASN F 384 27.28 5.43 44.41
N PRO F 385 26.64 6.57 44.19
CA PRO F 385 27.16 7.93 44.29
C PRO F 385 27.91 8.17 45.60
N ASP F 386 29.23 8.34 45.51
CA ASP F 386 30.06 8.56 46.69
C ASP F 386 31.24 9.49 46.42
N LEU F 387 31.08 10.43 45.52
CA LEU F 387 32.19 11.31 45.24
C LEU F 387 32.20 12.44 46.27
N GLU F 388 33.32 13.16 46.37
CA GLU F 388 33.47 14.28 47.29
C GLU F 388 34.23 15.35 46.53
N VAL F 389 33.59 15.98 45.54
CA VAL F 389 34.22 16.99 44.69
C VAL F 389 34.14 18.38 45.26
N GLY F 390 33.43 18.50 46.38
CA GLY F 390 33.21 19.78 46.99
C GLY F 390 31.87 20.24 46.44
N LEU F 391 31.80 21.49 45.99
CA LEU F 391 30.57 22.03 45.39
C LEU F 391 30.62 21.77 43.88
N SER F 392 29.49 21.37 43.33
CA SER F 392 29.42 21.07 41.91
C SER F 392 28.55 22.16 41.29
N SER F 393 29.14 23.08 40.53
CA SER F 393 28.39 24.22 39.97
C SER F 393 26.96 24.02 39.42
N GLY F 394 26.72 22.98 38.63
CA GLY F 394 25.38 22.81 38.12
C GLY F 394 24.32 22.38 39.12
N GLN F 395 24.70 22.11 40.36
CA GLN F 395 23.74 21.66 41.38
C GLN F 395 22.71 22.75 41.61
N GLY F 396 21.48 22.34 41.87
CA GLY F 396 20.44 23.33 42.03
C GLY F 396 20.61 24.45 43.05
N ALA F 397 21.41 24.21 44.09
CA ALA F 397 21.60 25.19 45.15
C ALA F 397 23.02 25.59 45.46
N THR F 398 23.94 25.38 44.53
CA THR F 398 25.31 25.73 44.84
C THR F 398 25.50 27.05 45.55
N ASP F 399 24.80 28.10 45.14
CA ASP F 399 25.01 29.39 45.83
C ASP F 399 24.63 29.34 47.30
N LEU F 400 23.56 28.62 47.59
CA LEU F 400 23.09 28.51 48.93
C LEU F 400 24.07 27.71 49.75
N MET F 401 24.57 26.59 49.21
CA MET F 401 25.53 25.79 49.97
C MET F 401 26.76 26.61 50.30
N GLY F 402 27.22 27.42 49.36
CA GLY F 402 28.38 28.25 49.60
C GLY F 402 28.12 29.35 50.62
N THR F 403 26.97 30.00 50.55
CA THR F 403 26.65 31.06 51.50
C THR F 403 26.49 30.48 52.91
N LEU F 404 25.69 29.41 53.03
CA LEU F 404 25.51 28.75 54.32
C LEU F 404 26.91 28.44 54.91
N LEU F 405 27.77 27.77 54.15
CA LEU F 405 29.08 27.48 54.67
C LEU F 405 29.83 28.72 55.10
N MET F 406 30.15 29.58 54.14
CA MET F 406 30.93 30.79 54.47
C MET F 406 30.30 31.75 55.51
N SER F 407 29.01 32.03 55.45
CA SER F 407 28.42 32.98 56.43
C SER F 407 28.69 32.50 57.84
N ILE F 408 28.38 31.25 58.14
CA ILE F 408 28.65 30.73 59.46
C ILE F 408 30.15 30.75 59.74
N THR F 409 30.95 30.47 58.72
CA THR F 409 32.40 30.47 58.90
C THR F 409 32.92 31.84 59.35
N TYR F 410 32.44 32.92 58.73
CA TYR F 410 32.86 34.27 59.10
C TYR F 410 32.33 34.59 60.51
N LEU F 411 31.06 34.27 60.77
CA LEU F 411 30.54 34.54 62.11
C LEU F 411 31.45 33.86 63.12
N VAL F 412 31.91 32.65 62.80
CA VAL F 412 32.78 31.97 63.73
C VAL F 412 34.12 32.70 63.88
N MET F 413 34.72 33.11 62.77
CA MET F 413 35.97 33.84 62.84
C MET F 413 35.81 35.02 63.79
N GLN F 414 34.66 35.70 63.70
CA GLN F 414 34.41 36.84 64.59
C GLN F 414 34.29 36.39 66.04
N LEU F 415 33.46 35.40 66.30
CA LEU F 415 33.30 34.89 67.65
C LEU F 415 34.69 34.49 68.19
N ASP F 416 35.37 33.58 67.50
CA ASP F 416 36.68 33.13 67.92
C ASP F 416 37.68 34.22 68.23
N HIS F 417 37.96 35.12 67.30
CA HIS F 417 38.97 36.14 67.53
C HIS F 417 38.57 37.51 68.09
N THR F 418 37.28 37.80 68.21
CA THR F 418 36.92 39.12 68.67
C THR F 418 35.67 39.22 69.52
N ALA F 419 34.96 38.13 69.77
CA ALA F 419 33.73 38.31 70.54
C ALA F 419 33.27 37.19 71.47
N PRO F 420 34.23 36.60 72.23
CA PRO F 420 33.96 35.51 73.17
C PRO F 420 32.76 35.79 74.10
N HIS F 421 32.56 37.06 74.43
CA HIS F 421 31.44 37.42 75.27
C HIS F 421 30.09 37.06 74.66
N LEU F 422 30.06 36.77 73.37
CA LEU F 422 28.80 36.41 72.77
C LEU F 422 28.56 34.91 72.86
N ASN F 423 29.61 34.15 73.17
CA ASN F 423 29.48 32.70 73.25
C ASN F 423 28.36 32.18 74.12
N SER F 424 28.19 32.81 75.28
CA SER F 424 27.17 32.45 76.27
C SER F 424 25.77 32.49 75.68
N ARG F 425 25.59 33.29 74.64
CA ARG F 425 24.30 33.45 73.97
C ARG F 425 23.91 32.24 73.09
N ILE F 426 24.87 31.34 72.89
CA ILE F 426 24.66 30.17 72.06
C ILE F 426 24.82 28.91 72.92
N LYS F 427 23.72 28.50 73.54
CA LYS F 427 23.68 27.35 74.43
C LYS F 427 23.00 26.12 73.84
N ASP F 428 22.02 26.35 72.98
CA ASP F 428 21.29 25.23 72.38
C ASP F 428 20.68 25.68 71.06
N MET F 429 19.93 24.80 70.40
CA MET F 429 19.37 25.20 69.12
C MET F 429 18.59 26.52 69.16
N PRO F 430 17.58 26.63 70.05
CA PRO F 430 16.76 27.85 70.20
C PRO F 430 17.58 29.11 70.41
N SER F 431 18.47 29.05 71.39
CA SER F 431 19.32 30.20 71.69
C SER F 431 20.23 30.47 70.50
N ALA F 432 20.68 29.40 69.85
CA ALA F 432 21.55 29.53 68.69
C ALA F 432 20.79 30.21 67.57
N CYS F 433 19.64 29.64 67.18
CA CYS F 433 18.82 30.22 66.14
C CYS F 433 18.59 31.68 66.46
N ARG F 434 18.04 31.94 67.66
CA ARG F 434 17.79 33.31 68.09
C ARG F 434 18.97 34.24 67.80
N PHE F 435 20.16 33.83 68.25
CA PHE F 435 21.35 34.62 68.03
C PHE F 435 21.65 34.85 66.54
N LEU F 436 21.65 33.76 65.78
CA LEU F 436 21.94 33.83 64.36
C LEU F 436 20.96 34.72 63.63
N ASP F 437 19.67 34.61 63.97
CA ASP F 437 18.65 35.42 63.32
C ASP F 437 18.84 36.90 63.63
N SER F 438 19.39 37.21 64.78
CA SER F 438 19.60 38.61 65.11
C SER F 438 20.86 39.04 64.37
N TYR F 439 21.85 38.17 64.37
CA TYR F 439 23.10 38.48 63.73
C TYR F 439 22.95 38.78 62.25
N TRP F 440 22.19 37.92 61.57
CA TRP F 440 21.96 38.05 60.13
C TRP F 440 21.18 39.31 59.77
N GLN F 441 20.36 39.78 60.70
CA GLN F 441 19.61 41.00 60.43
C GLN F 441 20.46 42.24 60.69
N GLY F 442 21.74 42.07 60.97
CA GLY F 442 22.62 43.20 61.22
C GLY F 442 22.45 43.91 62.54
N HIS F 443 21.69 43.27 63.44
CA HIS F 443 21.40 43.81 64.78
C HIS F 443 22.47 43.53 65.86
N GLU F 444 23.62 42.95 65.54
CA GLU F 444 24.62 42.71 66.59
C GLU F 444 25.80 43.64 66.40
N GLU F 445 26.71 43.69 67.39
CA GLU F 445 27.87 44.58 67.32
C GLU F 445 28.88 44.07 66.30
N ILE F 446 28.70 42.81 65.87
CA ILE F 446 29.53 42.22 64.79
C ILE F 446 28.59 41.94 63.60
N ARG F 447 29.06 42.26 62.39
CA ARG F 447 28.23 42.07 61.21
C ARG F 447 28.99 41.60 59.97
N GLN F 448 28.23 41.19 58.96
CA GLN F 448 28.82 40.75 57.71
C GLN F 448 27.81 40.96 56.60
N ILE F 449 28.32 41.09 55.39
CA ILE F 449 27.51 41.19 54.20
C ILE F 449 28.23 40.14 53.35
N SER F 450 27.47 39.21 52.78
CA SER F 450 28.09 38.18 51.97
C SER F 450 27.24 37.43 50.96
N LYS F 451 27.98 36.78 50.06
CA LYS F 451 27.41 35.97 49.00
C LYS F 451 28.51 34.98 48.68
N SER F 452 28.24 33.71 48.99
CA SER F 452 29.21 32.66 48.75
C SER F 452 30.61 33.04 49.28
N ASP F 453 31.60 33.10 48.39
CA ASP F 453 32.95 33.39 48.84
C ASP F 453 33.40 34.83 48.90
N ASP F 454 32.48 35.75 48.69
CA ASP F 454 32.84 37.16 48.84
C ASP F 454 32.05 37.67 50.04
N ALA F 455 32.70 38.53 50.81
CA ALA F 455 32.07 39.10 51.99
C ALA F 455 32.93 40.20 52.59
N MET F 456 32.27 40.95 53.46
CA MET F 456 32.91 42.00 54.19
C MET F 456 32.42 41.87 55.61
N LEU F 457 33.40 41.77 56.52
CA LEU F 457 33.11 41.60 57.93
C LEU F 457 33.23 42.94 58.64
N GLY F 458 32.22 43.22 59.47
CA GLY F 458 32.19 44.48 60.18
C GLY F 458 32.11 44.41 61.70
N TRP F 459 32.54 45.51 62.32
CA TRP F 459 32.52 45.70 63.77
C TRP F 459 32.04 47.11 64.04
N THR F 460 31.12 47.25 65.00
CA THR F 460 30.60 48.55 65.41
C THR F 460 31.40 48.89 66.67
N LYS F 461 31.20 50.10 67.21
CA LYS F 461 31.90 50.50 68.45
C LYS F 461 31.38 49.49 69.46
N GLY F 462 32.28 48.94 70.27
CA GLY F 462 31.85 47.94 71.25
C GLY F 462 32.98 47.08 71.76
N ARG F 463 32.64 46.05 72.52
CA ARG F 463 33.67 45.17 73.06
C ARG F 463 34.50 44.38 72.04
N ALA F 464 33.83 43.88 71.01
CA ALA F 464 34.48 43.10 69.96
C ALA F 464 35.41 43.93 69.08
N LEU F 465 35.09 45.21 68.95
CA LEU F 465 35.88 46.08 68.10
C LEU F 465 37.39 45.99 68.31
N VAL F 466 37.84 45.87 69.53
CA VAL F 466 39.30 45.81 69.67
C VAL F 466 39.81 44.52 69.07
N GLY F 467 39.03 43.46 69.25
CA GLY F 467 39.40 42.16 68.73
C GLY F 467 39.45 42.20 67.22
N GLY F 468 38.45 42.86 66.64
CA GLY F 468 38.37 43.01 65.19
C GLY F 468 39.72 43.44 64.63
N HIS F 469 40.22 44.57 65.12
CA HIS F 469 41.50 45.07 64.67
C HIS F 469 42.57 44.01 64.79
N ARG F 470 42.59 43.30 65.90
CA ARG F 470 43.60 42.26 66.09
C ARG F 470 43.55 41.22 64.98
N LEU F 471 42.32 40.79 64.65
CA LEU F 471 42.09 39.79 63.60
C LEU F 471 42.60 40.26 62.24
N PHE F 472 42.18 41.47 61.86
CA PHE F 472 42.57 42.13 60.61
C PHE F 472 44.08 42.12 60.55
N GLU F 473 44.70 42.35 61.70
CA GLU F 473 46.13 42.36 61.78
C GLU F 473 46.64 40.94 61.58
N MET F 474 45.96 39.93 62.14
CA MET F 474 46.40 38.53 61.97
C MET F 474 46.42 38.19 60.47
N LEU F 475 45.44 38.78 59.78
CA LEU F 475 45.25 38.64 58.36
C LEU F 475 46.35 39.37 57.60
N LYS F 476 46.66 40.62 57.95
CA LYS F 476 47.75 41.29 57.22
C LYS F 476 49.02 40.45 57.32
N GLU F 477 49.39 40.02 58.53
CA GLU F 477 50.60 39.22 58.70
C GLU F 477 50.45 37.92 58.00
N GLY F 478 49.20 37.51 57.84
CA GLY F 478 48.88 36.26 57.16
C GLY F 478 49.81 35.07 57.34
N LYS F 479 50.09 34.67 58.58
CA LYS F 479 50.96 33.52 58.79
C LYS F 479 50.10 32.44 59.40
N VAL F 480 48.97 32.87 59.93
CA VAL F 480 48.04 31.93 60.54
C VAL F 480 46.63 32.05 59.93
N ASN F 481 46.02 30.91 59.67
CA ASN F 481 44.69 30.89 59.10
C ASN F 481 43.70 31.08 60.25
N PRO F 482 42.89 32.12 60.19
CA PRO F 482 41.90 32.44 61.21
C PRO F 482 40.70 31.51 61.32
N SER F 483 40.59 30.56 60.41
CA SER F 483 39.45 29.66 60.49
C SER F 483 39.91 28.23 60.40
N PRO F 484 39.11 27.33 60.96
CA PRO F 484 39.46 25.90 60.93
C PRO F 484 38.75 25.25 59.74
N TYR F 485 37.87 26.02 59.10
CA TYR F 485 37.05 25.50 58.01
C TYR F 485 37.46 25.68 56.53
N MET F 486 37.91 26.87 56.19
CA MET F 486 38.31 27.18 54.83
C MET F 486 39.55 28.02 54.96
N LYS F 487 40.30 28.20 53.88
CA LYS F 487 41.50 29.03 53.95
C LYS F 487 41.13 30.49 53.71
N ILE F 488 41.12 31.28 54.78
CA ILE F 488 40.76 32.69 54.68
C ILE F 488 41.99 33.58 54.70
N SER F 489 41.85 34.78 54.13
CA SER F 489 42.90 35.82 54.08
C SER F 489 42.22 37.13 53.67
N TYR F 490 42.95 38.23 53.58
CA TYR F 490 42.26 39.47 53.20
C TYR F 490 42.43 39.67 51.70
N GLU F 491 41.42 40.27 51.07
CA GLU F 491 41.42 40.55 49.63
C GLU F 491 42.29 41.76 49.34
N HIS F 492 43.35 41.56 48.56
CA HIS F 492 44.26 42.64 48.19
C HIS F 492 43.53 43.54 47.17
N GLY F 493 42.83 44.52 47.70
CA GLY F 493 42.04 45.41 46.88
C GLY F 493 40.64 45.12 47.39
N GLY F 494 40.42 45.46 48.66
CA GLY F 494 39.12 45.21 49.25
C GLY F 494 37.95 45.65 48.40
N ALA F 495 37.15 44.67 47.96
CA ALA F 495 35.92 44.92 47.20
C ALA F 495 34.86 43.85 47.47
N PHE F 496 33.61 44.23 47.25
CA PHE F 496 32.48 43.33 47.47
C PHE F 496 31.50 43.32 46.30
N LEU F 497 31.19 42.11 45.84
CA LEU F 497 30.27 41.91 44.75
C LEU F 497 30.47 42.84 43.56
N GLY F 498 31.72 43.01 43.15
CA GLY F 498 32.01 43.82 41.98
C GLY F 498 32.28 45.30 42.17
N ASP F 499 32.05 45.79 43.37
CA ASP F 499 32.31 47.20 43.66
C ASP F 499 33.46 47.30 44.65
N ILE F 500 34.36 48.25 44.40
CA ILE F 500 35.51 48.42 45.25
C ILE F 500 35.22 49.38 46.39
N LEU F 501 35.78 49.09 47.55
CA LEU F 501 35.59 49.95 48.69
C LEU F 501 36.73 50.94 48.66
N LEU F 502 36.38 52.18 48.33
CA LEU F 502 37.33 53.28 48.21
C LEU F 502 37.47 54.11 49.48
N TYR F 503 38.60 53.90 50.15
CA TYR F 503 38.93 54.58 51.39
C TYR F 503 39.63 55.90 51.10
N ASP F 504 39.45 56.92 51.96
CA ASP F 504 40.17 58.20 51.79
C ASP F 504 41.33 58.15 52.77
N SER F 505 41.96 59.29 53.09
CA SER F 505 43.11 59.27 54.01
C SER F 505 42.81 58.69 55.39
N ARG F 506 41.60 58.92 55.89
CA ARG F 506 41.16 58.41 57.20
C ARG F 506 41.29 56.87 57.24
N ARG F 507 40.91 56.22 56.15
CA ARG F 507 40.94 54.76 56.04
C ARG F 507 39.90 54.22 57.00
N GLU F 508 38.65 54.65 56.83
CA GLU F 508 37.58 54.20 57.71
C GLU F 508 36.26 53.98 56.97
N PRO F 509 35.54 52.90 57.33
CA PRO F 509 34.26 52.50 56.76
C PRO F 509 33.21 53.61 56.59
N GLY F 510 33.28 54.62 57.46
CA GLY F 510 32.35 55.73 57.39
C GLY F 510 32.69 56.75 56.32
N SER F 511 33.99 56.99 56.09
CA SER F 511 34.42 57.97 55.10
C SER F 511 34.77 57.29 53.79
N ALA F 512 34.52 55.99 53.69
CA ALA F 512 34.82 55.26 52.46
C ALA F 512 33.59 55.21 51.57
N ILE F 513 33.80 54.89 50.30
CA ILE F 513 32.71 54.75 49.35
C ILE F 513 32.91 53.55 48.43
N PHE F 514 31.82 53.14 47.79
CA PHE F 514 31.83 51.99 46.87
C PHE F 514 31.79 52.44 45.40
N VAL F 515 32.91 52.29 44.71
CA VAL F 515 32.99 52.64 43.29
C VAL F 515 33.03 51.36 42.47
N GLY F 516 32.62 51.41 41.21
CA GLY F 516 32.66 50.21 40.43
C GLY F 516 34.11 49.91 40.11
N ASN F 517 34.42 48.63 39.86
CA ASN F 517 35.79 48.23 39.51
C ASN F 517 35.97 48.60 38.04
N ILE F 518 36.85 49.56 37.74
CA ILE F 518 37.05 49.96 36.33
C ILE F 518 37.56 48.80 35.46
N ASN F 519 38.39 47.93 36.03
CA ASN F 519 38.93 46.81 35.30
C ASN F 519 37.83 45.93 34.75
N SER F 520 36.82 45.70 35.57
CA SER F 520 35.71 44.87 35.17
C SER F 520 35.00 45.44 33.94
N MET F 521 35.03 46.78 33.78
CA MET F 521 34.42 47.39 32.60
C MET F 521 35.27 46.91 31.45
N LEU F 522 36.58 47.14 31.55
CA LEU F 522 37.50 46.70 30.52
C LEU F 522 37.33 45.20 30.19
N ASN F 523 37.28 44.35 31.21
CA ASN F 523 37.10 42.91 30.97
C ASN F 523 35.80 42.63 30.23
N ASN F 524 34.68 43.14 30.74
CA ASN F 524 33.42 42.93 30.08
C ASN F 524 33.47 43.38 28.63
N GLN F 525 33.94 44.60 28.36
CA GLN F 525 33.98 45.11 26.99
C GLN F 525 34.99 44.57 26.00
N PHE F 526 36.21 44.23 26.42
CA PHE F 526 37.18 43.74 25.47
C PHE F 526 37.63 42.30 25.65
N SER F 527 37.14 41.66 26.69
CA SER F 527 37.48 40.27 26.93
C SER F 527 36.26 39.42 27.33
N PRO F 528 35.15 39.47 26.57
CA PRO F 528 33.98 38.67 26.93
C PRO F 528 34.34 37.20 27.06
N GLU F 529 33.48 36.45 27.70
CA GLU F 529 33.73 35.04 27.93
C GLU F 529 33.22 34.14 26.80
N TYR F 530 32.26 34.66 26.04
CA TYR F 530 31.69 33.96 24.90
C TYR F 530 31.59 34.95 23.77
N GLY F 531 31.52 34.45 22.54
CA GLY F 531 31.37 35.33 21.40
C GLY F 531 29.91 35.76 21.27
N VAL F 532 29.59 36.45 20.20
CA VAL F 532 28.23 36.94 20.05
C VAL F 532 27.21 35.96 19.50
N GLN F 533 27.67 34.76 19.14
CA GLN F 533 26.83 33.68 18.58
C GLN F 533 25.81 34.21 17.59
N SER F 534 26.24 35.00 16.60
CA SER F 534 25.30 35.58 15.65
C SER F 534 24.55 34.51 14.88
N GLY F 535 25.05 33.27 14.97
CA GLY F 535 24.40 32.16 14.32
C GLY F 535 23.14 31.70 15.03
N VAL F 536 22.94 32.10 16.29
CA VAL F 536 21.75 31.69 17.03
C VAL F 536 20.67 32.75 16.86
N ARG F 537 19.59 32.38 16.18
CA ARG F 537 18.51 33.31 15.87
C ARG F 537 17.82 33.88 17.06
N ASP F 538 17.67 33.07 18.10
CA ASP F 538 16.99 33.50 19.32
C ASP F 538 17.98 34.14 20.30
N ARG F 539 18.07 35.46 20.27
CA ARG F 539 19.01 36.17 21.13
C ARG F 539 18.81 35.89 22.60
N SER F 540 17.58 35.49 22.93
CA SER F 540 17.26 35.21 24.31
C SER F 540 17.99 33.93 24.73
N LYS F 541 18.34 33.09 23.77
CA LYS F 541 19.05 31.86 24.10
C LYS F 541 20.59 32.02 24.12
N ARG F 542 21.11 33.13 23.59
CA ARG F 542 22.58 33.37 23.55
C ARG F 542 23.19 33.73 24.89
N LYS F 543 24.50 33.54 25.00
CA LYS F 543 25.17 33.89 26.24
C LYS F 543 25.20 35.40 26.35
N ARG F 544 25.25 36.11 25.23
CA ARG F 544 25.21 37.57 25.30
C ARG F 544 24.10 38.07 24.39
N PRO F 545 22.84 38.01 24.86
CA PRO F 545 21.68 38.44 24.09
C PRO F 545 21.79 39.81 23.40
N PHE F 546 22.06 40.86 24.16
CA PHE F 546 22.14 42.19 23.57
C PHE F 546 23.34 42.99 24.05
N PRO F 547 24.52 42.65 23.54
CA PRO F 547 25.77 43.31 23.90
C PRO F 547 25.76 44.82 23.92
N GLY F 548 25.29 45.44 22.83
CA GLY F 548 25.27 46.90 22.74
C GLY F 548 24.62 47.62 23.91
N LEU F 549 23.66 46.97 24.56
CA LEU F 549 22.92 47.52 25.69
C LEU F 549 23.78 47.94 26.86
N ALA F 550 24.89 47.26 27.07
CA ALA F 550 25.73 47.58 28.22
C ALA F 550 26.36 48.97 28.13
N TRP F 551 26.29 49.58 26.95
CA TRP F 551 26.86 50.91 26.77
C TRP F 551 25.97 51.85 27.58
N ALA F 552 24.66 51.64 27.45
CA ALA F 552 23.67 52.44 28.14
C ALA F 552 23.88 52.48 29.67
N SER F 553 24.14 51.34 30.28
CA SER F 553 24.34 51.32 31.72
C SER F 553 25.74 51.67 32.15
N MET F 554 26.70 51.66 31.23
CA MET F 554 28.10 51.97 31.55
C MET F 554 28.35 53.09 32.56
N LYS F 555 27.84 54.29 32.24
CA LYS F 555 28.00 55.47 33.09
C LYS F 555 27.50 55.18 34.52
N ASP F 556 26.30 54.62 34.58
CA ASP F 556 25.72 54.26 35.86
C ASP F 556 26.58 53.21 36.62
N THR F 557 27.01 52.15 35.93
CA THR F 557 27.79 51.12 36.57
C THR F 557 29.20 51.54 37.03
N TYR F 558 29.98 52.09 36.11
CA TYR F 558 31.36 52.47 36.43
C TYR F 558 31.70 53.95 36.61
N GLY F 559 30.73 54.81 36.28
CA GLY F 559 30.94 56.26 36.36
C GLY F 559 31.56 56.83 37.62
N ALA F 560 31.18 56.24 38.76
CA ALA F 560 31.68 56.66 40.06
C ALA F 560 33.15 56.33 40.17
N CYS F 561 33.67 55.59 39.22
CA CYS F 561 35.04 55.23 39.27
C CYS F 561 35.89 56.49 39.15
N PRO F 562 36.97 56.58 39.94
CA PRO F 562 37.86 57.74 39.91
C PRO F 562 38.47 58.03 38.53
N ILE F 563 38.95 57.00 37.83
CA ILE F 563 39.57 57.26 36.53
C ILE F 563 38.67 57.01 35.33
N TYR F 564 37.38 56.91 35.57
CA TYR F 564 36.43 56.69 34.49
C TYR F 564 36.79 57.52 33.26
N SER F 565 36.45 58.80 33.28
CA SER F 565 36.77 59.70 32.16
C SER F 565 38.07 59.33 31.43
N ASP F 566 39.15 59.23 32.17
CA ASP F 566 40.46 58.91 31.58
C ASP F 566 40.47 57.65 30.75
N VAL F 567 39.94 56.56 31.33
CA VAL F 567 39.91 55.29 30.62
C VAL F 567 39.08 55.40 29.34
N LEU F 568 37.89 55.97 29.42
CA LEU F 568 37.09 56.08 28.21
C LEU F 568 37.87 56.81 27.12
N GLU F 569 38.63 57.83 27.51
CA GLU F 569 39.44 58.59 26.56
C GLU F 569 40.59 57.71 26.07
N ALA F 570 41.31 57.10 27.00
CA ALA F 570 42.41 56.22 26.65
C ALA F 570 41.93 55.21 25.60
N ILE F 571 40.74 54.64 25.83
CA ILE F 571 40.16 53.67 24.91
C ILE F 571 39.97 54.33 23.57
N GLU F 572 39.06 55.31 23.53
CA GLU F 572 38.74 56.01 22.28
C GLU F 572 39.97 56.28 21.44
N ARG F 573 41.02 56.72 22.14
CA ARG F 573 42.28 57.05 21.51
C ARG F 573 42.95 55.82 20.91
N CYS F 574 43.22 54.84 21.74
CA CYS F 574 43.87 53.60 21.28
C CYS F 574 43.08 52.89 20.21
N TRP F 575 41.77 53.12 20.23
CA TRP F 575 40.89 52.51 19.27
C TRP F 575 41.08 53.25 17.98
N TRP F 576 41.30 54.56 18.08
CA TRP F 576 41.55 55.34 16.87
C TRP F 576 42.85 54.85 16.25
N ASN F 577 43.89 54.75 17.06
CA ASN F 577 45.15 54.27 16.53
C ASN F 577 45.01 52.90 15.89
N ALA F 578 44.15 52.06 16.44
CA ALA F 578 44.00 50.72 15.90
C ALA F 578 42.96 50.52 14.80
N PHE F 579 41.88 51.27 14.81
CA PHE F 579 40.88 51.06 13.80
C PHE F 579 40.60 52.28 12.93
N GLY F 580 41.14 53.43 13.30
CA GLY F 580 40.87 54.61 12.52
C GLY F 580 39.39 54.88 12.57
N GLU F 581 38.78 54.63 13.73
CA GLU F 581 37.35 54.84 13.95
C GLU F 581 37.14 55.25 15.39
N SER F 582 35.97 55.83 15.68
CA SER F 582 35.63 56.25 17.04
C SER F 582 34.96 55.11 17.80
N TYR F 583 35.59 54.65 18.88
CA TYR F 583 34.98 53.58 19.62
C TYR F 583 33.60 54.01 20.16
N ARG F 584 33.50 55.24 20.65
CA ARG F 584 32.22 55.70 21.19
C ARG F 584 31.12 55.52 20.17
N ALA F 585 31.44 55.98 18.97
CA ALA F 585 30.51 55.89 17.86
C ALA F 585 30.11 54.43 17.60
N TYR F 586 31.13 53.57 17.56
CA TYR F 586 30.92 52.14 17.33
C TYR F 586 29.87 51.62 18.31
N ARG F 587 30.08 51.90 19.60
CA ARG F 587 29.16 51.43 20.65
C ARG F 587 27.81 52.10 20.58
N GLU F 588 27.76 53.36 20.12
CA GLU F 588 26.47 54.02 20.02
C GLU F 588 25.67 53.33 18.95
N ASP F 589 26.34 52.86 17.90
CA ASP F 589 25.63 52.16 16.85
C ASP F 589 25.08 50.85 17.39
N MET F 590 25.95 50.06 18.01
CA MET F 590 25.57 48.79 18.58
C MET F 590 24.41 49.02 19.55
N LEU F 591 24.46 50.12 20.30
CA LEU F 591 23.37 50.44 21.21
C LEU F 591 22.05 50.56 20.44
N LYS F 592 22.03 51.41 19.41
CA LYS F 592 20.84 51.61 18.61
C LYS F 592 20.34 50.29 18.01
N ARG F 593 21.23 49.55 17.37
CA ARG F 593 20.83 48.26 16.77
C ARG F 593 20.19 47.37 17.82
N ASP F 594 20.91 47.13 18.90
CA ASP F 594 20.40 46.27 19.95
C ASP F 594 19.10 46.74 20.58
N THR F 595 19.01 48.02 20.90
CA THR F 595 17.80 48.56 21.51
C THR F 595 16.60 48.21 20.62
N LEU F 596 16.79 48.26 19.31
CA LEU F 596 15.70 47.96 18.37
C LEU F 596 15.38 46.49 18.33
N GLU F 597 16.42 45.67 18.35
CA GLU F 597 16.23 44.26 18.31
C GLU F 597 15.50 43.82 19.58
N LEU F 598 15.84 44.46 20.70
CA LEU F 598 15.24 44.14 21.99
C LEU F 598 13.74 44.20 21.96
N SER F 599 13.20 45.32 21.52
CA SER F 599 11.75 45.48 21.45
C SER F 599 11.04 44.29 20.77
N ARG F 600 11.75 43.56 19.91
CA ARG F 600 11.17 42.40 19.25
C ARG F 600 10.90 41.29 20.28
N TYR F 601 11.68 41.30 21.36
CA TYR F 601 11.58 40.30 22.41
C TYR F 601 10.84 40.77 23.65
N VAL F 602 10.56 42.05 23.75
CA VAL F 602 9.83 42.55 24.90
C VAL F 602 8.42 42.92 24.42
N ALA F 603 7.46 42.11 24.84
CA ALA F 603 6.05 42.32 24.48
C ALA F 603 5.62 43.76 24.77
N SER F 604 5.99 44.27 25.95
CA SER F 604 5.65 45.61 26.42
C SER F 604 6.39 46.79 25.81
N MET F 605 7.47 46.53 25.09
CA MET F 605 8.18 47.64 24.48
C MET F 605 7.47 47.90 23.17
N ALA F 606 7.15 49.16 22.92
CA ALA F 606 6.52 49.52 21.66
C ALA F 606 7.57 49.08 20.64
N ARG F 607 7.14 48.74 19.43
CA ARG F 607 8.06 48.29 18.38
C ARG F 607 9.08 49.37 17.94
N GLN F 608 9.63 50.07 18.95
CA GLN F 608 10.64 51.15 18.83
C GLN F 608 10.62 52.06 20.08
N ALA F 609 10.03 51.58 21.17
CA ALA F 609 9.96 52.35 22.41
C ALA F 609 11.36 52.28 23.02
N GLY F 610 11.90 53.45 23.37
CA GLY F 610 13.24 53.52 23.92
C GLY F 610 13.53 52.62 25.10
N LEU F 611 14.72 52.80 25.68
CA LEU F 611 15.16 52.03 26.85
C LEU F 611 14.63 52.72 28.10
N ALA F 612 13.77 53.70 27.89
CA ALA F 612 13.18 54.50 28.95
C ALA F 612 12.95 53.76 30.26
N GLU F 613 12.04 52.80 30.20
CA GLU F 613 11.65 52.03 31.38
C GLU F 613 12.62 50.97 31.94
N LEU F 614 13.87 50.98 31.52
CA LEU F 614 14.79 49.96 32.01
C LEU F 614 15.89 50.48 32.92
N THR F 615 16.12 49.69 33.97
CA THR F 615 17.12 49.99 34.99
C THR F 615 18.48 49.63 34.43
N PRO F 616 19.53 50.08 35.09
CA PRO F 616 20.89 49.78 34.65
C PRO F 616 21.10 48.26 34.75
N ILE F 617 20.55 47.69 35.81
CA ILE F 617 20.66 46.28 36.04
C ILE F 617 20.07 45.55 34.84
N ASP F 618 18.87 45.95 34.45
CA ASP F 618 18.20 45.33 33.30
C ASP F 618 19.15 45.23 32.12
N LEU F 619 19.83 46.33 31.85
CA LEU F 619 20.75 46.35 30.75
C LEU F 619 21.94 45.45 30.94
N GLU F 620 22.66 45.59 32.06
CA GLU F 620 23.83 44.76 32.33
C GLU F 620 23.49 43.27 32.23
N VAL F 621 22.28 42.91 32.67
CA VAL F 621 21.80 41.52 32.65
C VAL F 621 21.50 41.04 31.24
N LEU F 622 20.88 41.90 30.43
CA LEU F 622 20.56 41.57 29.05
C LEU F 622 21.85 41.43 28.22
N ALA F 623 22.87 42.21 28.59
CA ALA F 623 24.15 42.17 27.90
C ALA F 623 24.95 40.97 28.37
N ASP F 624 24.68 40.54 29.61
CA ASP F 624 25.35 39.40 30.22
C ASP F 624 24.46 38.69 31.23
N PRO F 625 23.64 37.74 30.76
CA PRO F 625 22.74 36.98 31.65
C PRO F 625 23.48 36.23 32.77
N ASN F 626 24.79 36.13 32.63
CA ASN F 626 25.59 35.44 33.63
C ASN F 626 25.65 36.19 34.95
N LYS F 627 25.47 37.50 34.89
CA LYS F 627 25.47 38.34 36.09
C LYS F 627 24.30 37.95 36.99
N LEU F 628 23.36 37.20 36.44
CA LEU F 628 22.19 36.77 37.16
C LEU F 628 22.53 35.55 38.05
N GLN F 629 23.62 34.86 37.72
CA GLN F 629 24.03 33.69 38.48
C GLN F 629 25.20 33.98 39.40
N TYR F 630 25.43 35.25 39.71
CA TYR F 630 26.53 35.56 40.61
C TYR F 630 26.50 36.94 41.24
N LYS F 631 25.65 37.83 40.73
CA LYS F 631 25.61 39.20 41.24
C LYS F 631 24.22 39.69 41.65
N TRP F 632 23.21 39.29 40.88
CA TRP F 632 21.85 39.72 41.14
C TRP F 632 20.87 38.57 41.15
N THR F 633 19.63 38.87 41.50
CA THR F 633 18.60 37.86 41.56
C THR F 633 17.34 38.32 40.86
N GLU F 634 16.55 37.35 40.42
CA GLU F 634 15.30 37.59 39.72
C GLU F 634 14.59 38.82 40.25
N ALA F 635 14.68 39.03 41.56
CA ALA F 635 14.03 40.16 42.17
C ALA F 635 14.62 41.51 41.76
N ASP F 636 15.92 41.57 41.51
CA ASP F 636 16.59 42.82 41.14
C ASP F 636 16.37 43.23 39.68
N VAL F 637 15.69 42.36 38.93
CA VAL F 637 15.45 42.60 37.50
C VAL F 637 13.98 42.87 37.17
N SER F 638 13.75 43.86 36.32
CA SER F 638 12.39 44.17 35.91
C SER F 638 11.70 42.90 35.43
N ALA F 639 10.46 42.72 35.84
CA ALA F 639 9.69 41.55 35.50
C ALA F 639 9.65 41.24 34.02
N ASN F 640 9.23 42.22 33.22
CA ASN F 640 9.12 42.02 31.77
C ASN F 640 10.46 41.59 31.11
N ILE F 641 11.59 41.94 31.73
CA ILE F 641 12.91 41.59 31.20
C ILE F 641 13.28 40.19 31.65
N HIS F 642 13.04 39.88 32.93
CA HIS F 642 13.34 38.55 33.43
C HIS F 642 12.63 37.54 32.50
N GLU F 643 11.38 37.79 32.14
CA GLU F 643 10.65 36.89 31.24
C GLU F 643 11.43 36.58 29.95
N VAL F 644 12.21 37.54 29.46
CA VAL F 644 12.97 37.37 28.24
C VAL F 644 13.99 36.22 28.33
N LEU F 645 14.64 36.15 29.49
CA LEU F 645 15.70 35.19 29.78
C LEU F 645 15.27 33.89 30.41
N MET F 646 14.22 33.92 31.21
CA MET F 646 13.74 32.71 31.88
C MET F 646 12.30 32.39 31.52
N HIS F 647 11.91 31.15 31.78
CA HIS F 647 10.56 30.71 31.52
C HIS F 647 10.23 29.79 32.68
N GLY F 648 9.01 29.84 33.19
CA GLY F 648 8.70 28.99 34.33
C GLY F 648 7.65 27.89 34.22
N VAL F 649 7.59 27.09 35.26
CA VAL F 649 6.62 26.03 35.35
C VAL F 649 5.50 26.58 36.21
N SER F 650 4.28 26.06 36.06
CA SER F 650 3.14 26.54 36.83
C SER F 650 3.33 26.53 38.35
N VAL F 651 2.95 27.63 38.99
CA VAL F 651 3.07 27.69 40.45
C VAL F 651 2.26 26.53 41.04
N GLU F 652 1.14 26.21 40.40
CA GLU F 652 0.28 25.13 40.84
C GLU F 652 1.10 23.87 40.93
N LYS F 653 1.67 23.44 39.81
CA LYS F 653 2.48 22.23 39.78
C LYS F 653 3.60 22.28 40.83
N THR F 654 4.31 23.42 40.97
CA THR F 654 5.40 23.50 41.94
C THR F 654 4.87 23.58 43.36
N GLU F 655 3.92 24.48 43.59
CA GLU F 655 3.34 24.64 44.91
C GLU F 655 2.89 23.29 45.46
N ARG F 656 2.25 22.48 44.64
CA ARG F 656 1.81 21.19 45.11
C ARG F 656 3.04 20.35 45.50
N PHE F 657 4.09 20.41 44.70
CA PHE F 657 5.33 19.66 44.95
C PHE F 657 5.95 20.07 46.29
N LEU F 658 6.18 21.36 46.44
CA LEU F 658 6.76 21.92 47.64
C LEU F 658 6.01 21.52 48.89
N ARG F 659 4.69 21.47 48.77
CA ARG F 659 3.84 21.14 49.89
C ARG F 659 4.13 19.74 50.41
N SER F 660 4.63 18.87 49.54
CA SER F 660 4.92 17.50 49.97
C SER F 660 6.38 17.34 50.38
N VAL F 661 7.14 18.41 50.21
CA VAL F 661 8.55 18.42 50.54
C VAL F 661 8.72 19.04 51.89
N MET F 662 8.27 20.27 52.02
CA MET F 662 8.44 20.95 53.28
C MET F 662 7.76 20.26 54.45
N PRO F 663 8.16 20.65 55.66
CA PRO F 663 7.58 20.06 56.86
C PRO F 663 6.24 20.70 57.15
N ARG F 664 6.26 22.03 57.24
CA ARG F 664 5.08 22.88 57.52
C ARG F 664 5.22 24.17 56.68
MN MN G . 0.10 -2.39 9.35
MN MN H . -31.21 -31.30 -49.76
MN MN I . 35.80 40.58 47.98
#